data_8VVA
# 
_entry.id   8VVA 
# 
_audit_conform.dict_name       mmcif_pdbx.dic 
_audit_conform.dict_version    5.397 
_audit_conform.dict_location   http://mmcif.pdb.org/dictionaries/ascii/mmcif_pdbx.dic 
# 
loop_
_database_2.database_id 
_database_2.database_code 
_database_2.pdbx_database_accession 
_database_2.pdbx_DOI 
PDB   8VVA         pdb_00008vva 10.2210/pdb8vva/pdb 
WWPDB D_1000281287 ?            ?                   
# 
loop_
_pdbx_audit_revision_history.ordinal 
_pdbx_audit_revision_history.data_content_type 
_pdbx_audit_revision_history.major_revision 
_pdbx_audit_revision_history.minor_revision 
_pdbx_audit_revision_history.revision_date 
1 'Structure model' 1 0 2024-06-19 
2 'Structure model' 1 1 2024-10-30 
# 
_pdbx_audit_revision_details.ordinal             1 
_pdbx_audit_revision_details.revision_ordinal    1 
_pdbx_audit_revision_details.data_content_type   'Structure model' 
_pdbx_audit_revision_details.provider            repository 
_pdbx_audit_revision_details.type                'Initial release' 
_pdbx_audit_revision_details.description         ? 
_pdbx_audit_revision_details.details             ? 
# 
_pdbx_audit_revision_group.ordinal             1 
_pdbx_audit_revision_group.revision_ordinal    2 
_pdbx_audit_revision_group.data_content_type   'Structure model' 
_pdbx_audit_revision_group.group               'Structure summary' 
# 
loop_
_pdbx_audit_revision_category.ordinal 
_pdbx_audit_revision_category.revision_ordinal 
_pdbx_audit_revision_category.data_content_type 
_pdbx_audit_revision_category.category 
1 2 'Structure model' pdbx_entry_details        
2 2 'Structure model' pdbx_modification_feature 
# 
_pdbx_audit_revision_item.ordinal             1 
_pdbx_audit_revision_item.revision_ordinal    2 
_pdbx_audit_revision_item.data_content_type   'Structure model' 
_pdbx_audit_revision_item.item                '_pdbx_entry_details.has_protein_modification' 
# 
_pdbx_database_status.status_code                     REL 
_pdbx_database_status.status_code_sf                  REL 
_pdbx_database_status.status_code_mr                  ? 
_pdbx_database_status.entry_id                        8VVA 
_pdbx_database_status.recvd_initial_deposition_date   2024-01-30 
_pdbx_database_status.SG_entry                        N 
_pdbx_database_status.deposit_site                    RCSB 
_pdbx_database_status.process_site                    RCSB 
_pdbx_database_status.status_code_cs                  ? 
_pdbx_database_status.status_code_nmr_data            ? 
_pdbx_database_status.methods_development_category    ? 
_pdbx_database_status.pdb_format_compatible           Y 
# 
_pdbx_contact_author.id                 2 
_pdbx_contact_author.email              alexei.savchenko@ucalgary.ca 
_pdbx_contact_author.name_first         Alexei 
_pdbx_contact_author.name_last          Savchenko 
_pdbx_contact_author.name_mi            ? 
_pdbx_contact_author.role               'principal investigator/group leader' 
_pdbx_contact_author.identifier_ORCID   0000-0002-5256-9237 
# 
loop_
_audit_author.name 
_audit_author.pdbx_ordinal 
_audit_author.identifier_ORCID 
'Semper, C.'                                                   1 0000-0003-2025-799X 
'Savchenko, A.'                                                2 0000-0002-5256-9237 
'Watanabe, N.'                                                 3 0000-0002-9866-3982 
'Center for Structural Biology of Infectious Diseases (CSBID)' 4 ?                   
# 
_citation.abstract                  ? 
_citation.abstract_id_CAS           ? 
_citation.book_id_ISBN              ? 
_citation.book_publisher            ? 
_citation.book_publisher_city       ? 
_citation.book_title                ? 
_citation.coordinate_linkage        ? 
_citation.country                   ? 
_citation.database_id_Medline       ? 
_citation.details                   ? 
_citation.id                        primary 
_citation.journal_abbrev            'To Be Published' 
_citation.journal_id_ASTM           ? 
_citation.journal_id_CSD            0353 
_citation.journal_id_ISSN           ? 
_citation.journal_full              ? 
_citation.journal_issue             ? 
_citation.journal_volume            ? 
_citation.language                  ? 
_citation.page_first                ? 
_citation.page_last                 ? 
_citation.title                     
'Structure of DUF1480 domain-containing protein from Klebsiella pneumoniae subsp. pneumoniae SA1' 
_citation.year                      ? 
_citation.database_id_CSD           ? 
_citation.pdbx_database_id_DOI      ? 
_citation.pdbx_database_id_PubMed   ? 
_citation.pdbx_database_id_patent   ? 
_citation.unpublished_flag          ? 
# 
loop_
_citation_author.citation_id 
_citation_author.name 
_citation_author.ordinal 
_citation_author.identifier_ORCID 
primary 'Semper, C.'                                                   1 0000-0003-2025-799X 
primary 'Savchenko, A.'                                                2 0000-0002-5256-9237 
primary 'Watanabe, N.'                                                 3 0000-0002-9866-3982 
primary 'Center for Structural Biology of Infectious Diseases (CSBID)' 4 ?                   
# 
loop_
_entity.id 
_entity.type 
_entity.src_method 
_entity.pdbx_description 
_entity.formula_weight 
_entity.pdbx_number_of_molecules 
_entity.pdbx_ec 
_entity.pdbx_mutation 
_entity.pdbx_fragment 
_entity.details 
1 polymer man 'DUF1480 domain-containing protein, YebV family' 9108.691 2  ? ? ? ? 
2 water   nat water                                            18.015   65 ? ? ? ? 
# 
_entity_poly.entity_id                      1 
_entity_poly.type                           'polypeptide(L)' 
_entity_poly.nstd_linkage                   no 
_entity_poly.nstd_monomer                   yes 
_entity_poly.pdbx_seq_one_letter_code       
;(MSE)SKTNVRIGAFEIDDAELHGEHQGERTLSIPCKSDPDLC(MSE)QLDAWDADTSVPAILNGEHSVLYRKHYDRQSD
AWV(MSE)RLA
;
_entity_poly.pdbx_seq_one_letter_code_can   MSKTNVRIGAFEIDDAELHGEHQGERTLSIPCKSDPDLCMQLDAWDADTSVPAILNGEHSVLYRKHYDRQSDAWVMRLA 
_entity_poly.pdbx_strand_id                 A,B 
_entity_poly.pdbx_target_identifier         ? 
# 
_pdbx_entity_nonpoly.entity_id   2 
_pdbx_entity_nonpoly.name        water 
_pdbx_entity_nonpoly.comp_id     HOH 
# 
loop_
_entity_poly_seq.entity_id 
_entity_poly_seq.num 
_entity_poly_seq.mon_id 
_entity_poly_seq.hetero 
1 1  MSE n 
1 2  SER n 
1 3  LYS n 
1 4  THR n 
1 5  ASN n 
1 6  VAL n 
1 7  ARG n 
1 8  ILE n 
1 9  GLY n 
1 10 ALA n 
1 11 PHE n 
1 12 GLU n 
1 13 ILE n 
1 14 ASP n 
1 15 ASP n 
1 16 ALA n 
1 17 GLU n 
1 18 LEU n 
1 19 HIS n 
1 20 GLY n 
1 21 GLU n 
1 22 HIS n 
1 23 GLN n 
1 24 GLY n 
1 25 GLU n 
1 26 ARG n 
1 27 THR n 
1 28 LEU n 
1 29 SER n 
1 30 ILE n 
1 31 PRO n 
1 32 CYS n 
1 33 LYS n 
1 34 SER n 
1 35 ASP n 
1 36 PRO n 
1 37 ASP n 
1 38 LEU n 
1 39 CYS n 
1 40 MSE n 
1 41 GLN n 
1 42 LEU n 
1 43 ASP n 
1 44 ALA n 
1 45 TRP n 
1 46 ASP n 
1 47 ALA n 
1 48 ASP n 
1 49 THR n 
1 50 SER n 
1 51 VAL n 
1 52 PRO n 
1 53 ALA n 
1 54 ILE n 
1 55 LEU n 
1 56 ASN n 
1 57 GLY n 
1 58 GLU n 
1 59 HIS n 
1 60 SER n 
1 61 VAL n 
1 62 LEU n 
1 63 TYR n 
1 64 ARG n 
1 65 LYS n 
1 66 HIS n 
1 67 TYR n 
1 68 ASP n 
1 69 ARG n 
1 70 GLN n 
1 71 SER n 
1 72 ASP n 
1 73 ALA n 
1 74 TRP n 
1 75 VAL n 
1 76 MSE n 
1 77 ARG n 
1 78 LEU n 
1 79 ALA n 
# 
_entity_src_gen.entity_id                          1 
_entity_src_gen.pdbx_src_id                        1 
_entity_src_gen.pdbx_alt_source_flag               sample 
_entity_src_gen.pdbx_seq_type                      'Biological sequence' 
_entity_src_gen.pdbx_beg_seq_num                   1 
_entity_src_gen.pdbx_end_seq_num                   79 
_entity_src_gen.gene_src_common_name               ? 
_entity_src_gen.gene_src_genus                     ? 
_entity_src_gen.pdbx_gene_src_gene                 BB784_10290 
_entity_src_gen.gene_src_species                   ? 
_entity_src_gen.gene_src_strain                    ? 
_entity_src_gen.gene_src_tissue                    ? 
_entity_src_gen.gene_src_tissue_fraction           ? 
_entity_src_gen.gene_src_details                   ? 
_entity_src_gen.pdbx_gene_src_fragment             ? 
_entity_src_gen.pdbx_gene_src_scientific_name      'Klebsiella pneumoniae' 
_entity_src_gen.pdbx_gene_src_ncbi_taxonomy_id     573 
_entity_src_gen.pdbx_gene_src_variant              ? 
_entity_src_gen.pdbx_gene_src_cell_line            ? 
_entity_src_gen.pdbx_gene_src_atcc                 ? 
_entity_src_gen.pdbx_gene_src_organ                ? 
_entity_src_gen.pdbx_gene_src_organelle            ? 
_entity_src_gen.pdbx_gene_src_cell                 ? 
_entity_src_gen.pdbx_gene_src_cellular_location    ? 
_entity_src_gen.host_org_common_name               ? 
_entity_src_gen.pdbx_host_org_scientific_name      'Escherichia coli' 
_entity_src_gen.pdbx_host_org_ncbi_taxonomy_id     562 
_entity_src_gen.host_org_genus                     ? 
_entity_src_gen.pdbx_host_org_gene                 ? 
_entity_src_gen.pdbx_host_org_organ                ? 
_entity_src_gen.host_org_species                   ? 
_entity_src_gen.pdbx_host_org_tissue               ? 
_entity_src_gen.pdbx_host_org_tissue_fraction      ? 
_entity_src_gen.pdbx_host_org_strain               ? 
_entity_src_gen.pdbx_host_org_variant              ? 
_entity_src_gen.pdbx_host_org_cell_line            ? 
_entity_src_gen.pdbx_host_org_atcc                 ? 
_entity_src_gen.pdbx_host_org_culture_collection   ? 
_entity_src_gen.pdbx_host_org_cell                 ? 
_entity_src_gen.pdbx_host_org_organelle            ? 
_entity_src_gen.pdbx_host_org_cellular_location    ? 
_entity_src_gen.pdbx_host_org_vector_type          ? 
_entity_src_gen.pdbx_host_org_vector               ? 
_entity_src_gen.host_org_details                   ? 
_entity_src_gen.expression_system_id               ? 
_entity_src_gen.plasmid_name                       ? 
_entity_src_gen.plasmid_details                    ? 
_entity_src_gen.pdbx_description                   ? 
# 
loop_
_chem_comp.id 
_chem_comp.type 
_chem_comp.mon_nstd_flag 
_chem_comp.name 
_chem_comp.pdbx_synonyms 
_chem_comp.formula 
_chem_comp.formula_weight 
ALA 'L-peptide linking' y ALANINE          ? 'C3 H7 N O2'     89.093  
ARG 'L-peptide linking' y ARGININE         ? 'C6 H15 N4 O2 1' 175.209 
ASN 'L-peptide linking' y ASPARAGINE       ? 'C4 H8 N2 O3'    132.118 
ASP 'L-peptide linking' y 'ASPARTIC ACID'  ? 'C4 H7 N O4'     133.103 
CYS 'L-peptide linking' y CYSTEINE         ? 'C3 H7 N O2 S'   121.158 
GLN 'L-peptide linking' y GLUTAMINE        ? 'C5 H10 N2 O3'   146.144 
GLU 'L-peptide linking' y 'GLUTAMIC ACID'  ? 'C5 H9 N O4'     147.129 
GLY 'peptide linking'   y GLYCINE          ? 'C2 H5 N O2'     75.067  
HIS 'L-peptide linking' y HISTIDINE        ? 'C6 H10 N3 O2 1' 156.162 
HOH non-polymer         . WATER            ? 'H2 O'           18.015  
ILE 'L-peptide linking' y ISOLEUCINE       ? 'C6 H13 N O2'    131.173 
LEU 'L-peptide linking' y LEUCINE          ? 'C6 H13 N O2'    131.173 
LYS 'L-peptide linking' y LYSINE           ? 'C6 H15 N2 O2 1' 147.195 
MSE 'L-peptide linking' n SELENOMETHIONINE ? 'C5 H11 N O2 Se' 196.106 
PHE 'L-peptide linking' y PHENYLALANINE    ? 'C9 H11 N O2'    165.189 
PRO 'L-peptide linking' y PROLINE          ? 'C5 H9 N O2'     115.130 
SER 'L-peptide linking' y SERINE           ? 'C3 H7 N O3'     105.093 
THR 'L-peptide linking' y THREONINE        ? 'C4 H9 N O3'     119.119 
TRP 'L-peptide linking' y TRYPTOPHAN       ? 'C11 H12 N2 O2'  204.225 
TYR 'L-peptide linking' y TYROSINE         ? 'C9 H11 N O3'    181.189 
VAL 'L-peptide linking' y VALINE           ? 'C5 H11 N O2'    117.146 
# 
loop_
_pdbx_poly_seq_scheme.asym_id 
_pdbx_poly_seq_scheme.entity_id 
_pdbx_poly_seq_scheme.seq_id 
_pdbx_poly_seq_scheme.mon_id 
_pdbx_poly_seq_scheme.ndb_seq_num 
_pdbx_poly_seq_scheme.pdb_seq_num 
_pdbx_poly_seq_scheme.auth_seq_num 
_pdbx_poly_seq_scheme.pdb_mon_id 
_pdbx_poly_seq_scheme.auth_mon_id 
_pdbx_poly_seq_scheme.pdb_strand_id 
_pdbx_poly_seq_scheme.pdb_ins_code 
_pdbx_poly_seq_scheme.hetero 
A 1 1  MSE 1  1  ?  ?   ?   A . n 
A 1 2  SER 2  2  2  SER SER A . n 
A 1 3  LYS 3  3  3  LYS LYS A . n 
A 1 4  THR 4  4  4  THR THR A . n 
A 1 5  ASN 5  5  5  ASN ASN A . n 
A 1 6  VAL 6  6  6  VAL VAL A . n 
A 1 7  ARG 7  7  7  ARG ARG A . n 
A 1 8  ILE 8  8  8  ILE ILE A . n 
A 1 9  GLY 9  9  9  GLY GLY A . n 
A 1 10 ALA 10 10 10 ALA ALA A . n 
A 1 11 PHE 11 11 11 PHE PHE A . n 
A 1 12 GLU 12 12 12 GLU GLU A . n 
A 1 13 ILE 13 13 13 ILE ILE A . n 
A 1 14 ASP 14 14 14 ASP ASP A . n 
A 1 15 ASP 15 15 15 ASP ASP A . n 
A 1 16 ALA 16 16 16 ALA ALA A . n 
A 1 17 GLU 17 17 17 GLU GLU A . n 
A 1 18 LEU 18 18 18 LEU LEU A . n 
A 1 19 HIS 19 19 19 HIS HIS A . n 
A 1 20 GLY 20 20 20 GLY GLY A . n 
A 1 21 GLU 21 21 21 GLU GLU A . n 
A 1 22 HIS 22 22 22 HIS HIS A . n 
A 1 23 GLN 23 23 23 GLN GLN A . n 
A 1 24 GLY 24 24 24 GLY GLY A . n 
A 1 25 GLU 25 25 25 GLU GLU A . n 
A 1 26 ARG 26 26 26 ARG ARG A . n 
A 1 27 THR 27 27 27 THR THR A . n 
A 1 28 LEU 28 28 28 LEU LEU A . n 
A 1 29 SER 29 29 29 SER SER A . n 
A 1 30 ILE 30 30 30 ILE ILE A . n 
A 1 31 PRO 31 31 31 PRO PRO A . n 
A 1 32 CYS 32 32 32 CYS CYS A . n 
A 1 33 LYS 33 33 33 LYS LYS A . n 
A 1 34 SER 34 34 34 SER SER A . n 
A 1 35 ASP 35 35 35 ASP ASP A . n 
A 1 36 PRO 36 36 36 PRO PRO A . n 
A 1 37 ASP 37 37 37 ASP ASP A . n 
A 1 38 LEU 38 38 38 LEU LEU A . n 
A 1 39 CYS 39 39 39 CYS CYS A . n 
A 1 40 MSE 40 40 40 MSE MSE A . n 
A 1 41 GLN 41 41 41 GLN GLN A . n 
A 1 42 LEU 42 42 42 LEU LEU A . n 
A 1 43 ASP 43 43 43 ASP ASP A . n 
A 1 44 ALA 44 44 44 ALA ALA A . n 
A 1 45 TRP 45 45 45 TRP TRP A . n 
A 1 46 ASP 46 46 46 ASP ASP A . n 
A 1 47 ALA 47 47 47 ALA ALA A . n 
A 1 48 ASP 48 48 48 ASP ASP A . n 
A 1 49 THR 49 49 49 THR THR A . n 
A 1 50 SER 50 50 50 SER SER A . n 
A 1 51 VAL 51 51 51 VAL VAL A . n 
A 1 52 PRO 52 52 52 PRO PRO A . n 
A 1 53 ALA 53 53 53 ALA ALA A . n 
A 1 54 ILE 54 54 54 ILE ILE A . n 
A 1 55 LEU 55 55 55 LEU LEU A . n 
A 1 56 ASN 56 56 56 ASN ASN A . n 
A 1 57 GLY 57 57 57 GLY GLY A . n 
A 1 58 GLU 58 58 58 GLU GLU A . n 
A 1 59 HIS 59 59 59 HIS HIS A . n 
A 1 60 SER 60 60 60 SER SER A . n 
A 1 61 VAL 61 61 61 VAL VAL A . n 
A 1 62 LEU 62 62 62 LEU LEU A . n 
A 1 63 TYR 63 63 63 TYR TYR A . n 
A 1 64 ARG 64 64 64 ARG ARG A . n 
A 1 65 LYS 65 65 65 LYS LYS A . n 
A 1 66 HIS 66 66 66 HIS HIS A . n 
A 1 67 TYR 67 67 67 TYR TYR A . n 
A 1 68 ASP 68 68 68 ASP ASP A . n 
A 1 69 ARG 69 69 69 ARG ARG A . n 
A 1 70 GLN 70 70 70 GLN GLN A . n 
A 1 71 SER 71 71 71 SER SER A . n 
A 1 72 ASP 72 72 72 ASP ASP A . n 
A 1 73 ALA 73 73 73 ALA ALA A . n 
A 1 74 TRP 74 74 74 TRP TRP A . n 
A 1 75 VAL 75 75 75 VAL VAL A . n 
A 1 76 MSE 76 76 76 MSE MSE A . n 
A 1 77 ARG 77 77 77 ARG ARG A . n 
A 1 78 LEU 78 78 78 LEU LEU A . n 
A 1 79 ALA 79 79 79 ALA ALA A . n 
B 1 1  MSE 1  1  ?  ?   ?   B . n 
B 1 2  SER 2  2  ?  ?   ?   B . n 
B 1 3  LYS 3  3  ?  ?   ?   B . n 
B 1 4  THR 4  4  4  THR THR B . n 
B 1 5  ASN 5  5  5  ASN ASN B . n 
B 1 6  VAL 6  6  6  VAL VAL B . n 
B 1 7  ARG 7  7  7  ARG ARG B . n 
B 1 8  ILE 8  8  8  ILE ILE B . n 
B 1 9  GLY 9  9  9  GLY GLY B . n 
B 1 10 ALA 10 10 10 ALA ALA B . n 
B 1 11 PHE 11 11 11 PHE PHE B . n 
B 1 12 GLU 12 12 12 GLU GLU B . n 
B 1 13 ILE 13 13 13 ILE ILE B . n 
B 1 14 ASP 14 14 14 ASP ASP B . n 
B 1 15 ASP 15 15 15 ASP ASP B . n 
B 1 16 ALA 16 16 16 ALA ALA B . n 
B 1 17 GLU 17 17 17 GLU GLU B . n 
B 1 18 LEU 18 18 18 LEU LEU B . n 
B 1 19 HIS 19 19 19 HIS HIS B . n 
B 1 20 GLY 20 20 20 GLY GLY B . n 
B 1 21 GLU 21 21 21 GLU GLU B . n 
B 1 22 HIS 22 22 22 HIS HIS B . n 
B 1 23 GLN 23 23 23 GLN GLN B . n 
B 1 24 GLY 24 24 24 GLY GLY B . n 
B 1 25 GLU 25 25 25 GLU GLU B . n 
B 1 26 ARG 26 26 26 ARG ARG B . n 
B 1 27 THR 27 27 27 THR THR B . n 
B 1 28 LEU 28 28 28 LEU LEU B . n 
B 1 29 SER 29 29 29 SER SER B . n 
B 1 30 ILE 30 30 30 ILE ILE B . n 
B 1 31 PRO 31 31 31 PRO PRO B . n 
B 1 32 CYS 32 32 32 CYS CYS B . n 
B 1 33 LYS 33 33 33 LYS LYS B . n 
B 1 34 SER 34 34 34 SER SER B . n 
B 1 35 ASP 35 35 35 ASP ASP B . n 
B 1 36 PRO 36 36 36 PRO PRO B . n 
B 1 37 ASP 37 37 37 ASP ASP B . n 
B 1 38 LEU 38 38 38 LEU LEU B . n 
B 1 39 CYS 39 39 39 CYS CYS B . n 
B 1 40 MSE 40 40 40 MSE MSE B . n 
B 1 41 GLN 41 41 41 GLN GLN B . n 
B 1 42 LEU 42 42 42 LEU LEU B . n 
B 1 43 ASP 43 43 43 ASP ASP B . n 
B 1 44 ALA 44 44 44 ALA ALA B . n 
B 1 45 TRP 45 45 45 TRP TRP B . n 
B 1 46 ASP 46 46 46 ASP ASP B . n 
B 1 47 ALA 47 47 47 ALA ALA B . n 
B 1 48 ASP 48 48 48 ASP ASP B . n 
B 1 49 THR 49 49 49 THR THR B . n 
B 1 50 SER 50 50 50 SER SER B . n 
B 1 51 VAL 51 51 51 VAL VAL B . n 
B 1 52 PRO 52 52 52 PRO PRO B . n 
B 1 53 ALA 53 53 53 ALA ALA B . n 
B 1 54 ILE 54 54 54 ILE ILE B . n 
B 1 55 LEU 55 55 55 LEU LEU B . n 
B 1 56 ASN 56 56 56 ASN ASN B . n 
B 1 57 GLY 57 57 57 GLY GLY B . n 
B 1 58 GLU 58 58 58 GLU GLU B . n 
B 1 59 HIS 59 59 59 HIS HIS B . n 
B 1 60 SER 60 60 60 SER SER B . n 
B 1 61 VAL 61 61 61 VAL VAL B . n 
B 1 62 LEU 62 62 62 LEU LEU B . n 
B 1 63 TYR 63 63 63 TYR TYR B . n 
B 1 64 ARG 64 64 64 ARG ARG B . n 
B 1 65 LYS 65 65 65 LYS LYS B . n 
B 1 66 HIS 66 66 66 HIS HIS B . n 
B 1 67 TYR 67 67 67 TYR TYR B . n 
B 1 68 ASP 68 68 68 ASP ASP B . n 
B 1 69 ARG 69 69 69 ARG ARG B . n 
B 1 70 GLN 70 70 70 GLN GLN B . n 
B 1 71 SER 71 71 71 SER SER B . n 
B 1 72 ASP 72 72 72 ASP ASP B . n 
B 1 73 ALA 73 73 73 ALA ALA B . n 
B 1 74 TRP 74 74 74 TRP TRP B . n 
B 1 75 VAL 75 75 75 VAL VAL B . n 
B 1 76 MSE 76 76 76 MSE MSE B . n 
B 1 77 ARG 77 77 77 ARG ARG B . n 
B 1 78 LEU 78 78 78 LEU LEU B . n 
B 1 79 ALA 79 79 79 ALA ALA B . n 
# 
loop_
_pdbx_nonpoly_scheme.asym_id 
_pdbx_nonpoly_scheme.entity_id 
_pdbx_nonpoly_scheme.mon_id 
_pdbx_nonpoly_scheme.ndb_seq_num 
_pdbx_nonpoly_scheme.pdb_seq_num 
_pdbx_nonpoly_scheme.auth_seq_num 
_pdbx_nonpoly_scheme.pdb_mon_id 
_pdbx_nonpoly_scheme.auth_mon_id 
_pdbx_nonpoly_scheme.pdb_strand_id 
_pdbx_nonpoly_scheme.pdb_ins_code 
C 2 HOH 1  101 56 HOH HOH A . 
C 2 HOH 2  102 12 HOH HOH A . 
C 2 HOH 3  103 63 HOH HOH A . 
C 2 HOH 4  104 53 HOH HOH A . 
C 2 HOH 5  105 35 HOH HOH A . 
C 2 HOH 6  106 13 HOH HOH A . 
C 2 HOH 7  107 17 HOH HOH A . 
C 2 HOH 8  108 18 HOH HOH A . 
C 2 HOH 9  109 57 HOH HOH A . 
C 2 HOH 10 110 20 HOH HOH A . 
C 2 HOH 11 111 37 HOH HOH A . 
C 2 HOH 12 112 29 HOH HOH A . 
C 2 HOH 13 113 34 HOH HOH A . 
C 2 HOH 14 114 27 HOH HOH A . 
C 2 HOH 15 115 33 HOH HOH A . 
C 2 HOH 16 116 58 HOH HOH A . 
C 2 HOH 17 117 3  HOH HOH A . 
C 2 HOH 18 118 5  HOH HOH A . 
C 2 HOH 19 119 7  HOH HOH A . 
C 2 HOH 20 120 44 HOH HOH A . 
C 2 HOH 21 121 62 HOH HOH A . 
C 2 HOH 22 122 10 HOH HOH A . 
C 2 HOH 23 123 47 HOH HOH A . 
C 2 HOH 24 124 15 HOH HOH A . 
C 2 HOH 25 125 30 HOH HOH A . 
C 2 HOH 26 126 36 HOH HOH A . 
C 2 HOH 27 127 43 HOH HOH A . 
C 2 HOH 28 128 6  HOH HOH A . 
C 2 HOH 29 129 14 HOH HOH A . 
C 2 HOH 30 130 24 HOH HOH A . 
C 2 HOH 31 131 60 HOH HOH A . 
C 2 HOH 32 132 61 HOH HOH A . 
C 2 HOH 33 133 26 HOH HOH A . 
C 2 HOH 34 134 41 HOH HOH A . 
C 2 HOH 35 135 51 HOH HOH A . 
C 2 HOH 36 136 46 HOH HOH A . 
C 2 HOH 37 137 64 HOH HOH A . 
C 2 HOH 38 138 42 HOH HOH A . 
C 2 HOH 39 139 31 HOH HOH A . 
C 2 HOH 40 140 52 HOH HOH A . 
C 2 HOH 41 141 38 HOH HOH A . 
C 2 HOH 42 142 28 HOH HOH A . 
D 2 HOH 1  101 45 HOH HOH B . 
D 2 HOH 2  102 40 HOH HOH B . 
D 2 HOH 3  103 39 HOH HOH B . 
D 2 HOH 4  104 54 HOH HOH B . 
D 2 HOH 5  105 49 HOH HOH B . 
D 2 HOH 6  106 48 HOH HOH B . 
D 2 HOH 7  107 4  HOH HOH B . 
D 2 HOH 8  108 8  HOH HOH B . 
D 2 HOH 9  109 21 HOH HOH B . 
D 2 HOH 10 110 25 HOH HOH B . 
D 2 HOH 11 111 1  HOH HOH B . 
D 2 HOH 12 112 22 HOH HOH B . 
D 2 HOH 13 113 11 HOH HOH B . 
D 2 HOH 14 114 23 HOH HOH B . 
D 2 HOH 15 115 19 HOH HOH B . 
D 2 HOH 16 116 32 HOH HOH B . 
D 2 HOH 17 117 16 HOH HOH B . 
D 2 HOH 18 118 2  HOH HOH B . 
D 2 HOH 19 119 9  HOH HOH B . 
D 2 HOH 20 120 50 HOH HOH B . 
D 2 HOH 21 121 59 HOH HOH B . 
D 2 HOH 22 122 55 HOH HOH B . 
D 2 HOH 23 123 65 HOH HOH B . 
# 
loop_
_software.citation_id 
_software.classification 
_software.compiler_name 
_software.compiler_version 
_software.contact_author 
_software.contact_author_email 
_software.date 
_software.description 
_software.dependencies 
_software.hardware 
_software.language 
_software.location 
_software.mods 
_software.name 
_software.os 
_software.os_version 
_software.type 
_software.version 
_software.pdbx_ordinal 
? refinement       ? ? ? ? ? ? ? ? ? ? ? PHENIX   ? ? ? 1.13_2998 1 
? 'data reduction' ? ? ? ? ? ? ? ? ? ? ? HKL-3000 ? ? ? .         2 
? 'data scaling'   ? ? ? ? ? ? ? ? ? ? ? HKL-3000 ? ? ? .         3 
? phasing          ? ? ? ? ? ? ? ? ? ? ? PHENIX   ? ? ? .         4 
# 
_cell.angle_alpha                  90.000 
_cell.angle_alpha_esd              ? 
_cell.angle_beta                   90.000 
_cell.angle_beta_esd               ? 
_cell.angle_gamma                  90.000 
_cell.angle_gamma_esd              ? 
_cell.entry_id                     8VVA 
_cell.details                      ? 
_cell.formula_units_Z              ? 
_cell.length_a                     78.591 
_cell.length_a_esd                 ? 
_cell.length_b                     78.591 
_cell.length_b_esd                 ? 
_cell.length_c                     62.492 
_cell.length_c_esd                 ? 
_cell.volume                       385984.668 
_cell.volume_esd                   ? 
_cell.Z_PDB                        16 
_cell.reciprocal_angle_alpha       ? 
_cell.reciprocal_angle_beta        ? 
_cell.reciprocal_angle_gamma       ? 
_cell.reciprocal_angle_alpha_esd   ? 
_cell.reciprocal_angle_beta_esd    ? 
_cell.reciprocal_angle_gamma_esd   ? 
_cell.reciprocal_length_a          ? 
_cell.reciprocal_length_b          ? 
_cell.reciprocal_length_c          ? 
_cell.reciprocal_length_a_esd      ? 
_cell.reciprocal_length_b_esd      ? 
_cell.reciprocal_length_c_esd      ? 
_cell.pdbx_unique_axis             ? 
_cell.pdbx_esd_method              ? 
# 
_symmetry.entry_id                         8VVA 
_symmetry.cell_setting                     ? 
_symmetry.Int_Tables_number                92 
_symmetry.space_group_name_Hall            'P 4abw 2nw' 
_symmetry.space_group_name_H-M             'P 41 21 2' 
_symmetry.pdbx_full_space_group_name_H-M   ? 
# 
_exptl.absorpt_coefficient_mu     ? 
_exptl.absorpt_correction_T_max   ? 
_exptl.absorpt_correction_T_min   ? 
_exptl.absorpt_correction_type    ? 
_exptl.absorpt_process_details    ? 
_exptl.entry_id                   8VVA 
_exptl.crystals_number            1 
_exptl.details                    ? 
_exptl.method                     'X-RAY DIFFRACTION' 
_exptl.method_details             ? 
# 
_exptl_crystal.colour                       ? 
_exptl_crystal.density_diffrn               ? 
_exptl_crystal.density_Matthews             2.69 
_exptl_crystal.density_method               ? 
_exptl_crystal.density_percent_sol          54.28 
_exptl_crystal.description                  ? 
_exptl_crystal.F_000                        ? 
_exptl_crystal.id                           1 
_exptl_crystal.preparation                  ? 
_exptl_crystal.size_max                     ? 
_exptl_crystal.size_mid                     ? 
_exptl_crystal.size_min                     ? 
_exptl_crystal.size_rad                     ? 
_exptl_crystal.colour_lustre                ? 
_exptl_crystal.colour_modifier              ? 
_exptl_crystal.colour_primary               ? 
_exptl_crystal.density_meas                 ? 
_exptl_crystal.density_meas_esd             ? 
_exptl_crystal.density_meas_gt              ? 
_exptl_crystal.density_meas_lt              ? 
_exptl_crystal.density_meas_temp            ? 
_exptl_crystal.density_meas_temp_esd        ? 
_exptl_crystal.density_meas_temp_gt         ? 
_exptl_crystal.density_meas_temp_lt         ? 
_exptl_crystal.pdbx_crystal_image_url       ? 
_exptl_crystal.pdbx_crystal_image_format    ? 
_exptl_crystal.pdbx_mosaicity               ? 
_exptl_crystal.pdbx_mosaicity_esd           ? 
_exptl_crystal.pdbx_mosaic_method           ? 
_exptl_crystal.pdbx_mosaic_block_size       ? 
_exptl_crystal.pdbx_mosaic_block_size_esd   ? 
# 
_exptl_crystal_grow.apparatus       ? 
_exptl_crystal_grow.atmosphere      ? 
_exptl_crystal_grow.crystal_id      1 
_exptl_crystal_grow.details         ? 
_exptl_crystal_grow.method          'VAPOR DIFFUSION, SITTING DROP' 
_exptl_crystal_grow.method_ref      ? 
_exptl_crystal_grow.pH              ? 
_exptl_crystal_grow.pressure        ? 
_exptl_crystal_grow.pressure_esd    ? 
_exptl_crystal_grow.seeding         ? 
_exptl_crystal_grow.seeding_ref     ? 
_exptl_crystal_grow.temp_details    ? 
_exptl_crystal_grow.temp_esd        ? 
_exptl_crystal_grow.time            ? 
_exptl_crystal_grow.pdbx_details    '25% PEG 3350/0.1M citric acid pH 3.5' 
_exptl_crystal_grow.pdbx_pH_range   ? 
_exptl_crystal_grow.temp            298 
# 
_diffrn.ambient_environment              ? 
_diffrn.ambient_temp                     100 
_diffrn.ambient_temp_details             ? 
_diffrn.ambient_temp_esd                 ? 
_diffrn.crystal_id                       1 
_diffrn.crystal_support                  ? 
_diffrn.crystal_treatment                ? 
_diffrn.details                          ? 
_diffrn.id                               1 
_diffrn.ambient_pressure                 ? 
_diffrn.ambient_pressure_esd             ? 
_diffrn.ambient_pressure_gt              ? 
_diffrn.ambient_pressure_lt              ? 
_diffrn.ambient_temp_gt                  ? 
_diffrn.ambient_temp_lt                  ? 
_diffrn.pdbx_serial_crystal_experiment   N 
# 
_diffrn_detector.details                      ? 
_diffrn_detector.detector                     PIXEL 
_diffrn_detector.diffrn_id                    1 
_diffrn_detector.type                         'DECTRIS PILATUS 6M' 
_diffrn_detector.area_resol_mean              ? 
_diffrn_detector.dtime                        ? 
_diffrn_detector.pdbx_frames_total            ? 
_diffrn_detector.pdbx_collection_time_total   ? 
_diffrn_detector.pdbx_collection_date         2018-08-28 
_diffrn_detector.pdbx_frequency               ? 
_diffrn_detector.id                           ? 
_diffrn_detector.number_of_axes               ? 
# 
_diffrn_radiation.collimation                      ? 
_diffrn_radiation.diffrn_id                        1 
_diffrn_radiation.filter_edge                      ? 
_diffrn_radiation.inhomogeneity                    ? 
_diffrn_radiation.monochromator                    ? 
_diffrn_radiation.polarisn_norm                    ? 
_diffrn_radiation.polarisn_ratio                   ? 
_diffrn_radiation.probe                            ? 
_diffrn_radiation.type                             ? 
_diffrn_radiation.xray_symbol                      ? 
_diffrn_radiation.wavelength_id                    1 
_diffrn_radiation.pdbx_monochromatic_or_laue_m_l   M 
_diffrn_radiation.pdbx_wavelength_list             ? 
_diffrn_radiation.pdbx_wavelength                  ? 
_diffrn_radiation.pdbx_diffrn_protocol             'SINGLE WAVELENGTH' 
_diffrn_radiation.pdbx_analyzer                    ? 
_diffrn_radiation.pdbx_scattering_type             x-ray 
# 
_diffrn_radiation_wavelength.id           1 
_diffrn_radiation_wavelength.wavelength   0.9792 
_diffrn_radiation_wavelength.wt           1.0 
# 
_diffrn_source.current                     ? 
_diffrn_source.details                     ? 
_diffrn_source.diffrn_id                   1 
_diffrn_source.power                       ? 
_diffrn_source.size                        ? 
_diffrn_source.source                      SYNCHROTRON 
_diffrn_source.target                      ? 
_diffrn_source.type                        'APS BEAMLINE 19-ID' 
_diffrn_source.voltage                     ? 
_diffrn_source.take-off_angle              ? 
_diffrn_source.pdbx_wavelength_list        0.9792 
_diffrn_source.pdbx_wavelength             ? 
_diffrn_source.pdbx_synchrotron_beamline   19-ID 
_diffrn_source.pdbx_synchrotron_site       APS 
# 
_reflns.B_iso_Wilson_estimate                          27.28 
_reflns.entry_id                                       8VVA 
_reflns.data_reduction_details                         ? 
_reflns.data_reduction_method                          ? 
_reflns.d_resolution_high                              1.75 
_reflns.d_resolution_low                               50.00 
_reflns.details                                        ? 
_reflns.limit_h_max                                    ? 
_reflns.limit_h_min                                    ? 
_reflns.limit_k_max                                    ? 
_reflns.limit_k_min                                    ? 
_reflns.limit_l_max                                    ? 
_reflns.limit_l_min                                    ? 
_reflns.number_all                                     ? 
_reflns.number_obs                                     20271 
_reflns.observed_criterion                             ? 
_reflns.observed_criterion_F_max                       ? 
_reflns.observed_criterion_F_min                       ? 
_reflns.observed_criterion_I_max                       ? 
_reflns.observed_criterion_I_min                       ? 
_reflns.observed_criterion_sigma_F                     ? 
_reflns.observed_criterion_sigma_I                     ? 
_reflns.percent_possible_obs                           99.7 
_reflns.R_free_details                                 ? 
_reflns.Rmerge_F_all                                   ? 
_reflns.Rmerge_F_obs                                   ? 
_reflns.Friedel_coverage                               ? 
_reflns.number_gt                                      ? 
_reflns.threshold_expression                           ? 
_reflns.pdbx_redundancy                                11.1 
_reflns.pdbx_netI_over_av_sigmaI                       ? 
_reflns.pdbx_netI_over_sigmaI                          14.1 
_reflns.pdbx_res_netI_over_av_sigmaI_2                 ? 
_reflns.pdbx_res_netI_over_sigmaI_2                    ? 
_reflns.pdbx_chi_squared                               ? 
_reflns.pdbx_scaling_rejects                           ? 
_reflns.pdbx_d_res_high_opt                            ? 
_reflns.pdbx_d_res_low_opt                             ? 
_reflns.pdbx_d_res_opt_method                          ? 
_reflns.phase_calculation_details                      ? 
_reflns.pdbx_Rrim_I_all                                ? 
_reflns.pdbx_Rpim_I_all                                ? 
_reflns.pdbx_d_opt                                     ? 
_reflns.pdbx_number_measured_all                       ? 
_reflns.pdbx_diffrn_id                                 1 
_reflns.pdbx_ordinal                                   1 
_reflns.pdbx_CC_half                                   0.971 
_reflns.pdbx_CC_star                                   ? 
_reflns.pdbx_R_split                                   ? 
_reflns.pdbx_Rmerge_I_obs                              ? 
_reflns.pdbx_Rmerge_I_all                              ? 
_reflns.pdbx_Rsym_value                                ? 
_reflns.pdbx_CC_split_method                           ? 
_reflns.pdbx_aniso_diffraction_limit_axis_1_ortho[1]   ? 
_reflns.pdbx_aniso_diffraction_limit_axis_1_ortho[2]   ? 
_reflns.pdbx_aniso_diffraction_limit_axis_1_ortho[3]   ? 
_reflns.pdbx_aniso_diffraction_limit_axis_2_ortho[1]   ? 
_reflns.pdbx_aniso_diffraction_limit_axis_2_ortho[2]   ? 
_reflns.pdbx_aniso_diffraction_limit_axis_2_ortho[3]   ? 
_reflns.pdbx_aniso_diffraction_limit_axis_3_ortho[1]   ? 
_reflns.pdbx_aniso_diffraction_limit_axis_3_ortho[2]   ? 
_reflns.pdbx_aniso_diffraction_limit_axis_3_ortho[3]   ? 
_reflns.pdbx_aniso_diffraction_limit_1                 ? 
_reflns.pdbx_aniso_diffraction_limit_2                 ? 
_reflns.pdbx_aniso_diffraction_limit_3                 ? 
_reflns.pdbx_aniso_B_tensor_eigenvector_1_ortho[1]     ? 
_reflns.pdbx_aniso_B_tensor_eigenvector_1_ortho[2]     ? 
_reflns.pdbx_aniso_B_tensor_eigenvector_1_ortho[3]     ? 
_reflns.pdbx_aniso_B_tensor_eigenvector_2_ortho[1]     ? 
_reflns.pdbx_aniso_B_tensor_eigenvector_2_ortho[2]     ? 
_reflns.pdbx_aniso_B_tensor_eigenvector_2_ortho[3]     ? 
_reflns.pdbx_aniso_B_tensor_eigenvector_3_ortho[1]     ? 
_reflns.pdbx_aniso_B_tensor_eigenvector_3_ortho[2]     ? 
_reflns.pdbx_aniso_B_tensor_eigenvector_3_ortho[3]     ? 
_reflns.pdbx_aniso_B_tensor_eigenvalue_1               ? 
_reflns.pdbx_aniso_B_tensor_eigenvalue_2               ? 
_reflns.pdbx_aniso_B_tensor_eigenvalue_3               ? 
_reflns.pdbx_orthogonalization_convention              ? 
_reflns.pdbx_percent_possible_ellipsoidal              ? 
_reflns.pdbx_percent_possible_spherical                ? 
_reflns.pdbx_percent_possible_ellipsoidal_anomalous    ? 
_reflns.pdbx_percent_possible_spherical_anomalous      ? 
_reflns.pdbx_redundancy_anomalous                      ? 
_reflns.pdbx_CC_half_anomalous                         ? 
_reflns.pdbx_absDiff_over_sigma_anomalous              ? 
_reflns.pdbx_percent_possible_anomalous                ? 
_reflns.pdbx_observed_signal_threshold                 ? 
_reflns.pdbx_signal_type                               ? 
_reflns.pdbx_signal_details                            ? 
_reflns.pdbx_signal_software_id                        ? 
# 
_reflns_shell.d_res_high                                    1.75 
_reflns_shell.d_res_low                                     1.78 
_reflns_shell.meanI_over_sigI_all                           ? 
_reflns_shell.meanI_over_sigI_obs                           ? 
_reflns_shell.number_measured_all                           ? 
_reflns_shell.number_measured_obs                           ? 
_reflns_shell.number_possible                               ? 
_reflns_shell.number_unique_all                             ? 
_reflns_shell.number_unique_obs                             20271 
_reflns_shell.percent_possible_obs                          ? 
_reflns_shell.Rmerge_F_all                                  ? 
_reflns_shell.Rmerge_F_obs                                  ? 
_reflns_shell.meanI_over_sigI_gt                            ? 
_reflns_shell.meanI_over_uI_all                             ? 
_reflns_shell.meanI_over_uI_gt                              ? 
_reflns_shell.number_measured_gt                            ? 
_reflns_shell.number_unique_gt                              ? 
_reflns_shell.percent_possible_gt                           ? 
_reflns_shell.Rmerge_F_gt                                   ? 
_reflns_shell.Rmerge_I_gt                                   ? 
_reflns_shell.pdbx_redundancy                               ? 
_reflns_shell.pdbx_chi_squared                              ? 
_reflns_shell.pdbx_netI_over_sigmaI_all                     ? 
_reflns_shell.pdbx_netI_over_sigmaI_obs                     ? 
_reflns_shell.pdbx_Rrim_I_all                               ? 
_reflns_shell.pdbx_Rpim_I_all                               ? 
_reflns_shell.pdbx_rejects                                  ? 
_reflns_shell.pdbx_ordinal                                  1 
_reflns_shell.pdbx_diffrn_id                                1 
_reflns_shell.pdbx_CC_half                                  0.32 
_reflns_shell.pdbx_CC_star                                  ? 
_reflns_shell.pdbx_R_split                                  ? 
_reflns_shell.percent_possible_all                          ? 
_reflns_shell.Rmerge_I_all                                  ? 
_reflns_shell.Rmerge_I_obs                                  ? 
_reflns_shell.pdbx_Rsym_value                               ? 
_reflns_shell.pdbx_percent_possible_ellipsoidal             ? 
_reflns_shell.pdbx_percent_possible_spherical               ? 
_reflns_shell.pdbx_percent_possible_ellipsoidal_anomalous   ? 
_reflns_shell.pdbx_percent_possible_spherical_anomalous     ? 
_reflns_shell.pdbx_redundancy_anomalous                     ? 
_reflns_shell.pdbx_CC_half_anomalous                        ? 
_reflns_shell.pdbx_absDiff_over_sigma_anomalous             ? 
_reflns_shell.pdbx_percent_possible_anomalous               ? 
# 
_refine.aniso_B[1][1]                            ? 
_refine.aniso_B[1][2]                            ? 
_refine.aniso_B[1][3]                            ? 
_refine.aniso_B[2][2]                            ? 
_refine.aniso_B[2][3]                            ? 
_refine.aniso_B[3][3]                            ? 
_refine.B_iso_max                                ? 
_refine.B_iso_mean                               31.84 
_refine.B_iso_min                                ? 
_refine.correlation_coeff_Fo_to_Fc               ? 
_refine.correlation_coeff_Fo_to_Fc_free          ? 
_refine.details                                  ? 
_refine.diff_density_max                         ? 
_refine.diff_density_max_esd                     ? 
_refine.diff_density_min                         ? 
_refine.diff_density_min_esd                     ? 
_refine.diff_density_rms                         ? 
_refine.diff_density_rms_esd                     ? 
_refine.entry_id                                 8VVA 
_refine.pdbx_refine_id                           'X-RAY DIFFRACTION' 
_refine.ls_abs_structure_details                 ? 
_refine.ls_abs_structure_Flack                   ? 
_refine.ls_abs_structure_Flack_esd               ? 
_refine.ls_abs_structure_Rogers                  ? 
_refine.ls_abs_structure_Rogers_esd              ? 
_refine.ls_d_res_high                            1.75 
_refine.ls_d_res_low                             41.53 
_refine.ls_extinction_coef                       ? 
_refine.ls_extinction_coef_esd                   ? 
_refine.ls_extinction_expression                 ? 
_refine.ls_extinction_method                     ? 
_refine.ls_goodness_of_fit_all                   ? 
_refine.ls_goodness_of_fit_all_esd               ? 
_refine.ls_goodness_of_fit_obs                   ? 
_refine.ls_goodness_of_fit_obs_esd               ? 
_refine.ls_hydrogen_treatment                    ? 
_refine.ls_matrix_type                           ? 
_refine.ls_number_constraints                    ? 
_refine.ls_number_parameters                     ? 
_refine.ls_number_reflns_all                     ? 
_refine.ls_number_reflns_obs                     20208 
_refine.ls_number_reflns_R_free                  1989 
_refine.ls_number_reflns_R_work                  18219 
_refine.ls_number_restraints                     ? 
_refine.ls_percent_reflns_obs                    99.42 
_refine.ls_percent_reflns_R_free                 9.84 
_refine.ls_R_factor_all                          ? 
_refine.ls_R_factor_obs                          0.2082 
_refine.ls_R_factor_R_free                       0.2391 
_refine.ls_R_factor_R_free_error                 ? 
_refine.ls_R_factor_R_free_error_details         ? 
_refine.ls_R_factor_R_work                       0.2049 
_refine.ls_R_Fsqd_factor_obs                     ? 
_refine.ls_R_I_factor_obs                        ? 
_refine.ls_redundancy_reflns_all                 ? 
_refine.ls_redundancy_reflns_obs                 ? 
_refine.ls_restrained_S_all                      ? 
_refine.ls_restrained_S_obs                      ? 
_refine.ls_shift_over_esd_max                    ? 
_refine.ls_shift_over_esd_mean                   ? 
_refine.ls_structure_factor_coef                 ? 
_refine.ls_weighting_details                     ? 
_refine.ls_weighting_scheme                      ? 
_refine.ls_wR_factor_all                         ? 
_refine.ls_wR_factor_obs                         ? 
_refine.ls_wR_factor_R_free                      ? 
_refine.ls_wR_factor_R_work                      ? 
_refine.occupancy_max                            ? 
_refine.occupancy_min                            ? 
_refine.solvent_model_details                    'FLAT BULK SOLVENT MODEL' 
_refine.solvent_model_param_bsol                 ? 
_refine.solvent_model_param_ksol                 ? 
_refine.pdbx_R_complete                          ? 
_refine.ls_R_factor_gt                           ? 
_refine.ls_goodness_of_fit_gt                    ? 
_refine.ls_goodness_of_fit_ref                   ? 
_refine.ls_shift_over_su_max                     ? 
_refine.ls_shift_over_su_max_lt                  ? 
_refine.ls_shift_over_su_mean                    ? 
_refine.ls_shift_over_su_mean_lt                 ? 
_refine.pdbx_ls_sigma_I                          ? 
_refine.pdbx_ls_sigma_F                          1.34 
_refine.pdbx_ls_sigma_Fsqd                       ? 
_refine.pdbx_data_cutoff_high_absF               ? 
_refine.pdbx_data_cutoff_high_rms_absF           ? 
_refine.pdbx_data_cutoff_low_absF                ? 
_refine.pdbx_isotropic_thermal_model             ? 
_refine.pdbx_ls_cross_valid_method               'FREE R-VALUE' 
_refine.pdbx_method_to_determine_struct          SAD 
_refine.pdbx_starting_model                      ? 
_refine.pdbx_stereochemistry_target_values       'GeoStd + Monomer Library' 
_refine.pdbx_R_Free_selection_details            ? 
_refine.pdbx_stereochem_target_val_spec_case     ? 
_refine.pdbx_overall_ESU_R                       ? 
_refine.pdbx_overall_ESU_R_Free                  ? 
_refine.pdbx_solvent_vdw_probe_radii             1.1100 
_refine.pdbx_solvent_ion_probe_radii             ? 
_refine.pdbx_solvent_shrinkage_radii             0.9000 
_refine.pdbx_real_space_R                        ? 
_refine.pdbx_density_correlation                 ? 
_refine.pdbx_pd_number_of_powder_patterns        ? 
_refine.pdbx_pd_number_of_points                 ? 
_refine.pdbx_pd_meas_number_of_points            ? 
_refine.pdbx_pd_proc_ls_prof_R_factor            ? 
_refine.pdbx_pd_proc_ls_prof_wR_factor           ? 
_refine.pdbx_pd_Marquardt_correlation_coeff      ? 
_refine.pdbx_pd_Fsqrd_R_factor                   ? 
_refine.pdbx_pd_ls_matrix_band_width             ? 
_refine.pdbx_overall_phase_error                 22.4313 
_refine.pdbx_overall_SU_R_free_Cruickshank_DPI   ? 
_refine.pdbx_overall_SU_R_free_Blow_DPI          ? 
_refine.pdbx_overall_SU_R_Blow_DPI               ? 
_refine.pdbx_TLS_residual_ADP_flag               ? 
_refine.pdbx_diffrn_id                           1 
_refine.overall_SU_B                             ? 
_refine.overall_SU_ML                            0.2062 
_refine.overall_SU_R_Cruickshank_DPI             ? 
_refine.overall_SU_R_free                        ? 
_refine.overall_FOM_free_R_set                   ? 
_refine.overall_FOM_work_R_set                   ? 
_refine.pdbx_average_fsc_overall                 ? 
_refine.pdbx_average_fsc_work                    ? 
_refine.pdbx_average_fsc_free                    ? 
# 
_refine_hist.pdbx_refine_id                   'X-RAY DIFFRACTION' 
_refine_hist.cycle_id                         LAST 
_refine_hist.details                          ? 
_refine_hist.d_res_high                       1.75 
_refine_hist.d_res_low                        41.53 
_refine_hist.number_atoms_solvent             65 
_refine_hist.number_atoms_total               1286 
_refine_hist.number_reflns_all                ? 
_refine_hist.number_reflns_obs                ? 
_refine_hist.number_reflns_R_free             ? 
_refine_hist.number_reflns_R_work             ? 
_refine_hist.R_factor_all                     ? 
_refine_hist.R_factor_obs                     ? 
_refine_hist.R_factor_R_free                  ? 
_refine_hist.R_factor_R_work                  ? 
_refine_hist.pdbx_number_residues_total       ? 
_refine_hist.pdbx_B_iso_mean_ligand           ? 
_refine_hist.pdbx_B_iso_mean_solvent          ? 
_refine_hist.pdbx_number_atoms_protein        1221 
_refine_hist.pdbx_number_atoms_nucleic_acid   0 
_refine_hist.pdbx_number_atoms_ligand         0 
_refine_hist.pdbx_number_atoms_lipid          ? 
_refine_hist.pdbx_number_atoms_carb           ? 
_refine_hist.pdbx_pseudo_atom_details         ? 
# 
loop_
_refine_ls_restr.pdbx_refine_id 
_refine_ls_restr.criterion 
_refine_ls_restr.dev_ideal 
_refine_ls_restr.dev_ideal_target 
_refine_ls_restr.number 
_refine_ls_restr.rejects 
_refine_ls_restr.type 
_refine_ls_restr.weight 
_refine_ls_restr.pdbx_restraint_function 
'X-RAY DIFFRACTION' ? 0.0072 ? 1249 ? f_bond_d           ? ? 
'X-RAY DIFFRACTION' ? 0.8830 ? 1695 ? f_angle_d          ? ? 
'X-RAY DIFFRACTION' ? 0.0569 ? 182  ? f_chiral_restr     ? ? 
'X-RAY DIFFRACTION' ? 0.0054 ? 224  ? f_plane_restr      ? ? 
'X-RAY DIFFRACTION' ? 2.7448 ? 749  ? f_dihedral_angle_d ? ? 
# 
loop_
_refine_ls_shell.pdbx_refine_id 
_refine_ls_shell.d_res_high 
_refine_ls_shell.d_res_low 
_refine_ls_shell.number_reflns_all 
_refine_ls_shell.number_reflns_obs 
_refine_ls_shell.number_reflns_R_free 
_refine_ls_shell.number_reflns_R_work 
_refine_ls_shell.percent_reflns_obs 
_refine_ls_shell.percent_reflns_R_free 
_refine_ls_shell.R_factor_all 
_refine_ls_shell.R_factor_obs 
_refine_ls_shell.R_factor_R_free_error 
_refine_ls_shell.R_factor_R_work 
_refine_ls_shell.redundancy_reflns_all 
_refine_ls_shell.redundancy_reflns_obs 
_refine_ls_shell.wR_factor_all 
_refine_ls_shell.wR_factor_obs 
_refine_ls_shell.wR_factor_R_free 
_refine_ls_shell.wR_factor_R_work 
_refine_ls_shell.pdbx_R_complete 
_refine_ls_shell.pdbx_total_number_of_bins_used 
_refine_ls_shell.pdbx_phase_error 
_refine_ls_shell.pdbx_fsc_work 
_refine_ls_shell.pdbx_fsc_free 
_refine_ls_shell.R_factor_R_free 
'X-RAY DIFFRACTION' 1.75 1.79  . . 140 1278 98.06  . . . . 0.2801 . . . . . . . . . . . 0.2976 
'X-RAY DIFFRACTION' 1.79 1.84  . . 137 1255 99.50  . . . . 0.2457 . . . . . . . . . . . 0.2793 
'X-RAY DIFFRACTION' 1.84 1.90  . . 140 1279 99.86  . . . . 0.2344 . . . . . . . . . . . 0.2300 
'X-RAY DIFFRACTION' 1.90 1.96  . . 138 1263 98.25  . . . . 0.2393 . . . . . . . . . . . 0.2656 
'X-RAY DIFFRACTION' 1.96 2.03  . . 141 1281 100.00 . . . . 0.2067 . . . . . . . . . . . 0.2193 
'X-RAY DIFFRACTION' 2.03 2.11  . . 135 1272 98.81  . . . . 0.2183 . . . . . . . . . . . 0.2438 
'X-RAY DIFFRACTION' 2.11 2.20  . . 142 1295 100.00 . . . . 0.2059 . . . . . . . . . . . 0.2552 
'X-RAY DIFFRACTION' 2.20 2.32  . . 141 1306 99.93  . . . . 0.2041 . . . . . . . . . . . 0.2604 
'X-RAY DIFFRACTION' 2.32 2.47  . . 143 1292 100.00 . . . . 0.2135 . . . . . . . . . . . 0.2651 
'X-RAY DIFFRACTION' 2.47 2.66  . . 142 1311 100.00 . . . . 0.2225 . . . . . . . . . . . 0.2748 
'X-RAY DIFFRACTION' 2.66 2.92  . . 144 1310 99.93  . . . . 0.2208 . . . . . . . . . . . 0.2305 
'X-RAY DIFFRACTION' 2.92 3.35  . . 145 1330 100.00 . . . . 0.2096 . . . . . . . . . . . 0.2565 
'X-RAY DIFFRACTION' 3.35 4.22  . . 147 1344 100.00 . . . . 0.1763 . . . . . . . . . . . 0.2301 
'X-RAY DIFFRACTION' 4.22 41.53 . . 154 1403 97.68  . . . . 0.1943 . . . . . . . . . . . 0.2041 
# 
_struct.entry_id                     8VVA 
_struct.title                        
'Structure of DUF1480 domain-containing protein from Klebsiella pneumoniae subsp. pneumoniae SA1' 
_struct.pdbx_model_details           ? 
_struct.pdbx_formula_weight          ? 
_struct.pdbx_formula_weight_method   ? 
_struct.pdbx_model_type_details      ? 
_struct.pdbx_CASP_flag               N 
# 
_struct_keywords.entry_id        8VVA 
_struct_keywords.text            'DUF1480, unknown function' 
_struct_keywords.pdbx_keywords   'UNKNOWN FUNCTION' 
# 
loop_
_struct_asym.id 
_struct_asym.pdbx_blank_PDB_chainid_flag 
_struct_asym.pdbx_modified 
_struct_asym.entity_id 
_struct_asym.details 
A N N 1 ? 
B N N 1 ? 
C N N 2 ? 
D N N 2 ? 
# 
_struct_ref.id                         1 
_struct_ref.db_name                    UNP 
_struct_ref.db_code                    A0AA34SSY7_KLEPN 
_struct_ref.pdbx_db_accession          A0AA34SSY7 
_struct_ref.pdbx_db_isoform            ? 
_struct_ref.entity_id                  1 
_struct_ref.pdbx_seq_one_letter_code   MSKTNVRIGAFEIDDAELHGEHQGERTLSIPCKSDPDLCMQLDAWDADTSVPAILNGEHSVLYRKHYDRQSDAWVMRLA 
_struct_ref.pdbx_align_begin           0 
# 
loop_
_struct_ref_seq.align_id 
_struct_ref_seq.ref_id 
_struct_ref_seq.pdbx_PDB_id_code 
_struct_ref_seq.pdbx_strand_id 
_struct_ref_seq.seq_align_beg 
_struct_ref_seq.pdbx_seq_align_beg_ins_code 
_struct_ref_seq.seq_align_end 
_struct_ref_seq.pdbx_seq_align_end_ins_code 
_struct_ref_seq.pdbx_db_accession 
_struct_ref_seq.db_align_beg 
_struct_ref_seq.pdbx_db_align_beg_ins_code 
_struct_ref_seq.db_align_end 
_struct_ref_seq.pdbx_db_align_end_ins_code 
_struct_ref_seq.pdbx_auth_seq_align_beg 
_struct_ref_seq.pdbx_auth_seq_align_end 
1 1 8VVA A 1 ? 79 ? A0AA34SSY7 24 ? 102 ? 1 79 
2 1 8VVA B 1 ? 79 ? A0AA34SSY7 24 ? 102 ? 1 79 
# 
_pdbx_struct_assembly.id                   1 
_pdbx_struct_assembly.details              author_and_software_defined_assembly 
_pdbx_struct_assembly.method_details       PISA 
_pdbx_struct_assembly.oligomeric_details   dimeric 
_pdbx_struct_assembly.oligomeric_count     2 
# 
loop_
_pdbx_struct_assembly_prop.biol_id 
_pdbx_struct_assembly_prop.type 
_pdbx_struct_assembly_prop.value 
_pdbx_struct_assembly_prop.details 
1 'ABSA (A^2)' 1590 ? 
1 MORE         -6   ? 
1 'SSA (A^2)'  8390 ? 
# 
_pdbx_struct_assembly_gen.assembly_id       1 
_pdbx_struct_assembly_gen.oper_expression   1 
_pdbx_struct_assembly_gen.asym_id_list      A,B,C,D 
# 
_pdbx_struct_oper_list.id                   1 
_pdbx_struct_oper_list.type                 'identity operation' 
_pdbx_struct_oper_list.name                 1_555 
_pdbx_struct_oper_list.symmetry_operation   x,y,z 
_pdbx_struct_oper_list.matrix[1][1]         1.0000000000 
_pdbx_struct_oper_list.matrix[1][2]         0.0000000000 
_pdbx_struct_oper_list.matrix[1][3]         0.0000000000 
_pdbx_struct_oper_list.vector[1]            0.0000000000 
_pdbx_struct_oper_list.matrix[2][1]         0.0000000000 
_pdbx_struct_oper_list.matrix[2][2]         1.0000000000 
_pdbx_struct_oper_list.matrix[2][3]         0.0000000000 
_pdbx_struct_oper_list.vector[2]            0.0000000000 
_pdbx_struct_oper_list.matrix[3][1]         0.0000000000 
_pdbx_struct_oper_list.matrix[3][2]         0.0000000000 
_pdbx_struct_oper_list.matrix[3][3]         1.0000000000 
_pdbx_struct_oper_list.vector[3]            0.0000000000 
# 
loop_
_struct_conf.conf_type_id 
_struct_conf.id 
_struct_conf.pdbx_PDB_helix_id 
_struct_conf.beg_label_comp_id 
_struct_conf.beg_label_asym_id 
_struct_conf.beg_label_seq_id 
_struct_conf.pdbx_beg_PDB_ins_code 
_struct_conf.end_label_comp_id 
_struct_conf.end_label_asym_id 
_struct_conf.end_label_seq_id 
_struct_conf.pdbx_end_PDB_ins_code 
_struct_conf.beg_auth_comp_id 
_struct_conf.beg_auth_asym_id 
_struct_conf.beg_auth_seq_id 
_struct_conf.end_auth_comp_id 
_struct_conf.end_auth_asym_id 
_struct_conf.end_auth_seq_id 
_struct_conf.pdbx_PDB_helix_class 
_struct_conf.details 
_struct_conf.pdbx_PDB_helix_length 
HELX_P HELX_P1 AA1 ASP A 35 ? ALA A 44 ? ASP A 35 ALA A 44 1 ? 10 
HELX_P HELX_P2 AA2 ASP B 35 ? TRP B 45 ? ASP B 35 TRP B 45 1 ? 11 
# 
_struct_conf_type.id          HELX_P 
_struct_conf_type.criteria    ? 
_struct_conf_type.reference   ? 
# 
loop_
_struct_conn.id 
_struct_conn.conn_type_id 
_struct_conn.pdbx_leaving_atom_flag 
_struct_conn.pdbx_PDB_id 
_struct_conn.ptnr1_label_asym_id 
_struct_conn.ptnr1_label_comp_id 
_struct_conn.ptnr1_label_seq_id 
_struct_conn.ptnr1_label_atom_id 
_struct_conn.pdbx_ptnr1_label_alt_id 
_struct_conn.pdbx_ptnr1_PDB_ins_code 
_struct_conn.pdbx_ptnr1_standard_comp_id 
_struct_conn.ptnr1_symmetry 
_struct_conn.ptnr2_label_asym_id 
_struct_conn.ptnr2_label_comp_id 
_struct_conn.ptnr2_label_seq_id 
_struct_conn.ptnr2_label_atom_id 
_struct_conn.pdbx_ptnr2_label_alt_id 
_struct_conn.pdbx_ptnr2_PDB_ins_code 
_struct_conn.ptnr1_auth_asym_id 
_struct_conn.ptnr1_auth_comp_id 
_struct_conn.ptnr1_auth_seq_id 
_struct_conn.ptnr2_auth_asym_id 
_struct_conn.ptnr2_auth_comp_id 
_struct_conn.ptnr2_auth_seq_id 
_struct_conn.ptnr2_symmetry 
_struct_conn.pdbx_ptnr3_label_atom_id 
_struct_conn.pdbx_ptnr3_label_seq_id 
_struct_conn.pdbx_ptnr3_label_comp_id 
_struct_conn.pdbx_ptnr3_label_asym_id 
_struct_conn.pdbx_ptnr3_label_alt_id 
_struct_conn.pdbx_ptnr3_PDB_ins_code 
_struct_conn.details 
_struct_conn.pdbx_dist_value 
_struct_conn.pdbx_value_order 
_struct_conn.pdbx_role 
disulf1 disulf ?    ? A CYS 32 SG ? ? ? 1_555 A CYS 39 SG ? ? A CYS 32 A CYS 39 1_555 ? ? ? ? ? ? ? 2.053 ? ? 
disulf2 disulf ?    ? B CYS 32 SG ? ? ? 1_555 B CYS 39 SG ? ? B CYS 32 B CYS 39 1_555 ? ? ? ? ? ? ? 2.059 ? ? 
covale1 covale both ? A CYS 39 C  ? ? ? 1_555 A MSE 40 N  ? ? A CYS 39 A MSE 40 1_555 ? ? ? ? ? ? ? 1.332 ? ? 
covale2 covale both ? A MSE 40 C  ? ? ? 1_555 A GLN 41 N  ? ? A MSE 40 A GLN 41 1_555 ? ? ? ? ? ? ? 1.339 ? ? 
covale3 covale both ? A VAL 75 C  ? ? ? 1_555 A MSE 76 N  ? ? A VAL 75 A MSE 76 1_555 ? ? ? ? ? ? ? 1.333 ? ? 
covale4 covale both ? A MSE 76 C  ? ? ? 1_555 A ARG 77 N  ? ? A MSE 76 A ARG 77 1_555 ? ? ? ? ? ? ? 1.322 ? ? 
covale5 covale both ? B CYS 39 C  ? ? ? 1_555 B MSE 40 N  ? ? B CYS 39 B MSE 40 1_555 ? ? ? ? ? ? ? 1.333 ? ? 
covale6 covale both ? B MSE 40 C  ? ? ? 1_555 B GLN 41 N  ? ? B MSE 40 B GLN 41 1_555 ? ? ? ? ? ? ? 1.331 ? ? 
covale7 covale both ? B VAL 75 C  ? ? ? 1_555 B MSE 76 N  ? ? B VAL 75 B MSE 76 1_555 ? ? ? ? ? ? ? 1.329 ? ? 
covale8 covale both ? B MSE 76 C  ? ? ? 1_555 B ARG 77 N  ? ? B MSE 76 B ARG 77 1_555 ? ? ? ? ? ? ? 1.331 ? ? 
# 
loop_
_struct_conn_type.id 
_struct_conn_type.criteria 
_struct_conn_type.reference 
disulf ? ? 
covale ? ? 
# 
loop_
_pdbx_modification_feature.ordinal 
_pdbx_modification_feature.label_comp_id 
_pdbx_modification_feature.label_asym_id 
_pdbx_modification_feature.label_seq_id 
_pdbx_modification_feature.label_alt_id 
_pdbx_modification_feature.modified_residue_label_comp_id 
_pdbx_modification_feature.modified_residue_label_asym_id 
_pdbx_modification_feature.modified_residue_label_seq_id 
_pdbx_modification_feature.modified_residue_label_alt_id 
_pdbx_modification_feature.auth_comp_id 
_pdbx_modification_feature.auth_asym_id 
_pdbx_modification_feature.auth_seq_id 
_pdbx_modification_feature.PDB_ins_code 
_pdbx_modification_feature.symmetry 
_pdbx_modification_feature.modified_residue_auth_comp_id 
_pdbx_modification_feature.modified_residue_auth_asym_id 
_pdbx_modification_feature.modified_residue_auth_seq_id 
_pdbx_modification_feature.modified_residue_PDB_ins_code 
_pdbx_modification_feature.modified_residue_symmetry 
_pdbx_modification_feature.comp_id_linking_atom 
_pdbx_modification_feature.modified_residue_id_linking_atom 
_pdbx_modification_feature.modified_residue_id 
_pdbx_modification_feature.ref_pcm_id 
_pdbx_modification_feature.ref_comp_id 
_pdbx_modification_feature.type 
_pdbx_modification_feature.category 
1 MSE A 40 ? .   . .  . MSE A 40 ? 1_555 .   . .  . .     .  .  MET 1 MSE Selenomethionine 'Named protein modification' 
2 MSE A 76 ? .   . .  . MSE A 76 ? 1_555 .   . .  . .     .  .  MET 1 MSE Selenomethionine 'Named protein modification' 
3 MSE B 40 ? .   . .  . MSE B 40 ? 1_555 .   . .  . .     .  .  MET 1 MSE Selenomethionine 'Named protein modification' 
4 MSE B 76 ? .   . .  . MSE B 76 ? 1_555 .   . .  . .     .  .  MET 1 MSE Selenomethionine 'Named protein modification' 
5 CYS A 32 ? CYS A 39 ? CYS A 32 ? 1_555 CYS A 39 ? 1_555 SG SG .   . .   None             'Disulfide bridge'           
6 CYS B 32 ? CYS B 39 ? CYS B 32 ? 1_555 CYS B 39 ? 1_555 SG SG .   . .   None             'Disulfide bridge'           
# 
loop_
_struct_sheet.id 
_struct_sheet.type 
_struct_sheet.number_strands 
_struct_sheet.details 
AA1 ? 7 ? 
AA2 ? 7 ? 
# 
loop_
_struct_sheet_order.sheet_id 
_struct_sheet_order.range_id_1 
_struct_sheet_order.range_id_2 
_struct_sheet_order.offset 
_struct_sheet_order.sense 
AA1 1 2 ? anti-parallel 
AA1 2 3 ? anti-parallel 
AA1 3 4 ? anti-parallel 
AA1 4 5 ? anti-parallel 
AA1 5 6 ? anti-parallel 
AA1 6 7 ? anti-parallel 
AA2 1 2 ? anti-parallel 
AA2 2 3 ? anti-parallel 
AA2 3 4 ? anti-parallel 
AA2 4 5 ? anti-parallel 
AA2 5 6 ? anti-parallel 
AA2 6 7 ? anti-parallel 
# 
loop_
_struct_sheet_range.sheet_id 
_struct_sheet_range.id 
_struct_sheet_range.beg_label_comp_id 
_struct_sheet_range.beg_label_asym_id 
_struct_sheet_range.beg_label_seq_id 
_struct_sheet_range.pdbx_beg_PDB_ins_code 
_struct_sheet_range.end_label_comp_id 
_struct_sheet_range.end_label_asym_id 
_struct_sheet_range.end_label_seq_id 
_struct_sheet_range.pdbx_end_PDB_ins_code 
_struct_sheet_range.beg_auth_comp_id 
_struct_sheet_range.beg_auth_asym_id 
_struct_sheet_range.beg_auth_seq_id 
_struct_sheet_range.end_auth_comp_id 
_struct_sheet_range.end_auth_asym_id 
_struct_sheet_range.end_auth_seq_id 
AA1 1 PHE A 11 ? ILE A 13 ? PHE A 11 ILE A 13 
AA1 2 VAL A 6  ? ILE A 8  ? VAL A 6  ILE A 8  
AA1 3 VAL A 51 ? LEU A 55 ? VAL A 51 LEU A 55 
AA1 4 GLU A 58 ? ASP A 68 ? GLU A 58 ASP A 68 
AA1 5 ALA A 73 ? LEU A 78 ? ALA A 73 LEU A 78 
AA1 6 THR A 27 ? PRO A 31 ? THR A 27 PRO A 31 
AA1 7 GLU A 17 ? LEU A 18 ? GLU A 17 LEU A 18 
AA2 1 PHE B 11 ? ILE B 13 ? PHE B 11 ILE B 13 
AA2 2 VAL B 6  ? ILE B 8  ? VAL B 6  ILE B 8  
AA2 3 VAL B 51 ? LEU B 55 ? VAL B 51 LEU B 55 
AA2 4 GLU B 58 ? ASP B 68 ? GLU B 58 ASP B 68 
AA2 5 ALA B 73 ? LEU B 78 ? ALA B 73 LEU B 78 
AA2 6 GLU B 25 ? PRO B 31 ? GLU B 25 PRO B 31 
AA2 7 GLU B 17 ? HIS B 22 ? GLU B 17 HIS B 22 
# 
loop_
_pdbx_struct_sheet_hbond.sheet_id 
_pdbx_struct_sheet_hbond.range_id_1 
_pdbx_struct_sheet_hbond.range_id_2 
_pdbx_struct_sheet_hbond.range_1_label_atom_id 
_pdbx_struct_sheet_hbond.range_1_label_comp_id 
_pdbx_struct_sheet_hbond.range_1_label_asym_id 
_pdbx_struct_sheet_hbond.range_1_label_seq_id 
_pdbx_struct_sheet_hbond.range_1_PDB_ins_code 
_pdbx_struct_sheet_hbond.range_1_auth_atom_id 
_pdbx_struct_sheet_hbond.range_1_auth_comp_id 
_pdbx_struct_sheet_hbond.range_1_auth_asym_id 
_pdbx_struct_sheet_hbond.range_1_auth_seq_id 
_pdbx_struct_sheet_hbond.range_2_label_atom_id 
_pdbx_struct_sheet_hbond.range_2_label_comp_id 
_pdbx_struct_sheet_hbond.range_2_label_asym_id 
_pdbx_struct_sheet_hbond.range_2_label_seq_id 
_pdbx_struct_sheet_hbond.range_2_PDB_ins_code 
_pdbx_struct_sheet_hbond.range_2_auth_atom_id 
_pdbx_struct_sheet_hbond.range_2_auth_comp_id 
_pdbx_struct_sheet_hbond.range_2_auth_asym_id 
_pdbx_struct_sheet_hbond.range_2_auth_seq_id 
AA1 1 2 O ILE A 13 ? O ILE A 13 N VAL A 6  ? N VAL A 6  
AA1 2 3 N ARG A 7  ? N ARG A 7  O ILE A 54 ? O ILE A 54 
AA1 3 4 N VAL A 51 ? N VAL A 51 O LEU A 62 ? O LEU A 62 
AA1 4 5 N TYR A 63 ? N TYR A 63 O ARG A 77 ? O ARG A 77 
AA1 5 6 O MSE A 76 ? O MSE A 76 N LEU A 28 ? N LEU A 28 
AA1 6 7 O SER A 29 ? O SER A 29 N GLU A 17 ? N GLU A 17 
AA2 1 2 O ILE B 13 ? O ILE B 13 N VAL B 6  ? N VAL B 6  
AA2 2 3 N ARG B 7  ? N ARG B 7  O ILE B 54 ? O ILE B 54 
AA2 3 4 N ALA B 53 ? N ALA B 53 O SER B 60 ? O SER B 60 
AA2 4 5 N TYR B 63 ? N TYR B 63 O ARG B 77 ? O ARG B 77 
AA2 5 6 O MSE B 76 ? O MSE B 76 N LEU B 28 ? N LEU B 28 
AA2 6 7 O GLU B 25 ? O GLU B 25 N HIS B 22 ? N HIS B 22 
# 
_pdbx_entry_details.entry_id                   8VVA 
_pdbx_entry_details.has_ligand_of_interest     N 
_pdbx_entry_details.compound_details           ? 
_pdbx_entry_details.source_details             ? 
_pdbx_entry_details.nonpolymer_details         ? 
_pdbx_entry_details.sequence_details           ? 
_pdbx_entry_details.has_protein_modification   Y 
# 
_pdbx_validate_torsion.id              1 
_pdbx_validate_torsion.PDB_model_num   1 
_pdbx_validate_torsion.auth_comp_id    HIS 
_pdbx_validate_torsion.auth_asym_id    A 
_pdbx_validate_torsion.auth_seq_id     66 
_pdbx_validate_torsion.PDB_ins_code    ? 
_pdbx_validate_torsion.label_alt_id    ? 
_pdbx_validate_torsion.phi             -170.19 
_pdbx_validate_torsion.psi             137.26 
# 
loop_
_pdbx_struct_mod_residue.id 
_pdbx_struct_mod_residue.label_asym_id 
_pdbx_struct_mod_residue.label_comp_id 
_pdbx_struct_mod_residue.label_seq_id 
_pdbx_struct_mod_residue.auth_asym_id 
_pdbx_struct_mod_residue.auth_comp_id 
_pdbx_struct_mod_residue.auth_seq_id 
_pdbx_struct_mod_residue.PDB_ins_code 
_pdbx_struct_mod_residue.parent_comp_id 
_pdbx_struct_mod_residue.details 
1 A MSE 40 A MSE 40 ? MET 'modified residue' 
2 A MSE 76 A MSE 76 ? MET 'modified residue' 
3 B MSE 40 B MSE 40 ? MET 'modified residue' 
4 B MSE 76 B MSE 76 ? MET 'modified residue' 
# 
loop_
_space_group_symop.id 
_space_group_symop.operation_xyz 
1 x,y,z               
2 -y+1/2,x+1/2,z+1/4  
3 y+1/2,-x+1/2,z+3/4  
4 x+1/2,-y+1/2,-z+3/4 
5 -x+1/2,y+1/2,-z+1/4 
6 -x,-y,z+1/2         
7 y,x,-z              
8 -y,-x,-z+1/2        
# 
loop_
_pdbx_unobs_or_zero_occ_residues.id 
_pdbx_unobs_or_zero_occ_residues.PDB_model_num 
_pdbx_unobs_or_zero_occ_residues.polymer_flag 
_pdbx_unobs_or_zero_occ_residues.occupancy_flag 
_pdbx_unobs_or_zero_occ_residues.auth_asym_id 
_pdbx_unobs_or_zero_occ_residues.auth_comp_id 
_pdbx_unobs_or_zero_occ_residues.auth_seq_id 
_pdbx_unobs_or_zero_occ_residues.PDB_ins_code 
_pdbx_unobs_or_zero_occ_residues.label_asym_id 
_pdbx_unobs_or_zero_occ_residues.label_comp_id 
_pdbx_unobs_or_zero_occ_residues.label_seq_id 
1 1 Y 1 A MSE 1 ? A MSE 1 
2 1 Y 1 B MSE 1 ? B MSE 1 
3 1 Y 1 B SER 2 ? B SER 2 
4 1 Y 1 B LYS 3 ? B LYS 3 
# 
loop_
_chem_comp_atom.comp_id 
_chem_comp_atom.atom_id 
_chem_comp_atom.type_symbol 
_chem_comp_atom.pdbx_aromatic_flag 
_chem_comp_atom.pdbx_stereo_config 
_chem_comp_atom.pdbx_ordinal 
ALA N    N  N N 1   
ALA CA   C  N S 2   
ALA C    C  N N 3   
ALA O    O  N N 4   
ALA CB   C  N N 5   
ALA OXT  O  N N 6   
ALA H    H  N N 7   
ALA H2   H  N N 8   
ALA HA   H  N N 9   
ALA HB1  H  N N 10  
ALA HB2  H  N N 11  
ALA HB3  H  N N 12  
ALA HXT  H  N N 13  
ARG N    N  N N 14  
ARG CA   C  N S 15  
ARG C    C  N N 16  
ARG O    O  N N 17  
ARG CB   C  N N 18  
ARG CG   C  N N 19  
ARG CD   C  N N 20  
ARG NE   N  N N 21  
ARG CZ   C  N N 22  
ARG NH1  N  N N 23  
ARG NH2  N  N N 24  
ARG OXT  O  N N 25  
ARG H    H  N N 26  
ARG H2   H  N N 27  
ARG HA   H  N N 28  
ARG HB2  H  N N 29  
ARG HB3  H  N N 30  
ARG HG2  H  N N 31  
ARG HG3  H  N N 32  
ARG HD2  H  N N 33  
ARG HD3  H  N N 34  
ARG HE   H  N N 35  
ARG HH11 H  N N 36  
ARG HH12 H  N N 37  
ARG HH21 H  N N 38  
ARG HH22 H  N N 39  
ARG HXT  H  N N 40  
ASN N    N  N N 41  
ASN CA   C  N S 42  
ASN C    C  N N 43  
ASN O    O  N N 44  
ASN CB   C  N N 45  
ASN CG   C  N N 46  
ASN OD1  O  N N 47  
ASN ND2  N  N N 48  
ASN OXT  O  N N 49  
ASN H    H  N N 50  
ASN H2   H  N N 51  
ASN HA   H  N N 52  
ASN HB2  H  N N 53  
ASN HB3  H  N N 54  
ASN HD21 H  N N 55  
ASN HD22 H  N N 56  
ASN HXT  H  N N 57  
ASP N    N  N N 58  
ASP CA   C  N S 59  
ASP C    C  N N 60  
ASP O    O  N N 61  
ASP CB   C  N N 62  
ASP CG   C  N N 63  
ASP OD1  O  N N 64  
ASP OD2  O  N N 65  
ASP OXT  O  N N 66  
ASP H    H  N N 67  
ASP H2   H  N N 68  
ASP HA   H  N N 69  
ASP HB2  H  N N 70  
ASP HB3  H  N N 71  
ASP HD2  H  N N 72  
ASP HXT  H  N N 73  
CYS N    N  N N 74  
CYS CA   C  N R 75  
CYS C    C  N N 76  
CYS O    O  N N 77  
CYS CB   C  N N 78  
CYS SG   S  N N 79  
CYS OXT  O  N N 80  
CYS H    H  N N 81  
CYS H2   H  N N 82  
CYS HA   H  N N 83  
CYS HB2  H  N N 84  
CYS HB3  H  N N 85  
CYS HG   H  N N 86  
CYS HXT  H  N N 87  
GLN N    N  N N 88  
GLN CA   C  N S 89  
GLN C    C  N N 90  
GLN O    O  N N 91  
GLN CB   C  N N 92  
GLN CG   C  N N 93  
GLN CD   C  N N 94  
GLN OE1  O  N N 95  
GLN NE2  N  N N 96  
GLN OXT  O  N N 97  
GLN H    H  N N 98  
GLN H2   H  N N 99  
GLN HA   H  N N 100 
GLN HB2  H  N N 101 
GLN HB3  H  N N 102 
GLN HG2  H  N N 103 
GLN HG3  H  N N 104 
GLN HE21 H  N N 105 
GLN HE22 H  N N 106 
GLN HXT  H  N N 107 
GLU N    N  N N 108 
GLU CA   C  N S 109 
GLU C    C  N N 110 
GLU O    O  N N 111 
GLU CB   C  N N 112 
GLU CG   C  N N 113 
GLU CD   C  N N 114 
GLU OE1  O  N N 115 
GLU OE2  O  N N 116 
GLU OXT  O  N N 117 
GLU H    H  N N 118 
GLU H2   H  N N 119 
GLU HA   H  N N 120 
GLU HB2  H  N N 121 
GLU HB3  H  N N 122 
GLU HG2  H  N N 123 
GLU HG3  H  N N 124 
GLU HE2  H  N N 125 
GLU HXT  H  N N 126 
GLY N    N  N N 127 
GLY CA   C  N N 128 
GLY C    C  N N 129 
GLY O    O  N N 130 
GLY OXT  O  N N 131 
GLY H    H  N N 132 
GLY H2   H  N N 133 
GLY HA2  H  N N 134 
GLY HA3  H  N N 135 
GLY HXT  H  N N 136 
HIS N    N  N N 137 
HIS CA   C  N S 138 
HIS C    C  N N 139 
HIS O    O  N N 140 
HIS CB   C  N N 141 
HIS CG   C  Y N 142 
HIS ND1  N  Y N 143 
HIS CD2  C  Y N 144 
HIS CE1  C  Y N 145 
HIS NE2  N  Y N 146 
HIS OXT  O  N N 147 
HIS H    H  N N 148 
HIS H2   H  N N 149 
HIS HA   H  N N 150 
HIS HB2  H  N N 151 
HIS HB3  H  N N 152 
HIS HD1  H  N N 153 
HIS HD2  H  N N 154 
HIS HE1  H  N N 155 
HIS HE2  H  N N 156 
HIS HXT  H  N N 157 
HOH O    O  N N 158 
HOH H1   H  N N 159 
HOH H2   H  N N 160 
ILE N    N  N N 161 
ILE CA   C  N S 162 
ILE C    C  N N 163 
ILE O    O  N N 164 
ILE CB   C  N S 165 
ILE CG1  C  N N 166 
ILE CG2  C  N N 167 
ILE CD1  C  N N 168 
ILE OXT  O  N N 169 
ILE H    H  N N 170 
ILE H2   H  N N 171 
ILE HA   H  N N 172 
ILE HB   H  N N 173 
ILE HG12 H  N N 174 
ILE HG13 H  N N 175 
ILE HG21 H  N N 176 
ILE HG22 H  N N 177 
ILE HG23 H  N N 178 
ILE HD11 H  N N 179 
ILE HD12 H  N N 180 
ILE HD13 H  N N 181 
ILE HXT  H  N N 182 
LEU N    N  N N 183 
LEU CA   C  N S 184 
LEU C    C  N N 185 
LEU O    O  N N 186 
LEU CB   C  N N 187 
LEU CG   C  N N 188 
LEU CD1  C  N N 189 
LEU CD2  C  N N 190 
LEU OXT  O  N N 191 
LEU H    H  N N 192 
LEU H2   H  N N 193 
LEU HA   H  N N 194 
LEU HB2  H  N N 195 
LEU HB3  H  N N 196 
LEU HG   H  N N 197 
LEU HD11 H  N N 198 
LEU HD12 H  N N 199 
LEU HD13 H  N N 200 
LEU HD21 H  N N 201 
LEU HD22 H  N N 202 
LEU HD23 H  N N 203 
LEU HXT  H  N N 204 
LYS N    N  N N 205 
LYS CA   C  N S 206 
LYS C    C  N N 207 
LYS O    O  N N 208 
LYS CB   C  N N 209 
LYS CG   C  N N 210 
LYS CD   C  N N 211 
LYS CE   C  N N 212 
LYS NZ   N  N N 213 
LYS OXT  O  N N 214 
LYS H    H  N N 215 
LYS H2   H  N N 216 
LYS HA   H  N N 217 
LYS HB2  H  N N 218 
LYS HB3  H  N N 219 
LYS HG2  H  N N 220 
LYS HG3  H  N N 221 
LYS HD2  H  N N 222 
LYS HD3  H  N N 223 
LYS HE2  H  N N 224 
LYS HE3  H  N N 225 
LYS HZ1  H  N N 226 
LYS HZ2  H  N N 227 
LYS HZ3  H  N N 228 
LYS HXT  H  N N 229 
MSE N    N  N N 230 
MSE CA   C  N S 231 
MSE C    C  N N 232 
MSE O    O  N N 233 
MSE OXT  O  N N 234 
MSE CB   C  N N 235 
MSE CG   C  N N 236 
MSE SE   SE N N 237 
MSE CE   C  N N 238 
MSE H    H  N N 239 
MSE H2   H  N N 240 
MSE HA   H  N N 241 
MSE HXT  H  N N 242 
MSE HB2  H  N N 243 
MSE HB3  H  N N 244 
MSE HG2  H  N N 245 
MSE HG3  H  N N 246 
MSE HE1  H  N N 247 
MSE HE2  H  N N 248 
MSE HE3  H  N N 249 
PHE N    N  N N 250 
PHE CA   C  N S 251 
PHE C    C  N N 252 
PHE O    O  N N 253 
PHE CB   C  N N 254 
PHE CG   C  Y N 255 
PHE CD1  C  Y N 256 
PHE CD2  C  Y N 257 
PHE CE1  C  Y N 258 
PHE CE2  C  Y N 259 
PHE CZ   C  Y N 260 
PHE OXT  O  N N 261 
PHE H    H  N N 262 
PHE H2   H  N N 263 
PHE HA   H  N N 264 
PHE HB2  H  N N 265 
PHE HB3  H  N N 266 
PHE HD1  H  N N 267 
PHE HD2  H  N N 268 
PHE HE1  H  N N 269 
PHE HE2  H  N N 270 
PHE HZ   H  N N 271 
PHE HXT  H  N N 272 
PRO N    N  N N 273 
PRO CA   C  N S 274 
PRO C    C  N N 275 
PRO O    O  N N 276 
PRO CB   C  N N 277 
PRO CG   C  N N 278 
PRO CD   C  N N 279 
PRO OXT  O  N N 280 
PRO H    H  N N 281 
PRO HA   H  N N 282 
PRO HB2  H  N N 283 
PRO HB3  H  N N 284 
PRO HG2  H  N N 285 
PRO HG3  H  N N 286 
PRO HD2  H  N N 287 
PRO HD3  H  N N 288 
PRO HXT  H  N N 289 
SER N    N  N N 290 
SER CA   C  N S 291 
SER C    C  N N 292 
SER O    O  N N 293 
SER CB   C  N N 294 
SER OG   O  N N 295 
SER OXT  O  N N 296 
SER H    H  N N 297 
SER H2   H  N N 298 
SER HA   H  N N 299 
SER HB2  H  N N 300 
SER HB3  H  N N 301 
SER HG   H  N N 302 
SER HXT  H  N N 303 
THR N    N  N N 304 
THR CA   C  N S 305 
THR C    C  N N 306 
THR O    O  N N 307 
THR CB   C  N R 308 
THR OG1  O  N N 309 
THR CG2  C  N N 310 
THR OXT  O  N N 311 
THR H    H  N N 312 
THR H2   H  N N 313 
THR HA   H  N N 314 
THR HB   H  N N 315 
THR HG1  H  N N 316 
THR HG21 H  N N 317 
THR HG22 H  N N 318 
THR HG23 H  N N 319 
THR HXT  H  N N 320 
TRP N    N  N N 321 
TRP CA   C  N S 322 
TRP C    C  N N 323 
TRP O    O  N N 324 
TRP CB   C  N N 325 
TRP CG   C  Y N 326 
TRP CD1  C  Y N 327 
TRP CD2  C  Y N 328 
TRP NE1  N  Y N 329 
TRP CE2  C  Y N 330 
TRP CE3  C  Y N 331 
TRP CZ2  C  Y N 332 
TRP CZ3  C  Y N 333 
TRP CH2  C  Y N 334 
TRP OXT  O  N N 335 
TRP H    H  N N 336 
TRP H2   H  N N 337 
TRP HA   H  N N 338 
TRP HB2  H  N N 339 
TRP HB3  H  N N 340 
TRP HD1  H  N N 341 
TRP HE1  H  N N 342 
TRP HE3  H  N N 343 
TRP HZ2  H  N N 344 
TRP HZ3  H  N N 345 
TRP HH2  H  N N 346 
TRP HXT  H  N N 347 
TYR N    N  N N 348 
TYR CA   C  N S 349 
TYR C    C  N N 350 
TYR O    O  N N 351 
TYR CB   C  N N 352 
TYR CG   C  Y N 353 
TYR CD1  C  Y N 354 
TYR CD2  C  Y N 355 
TYR CE1  C  Y N 356 
TYR CE2  C  Y N 357 
TYR CZ   C  Y N 358 
TYR OH   O  N N 359 
TYR OXT  O  N N 360 
TYR H    H  N N 361 
TYR H2   H  N N 362 
TYR HA   H  N N 363 
TYR HB2  H  N N 364 
TYR HB3  H  N N 365 
TYR HD1  H  N N 366 
TYR HD2  H  N N 367 
TYR HE1  H  N N 368 
TYR HE2  H  N N 369 
TYR HH   H  N N 370 
TYR HXT  H  N N 371 
VAL N    N  N N 372 
VAL CA   C  N S 373 
VAL C    C  N N 374 
VAL O    O  N N 375 
VAL CB   C  N N 376 
VAL CG1  C  N N 377 
VAL CG2  C  N N 378 
VAL OXT  O  N N 379 
VAL H    H  N N 380 
VAL H2   H  N N 381 
VAL HA   H  N N 382 
VAL HB   H  N N 383 
VAL HG11 H  N N 384 
VAL HG12 H  N N 385 
VAL HG13 H  N N 386 
VAL HG21 H  N N 387 
VAL HG22 H  N N 388 
VAL HG23 H  N N 389 
VAL HXT  H  N N 390 
# 
loop_
_chem_comp_bond.comp_id 
_chem_comp_bond.atom_id_1 
_chem_comp_bond.atom_id_2 
_chem_comp_bond.value_order 
_chem_comp_bond.pdbx_aromatic_flag 
_chem_comp_bond.pdbx_stereo_config 
_chem_comp_bond.pdbx_ordinal 
ALA N   CA   sing N N 1   
ALA N   H    sing N N 2   
ALA N   H2   sing N N 3   
ALA CA  C    sing N N 4   
ALA CA  CB   sing N N 5   
ALA CA  HA   sing N N 6   
ALA C   O    doub N N 7   
ALA C   OXT  sing N N 8   
ALA CB  HB1  sing N N 9   
ALA CB  HB2  sing N N 10  
ALA CB  HB3  sing N N 11  
ALA OXT HXT  sing N N 12  
ARG N   CA   sing N N 13  
ARG N   H    sing N N 14  
ARG N   H2   sing N N 15  
ARG CA  C    sing N N 16  
ARG CA  CB   sing N N 17  
ARG CA  HA   sing N N 18  
ARG C   O    doub N N 19  
ARG C   OXT  sing N N 20  
ARG CB  CG   sing N N 21  
ARG CB  HB2  sing N N 22  
ARG CB  HB3  sing N N 23  
ARG CG  CD   sing N N 24  
ARG CG  HG2  sing N N 25  
ARG CG  HG3  sing N N 26  
ARG CD  NE   sing N N 27  
ARG CD  HD2  sing N N 28  
ARG CD  HD3  sing N N 29  
ARG NE  CZ   sing N N 30  
ARG NE  HE   sing N N 31  
ARG CZ  NH1  sing N N 32  
ARG CZ  NH2  doub N N 33  
ARG NH1 HH11 sing N N 34  
ARG NH1 HH12 sing N N 35  
ARG NH2 HH21 sing N N 36  
ARG NH2 HH22 sing N N 37  
ARG OXT HXT  sing N N 38  
ASN N   CA   sing N N 39  
ASN N   H    sing N N 40  
ASN N   H2   sing N N 41  
ASN CA  C    sing N N 42  
ASN CA  CB   sing N N 43  
ASN CA  HA   sing N N 44  
ASN C   O    doub N N 45  
ASN C   OXT  sing N N 46  
ASN CB  CG   sing N N 47  
ASN CB  HB2  sing N N 48  
ASN CB  HB3  sing N N 49  
ASN CG  OD1  doub N N 50  
ASN CG  ND2  sing N N 51  
ASN ND2 HD21 sing N N 52  
ASN ND2 HD22 sing N N 53  
ASN OXT HXT  sing N N 54  
ASP N   CA   sing N N 55  
ASP N   H    sing N N 56  
ASP N   H2   sing N N 57  
ASP CA  C    sing N N 58  
ASP CA  CB   sing N N 59  
ASP CA  HA   sing N N 60  
ASP C   O    doub N N 61  
ASP C   OXT  sing N N 62  
ASP CB  CG   sing N N 63  
ASP CB  HB2  sing N N 64  
ASP CB  HB3  sing N N 65  
ASP CG  OD1  doub N N 66  
ASP CG  OD2  sing N N 67  
ASP OD2 HD2  sing N N 68  
ASP OXT HXT  sing N N 69  
CYS N   CA   sing N N 70  
CYS N   H    sing N N 71  
CYS N   H2   sing N N 72  
CYS CA  C    sing N N 73  
CYS CA  CB   sing N N 74  
CYS CA  HA   sing N N 75  
CYS C   O    doub N N 76  
CYS C   OXT  sing N N 77  
CYS CB  SG   sing N N 78  
CYS CB  HB2  sing N N 79  
CYS CB  HB3  sing N N 80  
CYS SG  HG   sing N N 81  
CYS OXT HXT  sing N N 82  
GLN N   CA   sing N N 83  
GLN N   H    sing N N 84  
GLN N   H2   sing N N 85  
GLN CA  C    sing N N 86  
GLN CA  CB   sing N N 87  
GLN CA  HA   sing N N 88  
GLN C   O    doub N N 89  
GLN C   OXT  sing N N 90  
GLN CB  CG   sing N N 91  
GLN CB  HB2  sing N N 92  
GLN CB  HB3  sing N N 93  
GLN CG  CD   sing N N 94  
GLN CG  HG2  sing N N 95  
GLN CG  HG3  sing N N 96  
GLN CD  OE1  doub N N 97  
GLN CD  NE2  sing N N 98  
GLN NE2 HE21 sing N N 99  
GLN NE2 HE22 sing N N 100 
GLN OXT HXT  sing N N 101 
GLU N   CA   sing N N 102 
GLU N   H    sing N N 103 
GLU N   H2   sing N N 104 
GLU CA  C    sing N N 105 
GLU CA  CB   sing N N 106 
GLU CA  HA   sing N N 107 
GLU C   O    doub N N 108 
GLU C   OXT  sing N N 109 
GLU CB  CG   sing N N 110 
GLU CB  HB2  sing N N 111 
GLU CB  HB3  sing N N 112 
GLU CG  CD   sing N N 113 
GLU CG  HG2  sing N N 114 
GLU CG  HG3  sing N N 115 
GLU CD  OE1  doub N N 116 
GLU CD  OE2  sing N N 117 
GLU OE2 HE2  sing N N 118 
GLU OXT HXT  sing N N 119 
GLY N   CA   sing N N 120 
GLY N   H    sing N N 121 
GLY N   H2   sing N N 122 
GLY CA  C    sing N N 123 
GLY CA  HA2  sing N N 124 
GLY CA  HA3  sing N N 125 
GLY C   O    doub N N 126 
GLY C   OXT  sing N N 127 
GLY OXT HXT  sing N N 128 
HIS N   CA   sing N N 129 
HIS N   H    sing N N 130 
HIS N   H2   sing N N 131 
HIS CA  C    sing N N 132 
HIS CA  CB   sing N N 133 
HIS CA  HA   sing N N 134 
HIS C   O    doub N N 135 
HIS C   OXT  sing N N 136 
HIS CB  CG   sing N N 137 
HIS CB  HB2  sing N N 138 
HIS CB  HB3  sing N N 139 
HIS CG  ND1  sing Y N 140 
HIS CG  CD2  doub Y N 141 
HIS ND1 CE1  doub Y N 142 
HIS ND1 HD1  sing N N 143 
HIS CD2 NE2  sing Y N 144 
HIS CD2 HD2  sing N N 145 
HIS CE1 NE2  sing Y N 146 
HIS CE1 HE1  sing N N 147 
HIS NE2 HE2  sing N N 148 
HIS OXT HXT  sing N N 149 
HOH O   H1   sing N N 150 
HOH O   H2   sing N N 151 
ILE N   CA   sing N N 152 
ILE N   H    sing N N 153 
ILE N   H2   sing N N 154 
ILE CA  C    sing N N 155 
ILE CA  CB   sing N N 156 
ILE CA  HA   sing N N 157 
ILE C   O    doub N N 158 
ILE C   OXT  sing N N 159 
ILE CB  CG1  sing N N 160 
ILE CB  CG2  sing N N 161 
ILE CB  HB   sing N N 162 
ILE CG1 CD1  sing N N 163 
ILE CG1 HG12 sing N N 164 
ILE CG1 HG13 sing N N 165 
ILE CG2 HG21 sing N N 166 
ILE CG2 HG22 sing N N 167 
ILE CG2 HG23 sing N N 168 
ILE CD1 HD11 sing N N 169 
ILE CD1 HD12 sing N N 170 
ILE CD1 HD13 sing N N 171 
ILE OXT HXT  sing N N 172 
LEU N   CA   sing N N 173 
LEU N   H    sing N N 174 
LEU N   H2   sing N N 175 
LEU CA  C    sing N N 176 
LEU CA  CB   sing N N 177 
LEU CA  HA   sing N N 178 
LEU C   O    doub N N 179 
LEU C   OXT  sing N N 180 
LEU CB  CG   sing N N 181 
LEU CB  HB2  sing N N 182 
LEU CB  HB3  sing N N 183 
LEU CG  CD1  sing N N 184 
LEU CG  CD2  sing N N 185 
LEU CG  HG   sing N N 186 
LEU CD1 HD11 sing N N 187 
LEU CD1 HD12 sing N N 188 
LEU CD1 HD13 sing N N 189 
LEU CD2 HD21 sing N N 190 
LEU CD2 HD22 sing N N 191 
LEU CD2 HD23 sing N N 192 
LEU OXT HXT  sing N N 193 
LYS N   CA   sing N N 194 
LYS N   H    sing N N 195 
LYS N   H2   sing N N 196 
LYS CA  C    sing N N 197 
LYS CA  CB   sing N N 198 
LYS CA  HA   sing N N 199 
LYS C   O    doub N N 200 
LYS C   OXT  sing N N 201 
LYS CB  CG   sing N N 202 
LYS CB  HB2  sing N N 203 
LYS CB  HB3  sing N N 204 
LYS CG  CD   sing N N 205 
LYS CG  HG2  sing N N 206 
LYS CG  HG3  sing N N 207 
LYS CD  CE   sing N N 208 
LYS CD  HD2  sing N N 209 
LYS CD  HD3  sing N N 210 
LYS CE  NZ   sing N N 211 
LYS CE  HE2  sing N N 212 
LYS CE  HE3  sing N N 213 
LYS NZ  HZ1  sing N N 214 
LYS NZ  HZ2  sing N N 215 
LYS NZ  HZ3  sing N N 216 
LYS OXT HXT  sing N N 217 
MSE N   CA   sing N N 218 
MSE N   H    sing N N 219 
MSE N   H2   sing N N 220 
MSE CA  C    sing N N 221 
MSE CA  CB   sing N N 222 
MSE CA  HA   sing N N 223 
MSE C   O    doub N N 224 
MSE C   OXT  sing N N 225 
MSE OXT HXT  sing N N 226 
MSE CB  CG   sing N N 227 
MSE CB  HB2  sing N N 228 
MSE CB  HB3  sing N N 229 
MSE CG  SE   sing N N 230 
MSE CG  HG2  sing N N 231 
MSE CG  HG3  sing N N 232 
MSE SE  CE   sing N N 233 
MSE CE  HE1  sing N N 234 
MSE CE  HE2  sing N N 235 
MSE CE  HE3  sing N N 236 
PHE N   CA   sing N N 237 
PHE N   H    sing N N 238 
PHE N   H2   sing N N 239 
PHE CA  C    sing N N 240 
PHE CA  CB   sing N N 241 
PHE CA  HA   sing N N 242 
PHE C   O    doub N N 243 
PHE C   OXT  sing N N 244 
PHE CB  CG   sing N N 245 
PHE CB  HB2  sing N N 246 
PHE CB  HB3  sing N N 247 
PHE CG  CD1  doub Y N 248 
PHE CG  CD2  sing Y N 249 
PHE CD1 CE1  sing Y N 250 
PHE CD1 HD1  sing N N 251 
PHE CD2 CE2  doub Y N 252 
PHE CD2 HD2  sing N N 253 
PHE CE1 CZ   doub Y N 254 
PHE CE1 HE1  sing N N 255 
PHE CE2 CZ   sing Y N 256 
PHE CE2 HE2  sing N N 257 
PHE CZ  HZ   sing N N 258 
PHE OXT HXT  sing N N 259 
PRO N   CA   sing N N 260 
PRO N   CD   sing N N 261 
PRO N   H    sing N N 262 
PRO CA  C    sing N N 263 
PRO CA  CB   sing N N 264 
PRO CA  HA   sing N N 265 
PRO C   O    doub N N 266 
PRO C   OXT  sing N N 267 
PRO CB  CG   sing N N 268 
PRO CB  HB2  sing N N 269 
PRO CB  HB3  sing N N 270 
PRO CG  CD   sing N N 271 
PRO CG  HG2  sing N N 272 
PRO CG  HG3  sing N N 273 
PRO CD  HD2  sing N N 274 
PRO CD  HD3  sing N N 275 
PRO OXT HXT  sing N N 276 
SER N   CA   sing N N 277 
SER N   H    sing N N 278 
SER N   H2   sing N N 279 
SER CA  C    sing N N 280 
SER CA  CB   sing N N 281 
SER CA  HA   sing N N 282 
SER C   O    doub N N 283 
SER C   OXT  sing N N 284 
SER CB  OG   sing N N 285 
SER CB  HB2  sing N N 286 
SER CB  HB3  sing N N 287 
SER OG  HG   sing N N 288 
SER OXT HXT  sing N N 289 
THR N   CA   sing N N 290 
THR N   H    sing N N 291 
THR N   H2   sing N N 292 
THR CA  C    sing N N 293 
THR CA  CB   sing N N 294 
THR CA  HA   sing N N 295 
THR C   O    doub N N 296 
THR C   OXT  sing N N 297 
THR CB  OG1  sing N N 298 
THR CB  CG2  sing N N 299 
THR CB  HB   sing N N 300 
THR OG1 HG1  sing N N 301 
THR CG2 HG21 sing N N 302 
THR CG2 HG22 sing N N 303 
THR CG2 HG23 sing N N 304 
THR OXT HXT  sing N N 305 
TRP N   CA   sing N N 306 
TRP N   H    sing N N 307 
TRP N   H2   sing N N 308 
TRP CA  C    sing N N 309 
TRP CA  CB   sing N N 310 
TRP CA  HA   sing N N 311 
TRP C   O    doub N N 312 
TRP C   OXT  sing N N 313 
TRP CB  CG   sing N N 314 
TRP CB  HB2  sing N N 315 
TRP CB  HB3  sing N N 316 
TRP CG  CD1  doub Y N 317 
TRP CG  CD2  sing Y N 318 
TRP CD1 NE1  sing Y N 319 
TRP CD1 HD1  sing N N 320 
TRP CD2 CE2  doub Y N 321 
TRP CD2 CE3  sing Y N 322 
TRP NE1 CE2  sing Y N 323 
TRP NE1 HE1  sing N N 324 
TRP CE2 CZ2  sing Y N 325 
TRP CE3 CZ3  doub Y N 326 
TRP CE3 HE3  sing N N 327 
TRP CZ2 CH2  doub Y N 328 
TRP CZ2 HZ2  sing N N 329 
TRP CZ3 CH2  sing Y N 330 
TRP CZ3 HZ3  sing N N 331 
TRP CH2 HH2  sing N N 332 
TRP OXT HXT  sing N N 333 
TYR N   CA   sing N N 334 
TYR N   H    sing N N 335 
TYR N   H2   sing N N 336 
TYR CA  C    sing N N 337 
TYR CA  CB   sing N N 338 
TYR CA  HA   sing N N 339 
TYR C   O    doub N N 340 
TYR C   OXT  sing N N 341 
TYR CB  CG   sing N N 342 
TYR CB  HB2  sing N N 343 
TYR CB  HB3  sing N N 344 
TYR CG  CD1  doub Y N 345 
TYR CG  CD2  sing Y N 346 
TYR CD1 CE1  sing Y N 347 
TYR CD1 HD1  sing N N 348 
TYR CD2 CE2  doub Y N 349 
TYR CD2 HD2  sing N N 350 
TYR CE1 CZ   doub Y N 351 
TYR CE1 HE1  sing N N 352 
TYR CE2 CZ   sing Y N 353 
TYR CE2 HE2  sing N N 354 
TYR CZ  OH   sing N N 355 
TYR OH  HH   sing N N 356 
TYR OXT HXT  sing N N 357 
VAL N   CA   sing N N 358 
VAL N   H    sing N N 359 
VAL N   H2   sing N N 360 
VAL CA  C    sing N N 361 
VAL CA  CB   sing N N 362 
VAL CA  HA   sing N N 363 
VAL C   O    doub N N 364 
VAL C   OXT  sing N N 365 
VAL CB  CG1  sing N N 366 
VAL CB  CG2  sing N N 367 
VAL CB  HB   sing N N 368 
VAL CG1 HG11 sing N N 369 
VAL CG1 HG12 sing N N 370 
VAL CG1 HG13 sing N N 371 
VAL CG2 HG21 sing N N 372 
VAL CG2 HG22 sing N N 373 
VAL CG2 HG23 sing N N 374 
VAL OXT HXT  sing N N 375 
# 
_pdbx_audit_support.funding_organization   
'National Institutes of Health/National Institute Of Allergy and Infectious Diseases (NIH/NIAID)' 
_pdbx_audit_support.country                'United States' 
_pdbx_audit_support.grant_number           ? 
_pdbx_audit_support.ordinal                1 
# 
_space_group.name_H-M_alt     'P 41 21 2' 
_space_group.name_Hall        'P 4abw 2nw' 
_space_group.IT_number        92 
_space_group.crystal_system   tetragonal 
_space_group.id               1 
# 
_atom_sites.entry_id                    8VVA 
_atom_sites.Cartn_transf_matrix[1][1]   ? 
_atom_sites.Cartn_transf_matrix[1][2]   ? 
_atom_sites.Cartn_transf_matrix[1][3]   ? 
_atom_sites.Cartn_transf_matrix[2][1]   ? 
_atom_sites.Cartn_transf_matrix[2][2]   ? 
_atom_sites.Cartn_transf_matrix[2][3]   ? 
_atom_sites.Cartn_transf_matrix[3][1]   ? 
_atom_sites.Cartn_transf_matrix[3][2]   ? 
_atom_sites.Cartn_transf_matrix[3][3]   ? 
_atom_sites.Cartn_transf_vector[1]      ? 
_atom_sites.Cartn_transf_vector[2]      ? 
_atom_sites.Cartn_transf_vector[3]      ? 
_atom_sites.Cartn_transform_axes        ? 
_atom_sites.fract_transf_matrix[1][1]   0.00786575 
_atom_sites.fract_transf_matrix[1][2]   0.00530874 
_atom_sites.fract_transf_matrix[1][3]   -0.00847629 
_atom_sites.fract_transf_matrix[2][1]   0.00991867 
_atom_sites.fract_transf_matrix[2][2]   -0.00552551 
_atom_sites.fract_transf_matrix[2][3]   0.00574359 
_atom_sites.fract_transf_matrix[3][1]   -0.00161548 
_atom_sites.fract_transf_matrix[3][2]   -0.01277502 
_atom_sites.fract_transf_matrix[3][3]   -0.00950017 
_atom_sites.fract_transf_vector[1]      0.398260 
_atom_sites.fract_transf_vector[2]      0.835811 
_atom_sites.fract_transf_vector[3]      0.278387 
_atom_sites.solution_primary            ? 
_atom_sites.solution_secondary          ? 
_atom_sites.solution_hydrogens          ? 
_atom_sites.special_details             ? 
# 
loop_
_atom_type.symbol 
_atom_type.scat_dispersion_real 
_atom_type.scat_dispersion_imag 
_atom_type.scat_Cromer_Mann_a1 
_atom_type.scat_Cromer_Mann_a2 
_atom_type.scat_Cromer_Mann_b1 
_atom_type.scat_Cromer_Mann_b2 
_atom_type.scat_Cromer_Mann_c 
_atom_type.scat_source 
_atom_type.scat_dispersion_source 
C  ? ? 3.54356  2.42580 25.62398 1.50364  0.0 
;2-Gaussian fit: Grosse-Kunstleve RW, Sauter NK, Adams PD: Newsletter of the IUCr Commission on Crystallographic Computing 2004, 3, 22-31.
;
? 
N  ? ? 4.01032  2.96436 19.97189 1.75589  0.0 
;2-Gaussian fit: Grosse-Kunstleve RW, Sauter NK, Adams PD: Newsletter of the IUCr Commission on Crystallographic Computing 2004, 3, 22-31.
;
? 
O  ? ? 4.49882  3.47563 15.80542 1.70748  0.0 
;2-Gaussian fit: Grosse-Kunstleve RW, Sauter NK, Adams PD: Newsletter of the IUCr Commission on Crystallographic Computing 2004, 3, 22-31.
;
? 
S  ? ? 9.55732  6.39887 1.23737  29.19336 0.0 
;2-Gaussian fit: Grosse-Kunstleve RW, Sauter NK, Adams PD: Newsletter of the IUCr Commission on Crystallographic Computing 2004, 3, 22-31.
;
? 
SE ? ? 26.02326 7.89457 1.54240  29.12501 0.0 
;2-Gaussian fit: Grosse-Kunstleve RW, Sauter NK, Adams PD: Newsletter of the IUCr Commission on Crystallographic Computing 2004, 3, 22-31.
;
? 
# 
loop_
_atom_site.group_PDB 
_atom_site.id 
_atom_site.type_symbol 
_atom_site.label_atom_id 
_atom_site.label_alt_id 
_atom_site.label_comp_id 
_atom_site.label_asym_id 
_atom_site.label_entity_id 
_atom_site.label_seq_id 
_atom_site.pdbx_PDB_ins_code 
_atom_site.Cartn_x 
_atom_site.Cartn_y 
_atom_site.Cartn_z 
_atom_site.occupancy 
_atom_site.B_iso_or_equiv 
_atom_site.pdbx_formal_charge 
_atom_site.auth_seq_id 
_atom_site.auth_comp_id 
_atom_site.auth_asym_id 
_atom_site.auth_atom_id 
_atom_site.pdbx_PDB_model_num 
ATOM   1    N  N   . SER A 1 2  ? 0.87524   -17.81841 4.75430   1.000 53.03804 ? 2   SER A N   1 
ATOM   2    C  CA  . SER A 1 2  ? 1.62249   -18.82483 5.49450   1.000 54.44928 ? 2   SER A CA  1 
ATOM   3    C  C   . SER A 1 2  ? 1.61709   -20.15075 4.74116   1.000 59.29250 ? 2   SER A C   1 
ATOM   4    O  O   . SER A 1 2  ? 2.64669   -20.82370 4.64382   1.000 60.45186 ? 2   SER A O   1 
ATOM   5    C  CB  . SER A 1 2  ? 1.03791   -19.00253 6.89723   1.000 64.72931 ? 2   SER A CB  1 
ATOM   6    O  OG  . SER A 1 2  ? 0.77423   -17.74544 7.50126   1.000 65.65891 ? 2   SER A OG  1 
ATOM   7    N  N   . LYS A 1 3  ? 0.45514   -20.52356 4.20489   1.000 55.14809 ? 3   LYS A N   1 
ATOM   8    C  CA  . LYS A 1 3  ? 0.35285   -21.76429 3.44585   1.000 59.03752 ? 3   LYS A CA  1 
ATOM   9    C  C   . LYS A 1 3  ? -0.14306  -21.50598 2.02775   1.000 52.98053 ? 3   LYS A C   1 
ATOM   10   O  O   . LYS A 1 3  ? -1.05155  -22.19322 1.54928   1.000 52.91256 ? 3   LYS A O   1 
ATOM   11   C  CB  . LYS A 1 3  ? -0.56882  -22.76527 4.15604   1.000 61.90708 ? 3   LYS A CB  1 
ATOM   12   C  CG  . LYS A 1 3  ? -1.44670  -22.17420 5.25815   1.000 64.28565 ? 3   LYS A CG  1 
ATOM   13   C  CD  . LYS A 1 3  ? -2.14148  -23.28105 6.05103   1.000 63.88812 ? 3   LYS A CD  1 
ATOM   14   C  CE  . LYS A 1 3  ? -3.28357  -22.74014 6.89981   1.000 65.98148 ? 3   LYS A CE  1 
ATOM   15   N  NZ  . LYS A 1 3  ? -3.84537  -23.78438 7.80691   1.000 63.28086 ? 3   LYS A NZ  1 
ATOM   16   N  N   . THR A 1 4  ? 0.44519   -20.52611 1.34186   1.000 49.58259 ? 4   THR A N   1 
ATOM   17   C  CA  . THR A 1 4  ? 0.04570   -20.23959 -0.02948  1.000 37.45243 ? 4   THR A CA  1 
ATOM   18   C  C   . THR A 1 4  ? 1.23020   -19.69634 -0.81612  1.000 35.14398 ? 4   THR A C   1 
ATOM   19   O  O   . THR A 1 4  ? 1.85015   -18.70445 -0.41330  1.000 31.35917 ? 4   THR A O   1 
ATOM   20   C  CB  . THR A 1 4  ? -1.11686  -19.24101 -0.06813  1.000 38.14931 ? 4   THR A CB  1 
ATOM   21   O  OG1 . THR A 1 4  ? -2.27852  -19.83173 0.52999   1.000 41.59927 ? 4   THR A OG1 1 
ATOM   22   C  CG2 . THR A 1 4  ? -1.43719  -18.86467 -1.49755  1.000 34.72669 ? 4   THR A CG2 1 
ATOM   23   N  N   . ASN A 1 5  ? 1.52764   -20.34710 -1.94002  1.000 28.27324 ? 5   ASN A N   1 
ATOM   24   C  CA  . ASN A 1 5  ? 2.59503   -19.91840 -2.83456  1.000 31.90972 ? 5   ASN A CA  1 
ATOM   25   C  C   . ASN A 1 5  ? 2.01154   -19.02499 -3.91784  1.000 28.32106 ? 5   ASN A C   1 
ATOM   26   O  O   . ASN A 1 5  ? 0.96385   -19.33885 -4.50078  1.000 28.99919 ? 5   ASN A O   1 
ATOM   27   C  CB  . ASN A 1 5  ? 3.29701   -21.11840 -3.47265  1.000 32.09647 ? 5   ASN A CB  1 
ATOM   28   C  CG  . ASN A 1 5  ? 3.79675   -22.10462 -2.44466  1.000 36.23607 ? 5   ASN A CG  1 
ATOM   29   O  OD1 . ASN A 1 5  ? 4.81091   -21.86940 -1.78667  1.000 38.29826 ? 5   ASN A OD1 1 
ATOM   30   N  ND2 . ASN A 1 5  ? 3.08116   -23.21079 -2.28733  1.000 39.96025 ? 5   ASN A ND2 1 
ATOM   31   N  N   . VAL A 1 6  ? 2.68108   -17.90825 -4.17564  1.000 23.83389 ? 6   VAL A N   1 
ATOM   32   C  CA  . VAL A 1 6  ? 2.22168   -16.94876 -5.16947  1.000 24.78872 ? 6   VAL A CA  1 
ATOM   33   C  C   . VAL A 1 6  ? 3.42151   -16.42372 -5.94043  1.000 26.63992 ? 6   VAL A C   1 
ATOM   34   O  O   . VAL A 1 6  ? 4.41722   -16.01727 -5.33103  1.000 26.11142 ? 6   VAL A O   1 
ATOM   35   C  CB  . VAL A 1 6  ? 1.46727   -15.76568 -4.52707  1.000 28.34276 ? 6   VAL A CB  1 
ATOM   36   C  CG1 . VAL A 1 6  ? 0.85939   -14.90766 -5.61878  1.000 28.45126 ? 6   VAL A CG1 1 
ATOM   37   C  CG2 . VAL A 1 6  ? 0.40032   -16.25010 -3.55176  1.000 28.89040 ? 6   VAL A CG2 1 
ATOM   38   N  N   . ARG A 1 7  ? 3.32272   -16.42466 -7.27591  1.000 24.00630 ? 7   ARG A N   1 
ATOM   39   C  CA  . ARG A 1 7  ? 4.27403   -15.75800 -8.16050  1.000 26.96567 ? 7   ARG A CA  1 
ATOM   40   C  C   . ARG A 1 7  ? 3.58381   -14.56920 -8.80642  1.000 27.83873 ? 7   ARG A C   1 
ATOM   41   O  O   . ARG A 1 7  ? 2.53701   -14.73283 -9.44588  1.000 26.01203 ? 7   ARG A O   1 
ATOM   42   C  CB  . ARG A 1 7  ? 4.79043   -16.69685 -9.25003  1.000 29.66077 ? 7   ARG A CB  1 
ATOM   43   C  CG  . ARG A 1 7  ? 5.55635   -17.89263 -8.73732  1.000 36.39298 ? 7   ARG A CG  1 
ATOM   44   C  CD  . ARG A 1 7  ? 6.59344   -18.37832 -9.76281  1.000 44.29525 ? 7   ARG A CD  1 
ATOM   45   N  NE  . ARG A 1 7  ? 6.14865   -18.29641 -11.15420 1.000 48.25482 ? 7   ARG A NE  1 
ATOM   46   C  CZ  . ARG A 1 7  ? 6.78318   -17.60507 -12.09863 1.000 48.39694 ? 7   ARG A CZ  1 
ATOM   47   N  NH1 . ARG A 1 7  ? 7.88232   -16.93064 -11.78815 1.000 49.60306 ? 7   ARG A NH1 1 
ATOM   48   N  NH2 . ARG A 1 7  ? 6.32611   -17.58280 -13.34906 1.000 47.35926 ? 7   ARG A NH2 1 
ATOM   49   N  N   . ILE A 1 8  ? 4.16497   -13.38210 -8.63836  1.000 22.05636 ? 8   ILE A N   1 
ATOM   50   C  CA  . ILE A 1 8  ? 3.69656   -12.17104 -9.30867  1.000 21.69421 ? 8   ILE A CA  1 
ATOM   51   C  C   . ILE A 1 8  ? 4.91969   -11.41497 -9.80470  1.000 24.42452 ? 8   ILE A C   1 
ATOM   52   O  O   . ILE A 1 8  ? 5.81610   -11.10423 -9.01588  1.000 23.61480 ? 8   ILE A O   1 
ATOM   53   C  CB  . ILE A 1 8  ? 2.85078   -11.27528 -8.38657  1.000 20.49771 ? 8   ILE A CB  1 
ATOM   54   C  CG1 . ILE A 1 8  ? 1.54298   -11.97965 -8.03021  1.000 22.58767 ? 8   ILE A CG1 1 
ATOM   55   C  CG2 . ILE A 1 8  ? 2.55399   -9.94279  -9.06285  1.000 21.90116 ? 8   ILE A CG2 1 
ATOM   56   C  CD1 . ILE A 1 8  ? 0.75789   -11.29198 -6.91583  1.000 21.19923 ? 8   ILE A CD1 1 
ATOM   57   N  N   . GLY A 1 9  ? 4.96826   -11.13194 -11.10776 1.000 23.66319 ? 9   GLY A N   1 
ATOM   58   C  CA  . GLY A 1 9  ? 6.11531   -10.41284 -11.63500 1.000 27.93657 ? 9   GLY A CA  1 
ATOM   59   C  C   . GLY A 1 9  ? 7.40529   -11.15382 -11.34107 1.000 23.17466 ? 9   GLY A C   1 
ATOM   60   O  O   . GLY A 1 9  ? 7.49096   -12.38240 -11.45245 1.000 28.23245 ? 9   GLY A O   1 
ATOM   61   N  N   . ALA A 1 10 ? 8.40733   -10.40978 -10.88973 1.000 26.57148 ? 10  ALA A N   1 
ATOM   62   C  CA  . ALA A 1 10 ? 9.71358   -10.99345 -10.59855 1.000 28.63693 ? 10  ALA A CA  1 
ATOM   63   C  C   . ALA A 1 10 ? 9.78078   -11.67583 -9.23796  1.000 30.01797 ? 10  ALA A C   1 
ATOM   64   O  O   . ALA A 1 10 ? 10.87875  -12.05460 -8.82477  1.000 28.55652 ? 10  ALA A O   1 
ATOM   65   C  CB  . ALA A 1 10 ? 10.80011  -9.91983  -10.67107 1.000 27.82151 ? 10  ALA A CB  1 
ATOM   66   N  N   . PHE A 1 11 ? 8.66038   -11.83806 -8.52464  1.000 25.14858 ? 11  PHE A N   1 
ATOM   67   C  CA  . PHE A 1 11 ? 8.69429   -12.30234 -7.14557  1.000 27.80202 ? 11  PHE A CA  1 
ATOM   68   C  C   . PHE A 1 11 ? 7.93542   -13.60548 -6.96554  1.000 27.85656 ? 11  PHE A C   1 
ATOM   69   O  O   . PHE A 1 11 ? 6.95609   -13.87754 -7.66061  1.000 29.33927 ? 11  PHE A O   1 
ATOM   70   C  CB  . PHE A 1 11 ? 8.12170   -11.23679 -6.19918  1.000 25.01598 ? 11  PHE A CB  1 
ATOM   71   C  CG  . PHE A 1 11 ? 8.89215   -9.95957  -6.23798  1.000 24.80426 ? 11  PHE A CG  1 
ATOM   72   C  CD1 . PHE A 1 11 ? 10.09182  -9.84881  -5.55449  1.000 28.68391 ? 11  PHE A CD1 1 
ATOM   73   C  CD2 . PHE A 1 11 ? 8.45662   -8.89643  -7.01164  1.000 27.15454 ? 11  PHE A CD2 1 
ATOM   74   C  CE1 . PHE A 1 11 ? 10.83384  -8.67653  -5.61432  1.000 28.72990 ? 11  PHE A CE1 1 
ATOM   75   C  CE2 . PHE A 1 11 ? 9.17959   -7.73218  -7.07659  1.000 27.25431 ? 11  PHE A CE2 1 
ATOM   76   C  CZ  . PHE A 1 11 ? 10.37168  -7.61892  -6.37048  1.000 29.93056 ? 11  PHE A CZ  1 
ATOM   77   N  N   . GLU A 1 12 ? 8.41753   -14.41160 -6.01824  1.000 25.27471 ? 12  GLU A N   1 
ATOM   78   C  CA  . GLU A 1 12 ? 7.78056   -15.65728 -5.61333  1.000 26.96886 ? 12  GLU A CA  1 
ATOM   79   C  C   . GLU A 1 12 ? 7.77726   -15.69751 -4.09515  1.000 27.62598 ? 12  GLU A C   1 
ATOM   80   O  O   . GLU A 1 12 ? 8.84248   -15.63575 -3.47350  1.000 27.82518 ? 12  GLU A O   1 
ATOM   81   C  CB  . GLU A 1 12 ? 8.52877   -16.86589 -6.18376  1.000 32.08632 ? 12  GLU A CB  1 
ATOM   82   C  CG  . GLU A 1 12 ? 8.11336   -18.21302 -5.63074  1.000 37.88845 ? 12  GLU A CG  1 
ATOM   83   C  CD  . GLU A 1 12 ? 8.00029   -19.25805 -6.72507  1.000 46.61098 ? 12  GLU A CD  1 
ATOM   84   O  OE1 . GLU A 1 12 ? 6.95674   -19.94303 -6.79412  1.000 50.33824 ? 12  GLU A OE1 1 
ATOM   85   O  OE2 . GLU A 1 12 ? 8.94322   -19.35843 -7.54932  1.000 46.80301 ? 12  GLU A OE2 1 
ATOM   86   N  N   . ILE A 1 13 ? 6.59076   -15.78692 -3.50189  1.000 24.92641 ? 13  ILE A N   1 
ATOM   87   C  CA  . ILE A 1 13 ? 6.44763   -15.78986 -2.05446  1.000 26.13830 ? 13  ILE A CA  1 
ATOM   88   C  C   . ILE A 1 13 ? 5.76493   -17.07606 -1.62906  1.000 23.89602 ? 13  ILE A C   1 
ATOM   89   O  O   . ILE A 1 13 ? 5.02018   -17.69789 -2.39011  1.000 28.30358 ? 13  ILE A O   1 
ATOM   90   C  CB  . ILE A 1 13 ? 5.66578   -14.56328 -1.54449  1.000 27.05375 ? 13  ILE A CB  1 
ATOM   91   C  CG1 . ILE A 1 13 ? 4.20650   -14.63621 -2.00233  1.000 27.52094 ? 13  ILE A CG1 1 
ATOM   92   C  CG2 . ILE A 1 13 ? 6.37120   -13.28343 -2.00674  1.000 25.93428 ? 13  ILE A CG2 1 
ATOM   93   C  CD1 . ILE A 1 13 ? 3.30016   -13.52809 -1.42394  1.000 24.73148 ? 13  ILE A CD1 1 
ATOM   94   N  N   . ASP A 1 14 ? 6.01873   -17.47226 -0.38395  1.000 27.27896 ? 14  ASP A N   1 
ATOM   95   C  CA  . ASP A 1 14 ? 5.36193   -18.65193 0.17103   1.000 28.77049 ? 14  ASP A CA  1 
ATOM   96   C  C   . ASP A 1 14 ? 4.56936   -18.35433 1.43724   1.000 34.54751 ? 14  ASP A C   1 
ATOM   97   O  O   . ASP A 1 14 ? 4.15241   -19.29387 2.12535   1.000 34.85440 ? 14  ASP A O   1 
ATOM   98   C  CB  . ASP A 1 14 ? 6.38401   -19.76193 0.45123   1.000 36.70009 ? 14  ASP A CB  1 
ATOM   99   C  CG  . ASP A 1 14 ? 7.40967   -19.37592 1.51808   1.000 41.31665 ? 14  ASP A CG  1 
ATOM   100  O  OD1 . ASP A 1 14 ? 7.42350   -18.20984 1.98571   1.000 42.05786 ? 14  ASP A OD1 1 
ATOM   101  O  OD2 . ASP A 1 14 ? 8.22469   -20.25434 1.88268   1.000 50.67538 ? 14  ASP A OD2 1 
ATOM   102  N  N   . ASP A 1 15 ? 4.34294   -17.08256 1.77026   1.000 27.35577 ? 15  ASP A N   1 
ATOM   103  C  CA  . ASP A 1 15 ? 3.70117   -16.74305 3.03382   1.000 30.08624 ? 15  ASP A CA  1 
ATOM   104  C  C   . ASP A 1 15 ? 2.43744   -15.91097 2.84133   1.000 28.67939 ? 15  ASP A C   1 
ATOM   105  O  O   . ASP A 1 15 ? 2.03509   -15.18860 3.75621   1.000 27.35364 ? 15  ASP A O   1 
ATOM   106  C  CB  . ASP A 1 15 ? 4.68294   -16.02631 3.96655   1.000 29.85466 ? 15  ASP A CB  1 
ATOM   107  C  CG  . ASP A 1 15 ? 5.22159   -14.74151 3.37779   1.000 32.96647 ? 15  ASP A CG  1 
ATOM   108  O  OD1 . ASP A 1 15 ? 4.89706   -14.44478 2.21056   1.000 29.02315 ? 15  ASP A OD1 1 
ATOM   109  O  OD2 . ASP A 1 15 ? 5.99305   -14.03982 4.07366   1.000 33.93562 ? 15  ASP A OD2 1 
ATOM   110  N  N   . ALA A 1 16 ? 1.80605   -15.98839 1.67332   1.000 24.31653 ? 16  ALA A N   1 
ATOM   111  C  CA  . ALA A 1 16 ? 0.50556   -15.35207 1.51633   1.000 28.01855 ? 16  ALA A CA  1 
ATOM   112  C  C   . ALA A 1 16 ? -0.54904  -16.17410 2.25175   1.000 30.41690 ? 16  ALA A C   1 
ATOM   113  O  O   . ALA A 1 16 ? -0.32491  -17.32975 2.60323   1.000 32.73062 ? 16  ALA A O   1 
ATOM   114  C  CB  . ALA A 1 16 ? 0.14473   -15.22211 0.03894   1.000 27.19370 ? 16  ALA A CB  1 
ATOM   115  N  N   . GLU A 1 17 ? -1.70934  -15.57708 2.50114   1.000 30.73343 ? 17  GLU A N   1 
ATOM   116  C  CA  . GLU A 1 17 ? -2.78483  -16.32594 3.14217   1.000 34.20106 ? 17  GLU A CA  1 
ATOM   117  C  C   . GLU A 1 17 ? -4.02564  -16.26835 2.26787   1.000 34.97561 ? 17  GLU A C   1 
ATOM   118  O  O   . GLU A 1 17 ? -4.56417  -15.18645 2.00708   1.000 29.86815 ? 17  GLU A O   1 
ATOM   119  C  CB  . GLU A 1 17 ? -3.06953  -15.82820 4.55934   1.000 37.67917 ? 17  GLU A CB  1 
ATOM   120  C  CG  . GLU A 1 17 ? -3.54336  -16.96486 5.48431   1.000 48.83065 ? 17  GLU A CG  1 
ATOM   121  C  CD  . GLU A 1 17 ? -2.38790  -17.81687 6.02597   1.000 58.96691 ? 17  GLU A CD  1 
ATOM   122  O  OE1 . GLU A 1 17 ? -2.20157  -18.96623 5.55018   1.000 60.65326 ? 17  GLU A OE1 1 
ATOM   123  O  OE2 . GLU A 1 17 ? -1.67462  -17.34304 6.93950   1.000 60.53807 ? 17  GLU A OE2 1 
ATOM   124  N  N   . LEU A 1 18 ? -4.45082  -17.43829 1.79509   1.000 32.38904 ? 18  LEU A N   1 
ATOM   125  C  CA  . LEU A 1 18 ? -5.62101  -17.58310 0.94029   1.000 34.19285 ? 18  LEU A CA  1 
ATOM   126  C  C   . LEU A 1 18 ? -6.81334  -17.84689 1.84463   1.000 37.60087 ? 18  LEU A C   1 
ATOM   127  O  O   . LEU A 1 18 ? -6.87701  -18.88429 2.50293   1.000 40.08029 ? 18  LEU A O   1 
ATOM   128  C  CB  . LEU A 1 18 ? -5.42068  -18.72142 -0.06123  1.000 35.70448 ? 18  LEU A CB  1 
ATOM   129  C  CG  . LEU A 1 18 ? -6.53755  -19.00014 -1.07568  1.000 42.43320 ? 18  LEU A CG  1 
ATOM   130  C  CD1 . LEU A 1 18 ? -6.80896  -17.80948 -1.98076  1.000 36.27334 ? 18  LEU A CD1 1 
ATOM   131  C  CD2 . LEU A 1 18 ? -6.22537  -20.23470 -1.91730  1.000 41.12653 ? 18  LEU A CD2 1 
ATOM   132  N  N   . HIS A 1 19 ? -7.73470  -16.89628 1.90279   1.000 35.76954 ? 19  HIS A N   1 
ATOM   133  C  CA  . HIS A 1 19 ? -8.92267  -17.05253 2.72211   1.000 37.77875 ? 19  HIS A CA  1 
ATOM   134  C  C   . HIS A 1 19 ? -9.96269  -17.87921 1.97330   1.000 41.36976 ? 19  HIS A C   1 
ATOM   135  O  O   . HIS A 1 19 ? -9.89190  -18.05646 0.75526   1.000 41.98835 ? 19  HIS A O   1 
ATOM   136  C  CB  . HIS A 1 19 ? -9.47635  -15.67917 3.11056   1.000 36.09342 ? 19  HIS A CB  1 
ATOM   137  C  CG  . HIS A 1 19 ? -8.43779  -14.75738 3.67540   1.000 37.93455 ? 19  HIS A CG  1 
ATOM   138  N  ND1 . HIS A 1 19 ? -7.96945  -13.65106 2.99753   1.000 39.47117 ? 19  HIS A ND1 1 
ATOM   139  C  CD2 . HIS A 1 19 ? -7.75721  -14.79574 4.84498   1.000 37.92045 ? 19  HIS A CD2 1 
ATOM   140  C  CE1 . HIS A 1 19 ? -7.05172  -13.04346 3.73016   1.000 36.71004 ? 19  HIS A CE1 1 
ATOM   141  N  NE2 . HIS A 1 19 ? -6.90688  -13.71665 4.85735   1.000 43.82093 ? 19  HIS A NE2 1 
ATOM   142  N  N   . GLY A 1 20 ? -10.91902 -18.41956 2.71986   1.000 44.62745 ? 20  GLY A N   1 
ATOM   143  C  CA  . GLY A 1 20 ? -12.01096 -19.12645 2.08778   1.000 46.17944 ? 20  GLY A CA  1 
ATOM   144  C  C   . GLY A 1 20 ? -12.98404 -18.17116 1.43107   1.000 43.84920 ? 20  GLY A C   1 
ATOM   145  O  O   . GLY A 1 20 ? -12.99768 -16.97095 1.70497   1.000 44.89847 ? 20  GLY A O   1 
ATOM   146  N  N   . GLU A 1 21 ? -13.80282 -18.70862 0.53128   1.000 43.59678 ? 21  GLU A N   1 
ATOM   147  C  CA  . GLU A 1 21 ? -14.85235 -17.89001 -0.05120  1.000 43.42601 ? 21  GLU A CA  1 
ATOM   148  C  C   . GLU A 1 21 ? -15.76617 -17.38721 1.05833   1.000 41.81431 ? 21  GLU A C   1 
ATOM   149  O  O   . GLU A 1 21 ? -16.09942 -18.11611 1.99539   1.000 46.74748 ? 21  GLU A O   1 
ATOM   150  C  CB  . GLU A 1 21 ? -15.64762 -18.66573 -1.10163  1.000 49.54406 ? 21  GLU A CB  1 
ATOM   151  C  CG  . GLU A 1 21 ? -16.33869 -17.73446 -2.09831  1.000 51.76160 ? 21  GLU A CG  1 
ATOM   152  C  CD  . GLU A 1 21 ? -17.48603 -18.38947 -2.83613  1.000 59.77999 ? 21  GLU A CD  1 
ATOM   153  O  OE1 . GLU A 1 21 ? -17.27254 -19.45741 -3.45234  1.000 68.16873 ? 21  GLU A OE1 1 
ATOM   154  O  OE2 . GLU A 1 21 ? -18.60425 -17.83218 -2.79837  1.000 62.30090 ? 21  GLU A OE2 1 
ATOM   155  N  N   . HIS A 1 22 ? -16.14457 -16.12082 0.95819   1.000 42.17229 ? 22  HIS A N   1 
ATOM   156  C  CA  . HIS A 1 22 ? -16.73900 -15.40769 2.08010   1.000 41.37857 ? 22  HIS A CA  1 
ATOM   157  C  C   . HIS A 1 22 ? -17.45621 -14.20106 1.50386   1.000 40.20357 ? 22  HIS A C   1 
ATOM   158  O  O   . HIS A 1 22 ? -16.83893 -13.40620 0.78947   1.000 34.66450 ? 22  HIS A O   1 
ATOM   159  C  CB  . HIS A 1 22 ? -15.64629 -15.00781 3.07872   1.000 44.04054 ? 22  HIS A CB  1 
ATOM   160  C  CG  . HIS A 1 22 ? -16.07591 -14.00791 4.10456   1.000 47.72895 ? 22  HIS A CG  1 
ATOM   161  N  ND1 . HIS A 1 22 ? -16.88809 -14.33463 5.16968   1.000 51.96023 ? 22  HIS A ND1 1 
ATOM   162  C  CD2 . HIS A 1 22 ? -15.78104 -12.69276 4.24492   1.000 47.43764 ? 22  HIS A CD2 1 
ATOM   163  C  CE1 . HIS A 1 22 ? -17.08288 -13.26108 5.91590   1.000 50.73210 ? 22  HIS A CE1 1 
ATOM   164  N  NE2 . HIS A 1 22 ? -16.42593 -12.25056 5.37517   1.000 48.69282 ? 22  HIS A NE2 1 
ATOM   165  N  N   . GLN A 1 23 ? -18.75997 -14.09250 1.77094   1.000 38.21896 ? 23  GLN A N   1 
ATOM   166  C  CA  . GLN A 1 23 ? -19.58968 -13.02115 1.22509   1.000 38.09079 ? 23  GLN A CA  1 
ATOM   167  C  C   . GLN A 1 23 ? -19.40957 -12.88904 -0.28784  1.000 34.09717 ? 23  GLN A C   1 
ATOM   168  O  O   . GLN A 1 23 ? -19.31275 -11.78980 -0.84173  1.000 35.73633 ? 23  GLN A O   1 
ATOM   169  C  CB  . GLN A 1 23 ? -19.32266 -11.69959 1.95273   1.000 37.23898 ? 23  GLN A CB  1 
ATOM   170  C  CG  . GLN A 1 23 ? -19.59484 -11.82012 3.45764   1.000 42.29094 ? 23  GLN A CG  1 
ATOM   171  C  CD  . GLN A 1 23 ? -19.25041 -10.57534 4.25673   1.000 49.67436 ? 23  GLN A CD  1 
ATOM   172  O  OE1 . GLN A 1 23 ? -18.89694 -10.65773 5.44241   1.000 50.84608 ? 23  GLN A OE1 1 
ATOM   173  N  NE2 . GLN A 1 23 ? -19.36546 -9.41210  3.62142   1.000 49.49855 ? 23  GLN A NE2 1 
ATOM   174  N  N   . GLY A 1 24 ? -19.36898 -14.03057 -0.96423  1.000 31.84230 ? 24  GLY A N   1 
ATOM   175  C  CA  . GLY A 1 24 ? -19.45169 -14.03072 -2.40742  1.000 40.23541 ? 24  GLY A CA  1 
ATOM   176  C  C   . GLY A 1 24 ? -18.16705 -13.71442 -3.13035  1.000 43.38915 ? 24  GLY A C   1 
ATOM   177  O  O   . GLY A 1 24 ? -18.21011 -13.37747 -4.31918  1.000 39.48243 ? 24  GLY A O   1 
ATOM   178  N  N   . GLU A 1 25 ? -17.02480 -13.81178 -2.45292  1.000 40.22605 ? 25  GLU A N   1 
ATOM   179  C  CA  . GLU A 1 25 ? -15.73940 -13.59090 -3.10162  1.000 38.47467 ? 25  GLU A CA  1 
ATOM   180  C  C   . GLU A 1 25 ? -14.66018 -14.33795 -2.33054  1.000 40.03451 ? 25  GLU A C   1 
ATOM   181  O  O   . GLU A 1 25 ? -14.84105 -14.72785 -1.17152  1.000 37.11888 ? 25  GLU A O   1 
ATOM   182  C  CB  . GLU A 1 25 ? -15.40409 -12.09581 -3.20570  1.000 37.76025 ? 25  GLU A CB  1 
ATOM   183  C  CG  . GLU A 1 25 ? -15.02285 -11.47112 -1.89015  1.000 34.05499 ? 25  GLU A CG  1 
ATOM   184  C  CD  . GLU A 1 25 ? -14.65609 -9.99886  -1.99210  1.000 40.94429 ? 25  GLU A CD  1 
ATOM   185  O  OE1 . GLU A 1 25 ? -14.47189 -9.47310  -3.11547  1.000 39.82958 ? 25  GLU A OE1 1 
ATOM   186  O  OE2 . GLU A 1 25 ? -14.54593 -9.36247  -0.92525  1.000 43.18701 ? 25  GLU A OE2 1 
ATOM   187  N  N   . ARG A 1 26 ? -13.52966 -14.53413 -2.99759  1.000 36.28907 ? 26  ARG A N   1 
ATOM   188  C  CA  . ARG A 1 26 ? -12.36452 -15.14623 -2.38724  1.000 33.91294 ? 26  ARG A CA  1 
ATOM   189  C  C   . ARG A 1 26 ? -11.21569 -14.15650 -2.46950  1.000 26.93993 ? 26  ARG A C   1 
ATOM   190  O  O   . ARG A 1 26 ? -11.00527 -13.54832 -3.51848  1.000 30.72482 ? 26  ARG A O   1 
ATOM   191  C  CB  . ARG A 1 26 ? -11.99217 -16.45521 -3.07678  1.000 40.83898 ? 26  ARG A CB  1 
ATOM   192  C  CG  . ARG A 1 26 ? -11.10791 -17.32742 -2.21352  1.000 43.30465 ? 26  ARG A CG  1 
ATOM   193  C  CD  . ARG A 1 26 ? -11.18127 -18.79712 -2.62275  1.000 48.88372 ? 26  ARG A CD  1 
ATOM   194  N  NE  . ARG A 1 26 ? -10.42522 -19.64109 -1.69950  1.000 45.98559 ? 26  ARG A NE  1 
ATOM   195  C  CZ  . ARG A 1 26 ? -10.48804 -20.96840 -1.67466  1.000 52.46614 ? 26  ARG A CZ  1 
ATOM   196  N  NH1 . ARG A 1 26 ? -11.27412 -21.61203 -2.53007  1.000 57.01904 ? 26  ARG A NH1 1 
ATOM   197  N  NH2 . ARG A 1 26 ? -9.76410  -21.65205 -0.79623  1.000 51.55196 ? 26  ARG A NH2 1 
ATOM   198  N  N   . THR A 1 27 ? -10.50449 -13.98386 -1.36329  1.000 30.09272 ? 27  THR A N   1 
ATOM   199  C  CA  . THR A 1 27 ? -9.42331  -13.01484 -1.27677  1.000 28.21539 ? 27  THR A CA  1 
ATOM   200  C  C   . THR A 1 27 ? -8.13235  -13.68808 -0.82594  1.000 25.76550 ? 27  THR A C   1 
ATOM   201  O  O   . THR A 1 27 ? -8.13333  -14.77870 -0.24357  1.000 30.31047 ? 27  THR A O   1 
ATOM   202  C  CB  . THR A 1 27 ? -9.75892  -11.87107 -0.30722  1.000 28.06118 ? 27  THR A CB  1 
ATOM   203  O  OG1 . THR A 1 27 ? -9.87059  -12.39553 1.01730   1.000 31.30322 ? 27  THR A OG1 1 
ATOM   204  C  CG2 . THR A 1 27 ? -11.08557 -11.20196 -0.69290  1.000 32.27772 ? 27  THR A CG2 1 
ATOM   205  N  N   . LEU A 1 28 ? -7.02893  -12.98128 -1.07776  1.000 25.52774 ? 28  LEU A N   1 
ATOM   206  C  CA  . LEU A 1 28 ? -5.68295  -13.41516 -0.74144  1.000 27.18128 ? 28  LEU A CA  1 
ATOM   207  C  C   . LEU A 1 28 ? -4.96241  -12.22757 -0.11855  1.000 23.91554 ? 28  LEU A C   1 
ATOM   208  O  O   . LEU A 1 28 ? -5.00644  -11.13612 -0.68233  1.000 24.80565 ? 28  LEU A O   1 
ATOM   209  C  CB  . LEU A 1 28 ? -4.95569  -13.88097 -2.01227  1.000 29.97426 ? 28  LEU A CB  1 
ATOM   210  C  CG  . LEU A 1 28 ? -3.45508  -14.12245 -2.00701  1.000 29.73150 ? 28  LEU A CG  1 
ATOM   211  C  CD1 . LEU A 1 28 ? -3.21165  -15.54313 -1.55481  1.000 33.91603 ? 28  LEU A CD1 1 
ATOM   212  C  CD2 . LEU A 1 28 ? -2.89068  -13.90744 -3.40283  1.000 34.58100 ? 28  LEU A CD2 1 
ATOM   213  N  N   . SER A 1 29 ? -4.30011  -12.44315 1.01360   1.000 24.89978 ? 29  SER A N   1 
ATOM   214  C  CA  . SER A 1 29 ? -3.54242  -11.41651 1.72465   1.000 23.33812 ? 29  SER A CA  1 
ATOM   215  C  C   . SER A 1 29 ? -2.04808  -11.59794 1.47220   1.000 26.33112 ? 29  SER A C   1 
ATOM   216  O  O   . SER A 1 29 ? -1.52425  -12.70150 1.63926   1.000 26.81317 ? 29  SER A O   1 
ATOM   217  C  CB  . SER A 1 29 ? -3.84402  -11.52263 3.22378   1.000 32.55548 ? 29  SER A CB  1 
ATOM   218  O  OG  . SER A 1 29 ? -3.54652  -10.33389 3.91851   1.000 44.31839 ? 29  SER A OG  1 
ATOM   219  N  N   . ILE A 1 30 ? -1.36284  -10.51666 1.10182   1.000 21.48632 ? 30  ILE A N   1 
ATOM   220  C  CA  . ILE A 1 30 ? 0.08212   -10.55330 0.86590   1.000 20.93204 ? 30  ILE A CA  1 
ATOM   221  C  C   . ILE A 1 30 ? 0.75874   -9.68976  1.92956   1.000 23.63652 ? 30  ILE A C   1 
ATOM   222  O  O   . ILE A 1 30 ? 0.56808   -8.46175  1.93017   1.000 23.11461 ? 30  ILE A O   1 
ATOM   223  C  CB  . ILE A 1 30 ? 0.41286   -10.07205 -0.55606  1.000 21.04782 ? 30  ILE A CB  1 
ATOM   224  C  CG1 . ILE A 1 30 ? -0.13730  -11.05805 -1.59714  1.000 23.01691 ? 30  ILE A CG1 1 
ATOM   225  C  CG2 . ILE A 1 30 ? 1.91930   -9.87640  -0.73116  1.000 22.64848 ? 30  ILE A CG2 1 
ATOM   226  C  CD1 . ILE A 1 30 ? -0.05153  -10.56106 -3.02551  1.000 24.42956 ? 30  ILE A CD1 1 
ATOM   227  N  N   . PRO A 1 31 ? 1.55537   -10.27118 2.84320   1.000 24.08071 ? 31  PRO A N   1 
ATOM   228  C  CA  . PRO A 1 31 ? 2.10721   -9.52049  3.98309   1.000 22.65038 ? 31  PRO A CA  1 
ATOM   229  C  C   . PRO A 1 31 ? 3.27033   -8.63207  3.56313   1.000 23.42148 ? 31  PRO A C   1 
ATOM   230  O  O   . PRO A 1 31 ? 4.35873   -9.12069  3.24791   1.000 24.91354 ? 31  PRO A O   1 
ATOM   231  C  CB  . PRO A 1 31 ? 2.56009   -10.63214 4.94176   1.000 25.65360 ? 31  PRO A CB  1 
ATOM   232  C  CG  . PRO A 1 31 ? 2.89351   -11.78183 4.02659   1.000 24.75613 ? 31  PRO A CG  1 
ATOM   233  C  CD  . PRO A 1 31 ? 1.89420   -11.70712 2.90590   1.000 22.20894 ? 31  PRO A CD  1 
ATOM   234  N  N   . CYS A 1 32 ? 3.06070   -7.31538  3.61510   1.000 21.20066 ? 32  CYS A N   1 
ATOM   235  C  CA  . CYS A 1 32 ? 4.10195   -6.39501  3.16811   1.000 20.31290 ? 32  CYS A CA  1 
ATOM   236  C  C   . CYS A 1 32 ? 5.27126   -6.27033  4.13868   1.000 23.63206 ? 32  CYS A C   1 
ATOM   237  O  O   . CYS A 1 32 ? 6.34365   -5.82936  3.72395   1.000 23.45403 ? 32  CYS A O   1 
ATOM   238  C  CB  . CYS A 1 32 ? 3.50296   -5.02133  2.90904   1.000 23.71914 ? 32  CYS A CB  1 
ATOM   239  S  SG  . CYS A 1 32 ? 2.24173   -5.10273  1.61365   1.000 22.83792 ? 32  CYS A SG  1 
ATOM   240  N  N   . LYS A 1 33 ? 5.09843   -6.61771  5.41850   1.000 21.88970 ? 33  LYS A N   1 
ATOM   241  C  CA  . LYS A 1 33 ? 6.25608   -6.63267  6.30876   1.000 22.94900 ? 33  LYS A CA  1 
ATOM   242  C  C   . LYS A 1 33 ? 7.20289   -7.77173  5.97634   1.000 24.93657 ? 33  LYS A C   1 
ATOM   243  O  O   . LYS A 1 33 ? 8.40163   -7.68569  6.28067   1.000 30.17102 ? 33  LYS A O   1 
ATOM   244  C  CB  . LYS A 1 33 ? 5.80767   -6.75160  7.77066   1.000 26.05556 ? 33  LYS A CB  1 
ATOM   245  C  CG  . LYS A 1 33 ? 5.39285   -5.44210  8.39344   1.000 25.89615 ? 33  LYS A CG  1 
ATOM   246  C  CD  . LYS A 1 33 ? 5.12839   -5.64451  9.87710   1.000 31.59057 ? 33  LYS A CD  1 
ATOM   247  C  CE  . LYS A 1 33 ? 5.24537   -4.35463  10.66107  1.000 30.83029 ? 33  LYS A CE  1 
ATOM   248  N  NZ  . LYS A 1 33 ? 5.23241   -4.65621  12.13796  1.000 29.61663 ? 33  LYS A NZ  1 
ATOM   249  N  N   . SER A 1 34 ? 6.69954   -8.82439  5.33871   1.000 23.17232 ? 34  SER A N   1 
ATOM   250  C  CA  . SER A 1 34 ? 7.51846   -9.95163  4.91538   1.000 22.44982 ? 34  SER A CA  1 
ATOM   251  C  C   . SER A 1 34 ? 7.89889   -9.92178  3.44282   1.000 24.36618 ? 34  SER A C   1 
ATOM   252  O  O   . SER A 1 34 ? 8.96670   -10.42786 3.08365   1.000 24.88896 ? 34  SER A O   1 
ATOM   253  C  CB  . SER A 1 34 ? 6.79014   -11.26698 5.21721   1.000 24.80683 ? 34  SER A CB  1 
ATOM   254  O  OG  . SER A 1 34 ? 6.53767   -11.38527 6.60790   1.000 36.58639 ? 34  SER A OG  1 
ATOM   255  N  N   . ASP A 1 35 ? 7.06729   -9.35284  2.57370   1.000 22.47923 ? 35  ASP A N   1 
ATOM   256  C  CA  . ASP A 1 35 ? 7.33942   -9.30585  1.13852   1.000 22.71909 ? 35  ASP A CA  1 
ATOM   257  C  C   . ASP A 1 35 ? 7.32038   -7.86518  0.63660   1.000 22.02340 ? 35  ASP A C   1 
ATOM   258  O  O   . ASP A 1 35 ? 6.54385   -7.53381  -0.26632  1.000 23.25891 ? 35  ASP A O   1 
ATOM   259  C  CB  . ASP A 1 35 ? 6.31912   -10.14995 0.37705   1.000 23.17649 ? 35  ASP A CB  1 
ATOM   260  C  CG  . ASP A 1 35 ? 6.24137   -11.58495 0.88944   1.000 27.33322 ? 35  ASP A CG  1 
ATOM   261  O  OD1 . ASP A 1 35 ? 7.29072   -12.26566 0.98183   1.000 27.17964 ? 35  ASP A OD1 1 
ATOM   262  O  OD2 . ASP A 1 35 ? 5.12002   -12.03148 1.19102   1.000 27.49786 ? 35  ASP A OD2 1 
ATOM   263  N  N   . PRO A 1 36 ? 8.16700   -6.98149  1.19070   1.000 20.14833 ? 36  PRO A N   1 
ATOM   264  C  CA  . PRO A 1 36 ? 8.02380   -5.55059  0.87132   1.000 21.84626 ? 36  PRO A CA  1 
ATOM   265  C  C   . PRO A 1 36 ? 8.31730   -5.21063  -0.58460  1.000 22.04082 ? 36  PRO A C   1 
ATOM   266  O  O   . PRO A 1 36 ? 7.70892   -4.27287  -1.12222  1.000 20.28317 ? 36  PRO A O   1 
ATOM   267  C  CB  . PRO A 1 36 ? 9.02335   -4.87416  1.82158   1.000 23.68802 ? 36  PRO A CB  1 
ATOM   268  C  CG  . PRO A 1 36 ? 10.05559  -5.94482  2.11795   1.000 24.42657 ? 36  PRO A CG  1 
ATOM   269  C  CD  . PRO A 1 36 ? 9.27458   -7.22843  2.14298   1.000 21.33261 ? 36  PRO A CD  1 
ATOM   270  N  N   . ASP A 1 37 ? 9.23032   -5.93465  -1.24264  1.000 20.58194 ? 37  ASP A N   1 
ATOM   271  C  CA  . ASP A 1 37 ? 9.55575   -5.58917  -2.62763  1.000 23.28416 ? 37  ASP A CA  1 
ATOM   272  C  C   . ASP A 1 37 ? 8.41011   -5.94088  -3.56855  1.000 20.18443 ? 37  ASP A C   1 
ATOM   273  O  O   . ASP A 1 37 ? 8.16604   -5.23122  -4.55705  1.000 21.15456 ? 37  ASP A O   1 
ATOM   274  C  CB  . ASP A 1 37 ? 10.84175  -6.28974  -3.06619  1.000 24.30867 ? 37  ASP A CB  1 
ATOM   275  C  CG  . ASP A 1 37 ? 12.01109  -5.96117  -2.15902  1.000 27.78757 ? 37  ASP A CG  1 
ATOM   276  O  OD1 . ASP A 1 37 ? 12.53075  -4.83254  -2.25332  1.000 30.05324 ? 37  ASP A OD1 1 
ATOM   277  O  OD2 . ASP A 1 37 ? 12.38784  -6.82982  -1.34219  1.000 32.61762 ? 37  ASP A OD2 1 
ATOM   278  N  N   . LEU A 1 38 ? 7.69495   -7.02493  -3.28246  1.000 21.63672 ? 38  LEU A N   1 
ATOM   279  C  CA  . LEU A 1 38 ? 6.47689   -7.30208  -4.03638  1.000 21.75148 ? 38  LEU A CA  1 
ATOM   280  C  C   . LEU A 1 38 ? 5.43449   -6.21977  -3.78479  1.000 20.72396 ? 38  LEU A C   1 
ATOM   281  O  O   . LEU A 1 38 ? 4.80176   -5.72100  -4.72191  1.000 21.10459 ? 38  LEU A O   1 
ATOM   282  C  CB  . LEU A 1 38 ? 5.93091   -8.67910  -3.66742  1.000 20.52748 ? 38  LEU A CB  1 
ATOM   283  C  CG  . LEU A 1 38 ? 4.56211   -9.07280  -4.24311  1.000 18.94157 ? 38  LEU A CG  1 
ATOM   284  C  CD1 . LEU A 1 38 ? 4.52840   -8.89882  -5.75901  1.000 22.58923 ? 38  LEU A CD1 1 
ATOM   285  C  CD2 . LEU A 1 38 ? 4.20726   -10.50370 -3.85518  1.000 23.96509 ? 38  LEU A CD2 1 
ATOM   286  N  N   . CYS A 1 39 ? 5.24368   -5.83639  -2.52145  1.000 19.98556 ? 39  CYS A N   1 
ATOM   287  C  CA  . CYS A 1 39 ? 4.24299   -4.81080  -2.23966  1.000 19.36166 ? 39  CYS A CA  1 
ATOM   288  C  C   . CYS A 1 39 ? 4.55875   -3.50581  -2.95428  1.000 20.81728 ? 39  CYS A C   1 
ATOM   289  O  O   . CYS A 1 39 ? 3.63802   -2.80293  -3.38324  1.000 22.25907 ? 39  CYS A O   1 
ATOM   290  C  CB  . CYS A 1 39 ? 4.11311   -4.59412  -0.72902  1.000 20.50570 ? 39  CYS A CB  1 
ATOM   291  S  SG  . CYS A 1 39 ? 3.22967   -5.97370  0.03817   1.000 22.50636 ? 39  CYS A SG  1 
HETATM 292  N  N   . MSE A 1 40 ? 5.83859   -3.16938  -3.10737  1.000 19.69973 ? 40  MSE A N   1 
HETATM 293  C  CA  . MSE A 1 40 ? 6.20587   -1.97597  -3.86538  1.000 19.37002 ? 40  MSE A CA  1 
HETATM 294  C  C   . MSE A 1 40 ? 5.69305   -2.06328  -5.30091  1.000 21.25934 ? 40  MSE A C   1 
HETATM 295  O  O   . MSE A 1 40 ? 5.18183   -1.08730  -5.82939  1.000 24.93889 ? 40  MSE A O   1 
HETATM 296  C  CB  . MSE A 1 40 ? 7.71819   -1.75957  -3.88841  1.000 22.84456 ? 40  MSE A CB  1 
HETATM 297  C  CG  . MSE A 1 40 ? 8.10355   -0.60506  -4.78663  1.000 21.98764 ? 40  MSE A CG  1 
HETATM 298  SE SE  . MSE A 1 40 ? 10.05658  -0.36794  -4.89245  0.697 42.93756 ? 40  MSE A SE  1 
HETATM 299  C  CE  . MSE A 1 40 ? 10.37628  0.27837   -3.21077  1.000 23.37344 ? 40  MSE A CE  1 
ATOM   300  N  N   . GLN A 1 41 ? 5.81620   -3.24169  -5.92425  1.000 18.57262 ? 41  GLN A N   1 
ATOM   301  C  CA  . GLN A 1 41 ? 5.28219   -3.38102  -7.27748  1.000 19.73690 ? 41  GLN A CA  1 
ATOM   302  C  C   . GLN A 1 41 ? 3.75547   -3.36688  -7.27766  1.000 21.01521 ? 41  GLN A C   1 
ATOM   303  O  O   . GLN A 1 41 ? 3.14531   -2.82754  -8.20923  1.000 20.38049 ? 41  GLN A O   1 
ATOM   304  C  CB  . GLN A 1 41 ? 5.80652   -4.65567  -7.93910  1.000 20.49225 ? 41  GLN A CB  1 
ATOM   305  C  CG  . GLN A 1 41 ? 7.32307   -4.64301  -8.23658  1.000 26.26605 ? 41  GLN A CG  1 
ATOM   306  C  CD  . GLN A 1 41 ? 7.79752   -3.44786  -9.09111  1.000 25.36420 ? 41  GLN A CD  1 
ATOM   307  O  OE1 . GLN A 1 41 ? 7.19659   -3.10909  -10.11558 1.000 25.29530 ? 41  GLN A OE1 1 
ATOM   308  N  NE2 . GLN A 1 41 ? 8.88731   -2.81762  -8.66820  1.000 28.69491 ? 41  GLN A NE2 1 
ATOM   309  N  N   . LEU A 1 42 ? 3.11915   -3.90035  -6.23136  1.000 18.76239 ? 42  LEU A N   1 
ATOM   310  C  CA  . LEU A 1 42 ? 1.66196   -3.81765  -6.16649  1.000 18.40088 ? 42  LEU A CA  1 
ATOM   311  C  C   . LEU A 1 42 ? 1.19313   -2.37066  -5.99511  1.000 19.56642 ? 42  LEU A C   1 
ATOM   312  O  O   . LEU A 1 42 ? 0.17032   -1.97524  -6.56301  1.000 21.49912 ? 42  LEU A O   1 
ATOM   313  C  CB  . LEU A 1 42 ? 1.13946   -4.71398  -5.03701  1.000 17.59820 ? 42  LEU A CB  1 
ATOM   314  C  CG  . LEU A 1 42 ? 1.33101   -6.21916  -5.31778  1.000 19.83173 ? 42  LEU A CG  1 
ATOM   315  C  CD1 . LEU A 1 42 ? 1.03686   -7.06257  -4.06938  1.000 21.57970 ? 42  LEU A CD1 1 
ATOM   316  C  CD2 . LEU A 1 42 ? 0.47986   -6.67054  -6.51124  1.000 22.55426 ? 42  LEU A CD2 1 
ATOM   317  N  N   . ASP A 1 43 ? 1.93749   -1.55772  -5.23550  1.000 19.34954 ? 43  ASP A N   1 
ATOM   318  C  CA  . ASP A 1 43 ? 1.56206   -0.15457  -5.05716  1.000 21.60220 ? 43  ASP A CA  1 
ATOM   319  C  C   . ASP A 1 43 ? 1.40604   0.56458   -6.39495  1.000 20.93947 ? 43  ASP A C   1 
ATOM   320  O  O   . ASP A 1 43 ? 0.46746   1.34390   -6.59057  1.000 21.83623 ? 43  ASP A O   1 
ATOM   321  C  CB  . ASP A 1 43 ? 2.61535   0.57814   -4.22746  1.000 22.38988 ? 43  ASP A CB  1 
ATOM   322  C  CG  . ASP A 1 43 ? 2.68799   0.10934   -2.79391  1.000 25.86429 ? 43  ASP A CG  1 
ATOM   323  O  OD1 . ASP A 1 43 ? 1.77653   -0.61812  -2.30620  1.000 23.48070 ? 43  ASP A OD1 1 
ATOM   324  O  OD2 . ASP A 1 43 ? 3.70463   0.47900   -2.15924  1.000 25.72225 ? 43  ASP A OD2 1 
ATOM   325  N  N   . ALA A 1 44 ? 2.36066   0.37876   -7.29874  1.000 19.30921 ? 44  ALA A N   1 
ATOM   326  C  CA  . ALA A 1 44 ? 2.41659   1.14556   -8.53746  1.000 19.08214 ? 44  ALA A CA  1 
ATOM   327  C  C   . ALA A 1 44 ? 1.73041   0.44046   -9.70164  1.000 21.42914 ? 44  ALA A C   1 
ATOM   328  O  O   . ALA A 1 44 ? 1.87335   0.88406   -10.85088 1.000 23.21255 ? 44  ALA A O   1 
ATOM   329  C  CB  . ALA A 1 44 ? 3.87329   1.46134   -8.88831  1.000 24.55737 ? 44  ALA A CB  1 
ATOM   330  N  N   . TRP A 1 45 ? 0.99885   -0.63402  -9.43150  1.000 21.06846 ? 45  TRP A N   1 
ATOM   331  C  CA  . TRP A 1 45 ? 0.31344   -1.35589  -10.49886 1.000 21.73884 ? 45  TRP A CA  1 
ATOM   332  C  C   . TRP A 1 45 ? -0.69437  -0.44164  -11.17888 1.000 24.19259 ? 45  TRP A C   1 
ATOM   333  O  O   . TRP A 1 45 ? -1.27040  0.45208   -10.55512 1.000 24.36451 ? 45  TRP A O   1 
ATOM   334  C  CB  . TRP A 1 45 ? -0.39328  -2.59149  -9.94045  1.000 21.79194 ? 45  TRP A CB  1 
ATOM   335  C  CG  . TRP A 1 45 ? -0.58305  -3.70758  -10.94709 1.000 22.18560 ? 45  TRP A CG  1 
ATOM   336  C  CD1 . TRP A 1 45 ? -1.66241  -3.89317  -11.77285 1.000 26.88017 ? 45  TRP A CD1 1 
ATOM   337  C  CD2 . TRP A 1 45 ? 0.31350   -4.79483  -11.20793 1.000 22.72009 ? 45  TRP A CD2 1 
ATOM   338  N  NE1 . TRP A 1 45 ? -1.48206  -5.02589  -12.53217 1.000 26.72723 ? 45  TRP A NE1 1 
ATOM   339  C  CE2 . TRP A 1 45 ? -0.27721  -5.59305  -12.21047 1.000 24.48075 ? 45  TRP A CE2 1 
ATOM   340  C  CE3 . TRP A 1 45 ? 1.56454   -5.16551  -10.69714 1.000 24.42860 ? 45  TRP A CE3 1 
ATOM   341  C  CZ2 . TRP A 1 45 ? 0.33635   -6.73862  -12.71147 1.000 29.27549 ? 45  TRP A CZ2 1 
ATOM   342  C  CZ3 . TRP A 1 45 ? 2.17547   -6.31636  -11.19107 1.000 27.28744 ? 45  TRP A CZ3 1 
ATOM   343  C  CH2 . TRP A 1 45 ? 1.55806   -7.08733  -12.19045 1.000 24.96968 ? 45  TRP A CH2 1 
ATOM   344  N  N   . ASP A 1 46 ? -0.90788  -0.66703  -12.47422 1.000 25.75437 ? 46  ASP A N   1 
ATOM   345  C  CA  . ASP A 1 46 ? -1.85820  0.15720   -13.20699 1.000 29.09044 ? 46  ASP A CA  1 
ATOM   346  C  C   . ASP A 1 46 ? -3.25170  -0.05107  -12.63520 1.000 28.12431 ? 46  ASP A C   1 
ATOM   347  O  O   . ASP A 1 46 ? -3.72322  -1.18577  -12.52540 1.000 30.76876 ? 46  ASP A O   1 
ATOM   348  C  CB  . ASP A 1 46 ? -1.81686  -0.18267  -14.69573 1.000 30.87598 ? 46  ASP A CB  1 
ATOM   349  C  CG  . ASP A 1 46 ? -1.01898  0.82196   -15.49795 1.000 44.42894 ? 46  ASP A CG  1 
ATOM   350  O  OD1 . ASP A 1 46 ? -0.59653  1.85131   -14.92023 1.000 46.31161 ? 46  ASP A OD1 1 
ATOM   351  O  OD2 . ASP A 1 46 ? -0.81413  0.58602   -16.71108 1.000 53.16353 ? 46  ASP A OD2 1 
ATOM   352  N  N   . ALA A 1 47 ? -3.88700  1.04387   -12.22741 1.000 27.75626 ? 47  ALA A N   1 
ATOM   353  C  CA  . ALA A 1 47 ? -5.17315  0.96677   -11.54886 1.000 28.30361 ? 47  ALA A CA  1 
ATOM   354  C  C   . ALA A 1 47 ? -6.21262  0.28889   -12.42820 1.000 31.74814 ? 47  ALA A C   1 
ATOM   355  O  O   . ALA A 1 47 ? -6.22690  0.46620   -13.64635 1.000 33.88832 ? 47  ALA A O   1 
ATOM   356  C  CB  . ALA A 1 47 ? -5.64468  2.36969   -11.16784 1.000 33.59149 ? 47  ALA A CB  1 
ATOM   357  N  N   . ASP A 1 48 ? -7.06443  -0.51934  -11.80395 1.000 30.27276 ? 48  ASP A N   1 
ATOM   358  C  CA  . ASP A 1 48 ? -8.12876  -1.23145  -12.51137 1.000 38.08213 ? 48  ASP A CA  1 
ATOM   359  C  C   . ASP A 1 48 ? -7.59152  -2.05165  -13.69181 1.000 43.37498 ? 48  ASP A C   1 
ATOM   360  O  O   . ASP A 1 48 ? -8.22251  -2.14864  -14.74711 1.000 44.46528 ? 48  ASP A O   1 
ATOM   361  C  CB  . ASP A 1 48 ? -9.21680  -0.25436  -12.96169 1.000 44.39346 ? 48  ASP A CB  1 
ATOM   362  C  CG  . ASP A 1 48 ? -9.72941  0.60443   -11.81466 1.000 48.32310 ? 48  ASP A CG  1 
ATOM   363  O  OD1 . ASP A 1 48 ? -10.49599 0.08182   -10.97231 1.000 51.66996 ? 48  ASP A OD1 1 
ATOM   364  O  OD2 . ASP A 1 48 ? -9.34484  1.79693   -11.74725 1.000 50.79996 ? 48  ASP A OD2 1 
ATOM   365  N  N   . THR A 1 49 ? -6.40504  -2.63331  -13.51948 1.000 34.26196 ? 49  THR A N   1 
ATOM   366  C  CA  . THR A 1 49 ? -5.87595  -3.65727  -14.40901 1.000 31.23818 ? 49  THR A CA  1 
ATOM   367  C  C   . THR A 1 49 ? -5.63802  -4.92024  -13.59080 1.000 32.06443 ? 49  THR A C   1 
ATOM   368  O  O   . THR A 1 49 ? -5.33335  -4.85208  -12.39544 1.000 29.96482 ? 49  THR A O   1 
ATOM   369  C  CB  . THR A 1 49 ? -4.56652  -3.21554  -15.08539 1.000 37.31395 ? 49  THR A CB  1 
ATOM   370  O  OG1 . THR A 1 49 ? -4.80416  -2.02797  -15.85319 1.000 43.75181 ? 49  THR A OG1 1 
ATOM   371  C  CG2 . THR A 1 49 ? -4.05643  -4.30233  -16.01708 1.000 38.62697 ? 49  THR A CG2 1 
ATOM   372  N  N   . SER A 1 50 ? -5.80563  -6.07878  -14.22335 1.000 26.61829 ? 50  SER A N   1 
ATOM   373  C  CA  . SER A 1 50 ? -5.61923  -7.32169  -13.49377 1.000 26.68228 ? 50  SER A CA  1 
ATOM   374  C  C   . SER A 1 50 ? -4.14374  -7.55001  -13.17202 1.000 22.84385 ? 50  SER A C   1 
ATOM   375  O  O   . SER A 1 50 ? -3.23892  -7.03337  -13.83717 1.000 26.03183 ? 50  SER A O   1 
ATOM   376  C  CB  . SER A 1 50 ? -6.15333  -8.50274  -14.30116 1.000 29.32556 ? 50  SER A CB  1 
ATOM   377  O  OG  . SER A 1 50 ? -5.42145  -8.62216  -15.50835 1.000 33.99427 ? 50  SER A OG  1 
ATOM   378  N  N   . VAL A 1 51 ? -3.92254  -8.34442  -12.13070 1.000 24.13479 ? 51  VAL A N   1 
ATOM   379  C  CA  . VAL A 1 51 ? -2.60406  -8.79543  -11.69333 1.000 24.84442 ? 51  VAL A CA  1 
ATOM   380  C  C   . VAL A 1 51 ? -2.53369  -10.29395 -11.96150 1.000 22.54454 ? 51  VAL A C   1 
ATOM   381  O  O   . VAL A 1 51 ? -3.06948  -11.07906 -11.17230 1.000 26.80114 ? 51  VAL A O   1 
ATOM   382  C  CB  . VAL A 1 51 ? -2.37801  -8.47882  -10.20372 1.000 24.54717 ? 51  VAL A CB  1 
ATOM   383  C  CG1 . VAL A 1 51 ? -0.96690  -8.92032  -9.74584  1.000 25.27934 ? 51  VAL A CG1 1 
ATOM   384  C  CG2 . VAL A 1 51 ? -2.58326  -6.99860  -9.94954  1.000 24.14402 ? 51  VAL A CG2 1 
ATOM   385  N  N   . PRO A 1 52 ? -1.93926  -10.74053 -13.06652 1.000 24.37173 ? 52  PRO A N   1 
ATOM   386  C  CA  . PRO A 1 52 ? -1.75492  -12.18650 -13.25244 1.000 24.19536 ? 52  PRO A CA  1 
ATOM   387  C  C   . PRO A 1 52 ? -0.87258  -12.74994 -12.14848 1.000 26.92384 ? 52  PRO A C   1 
ATOM   388  O  O   . PRO A 1 52 ? 0.03032   -12.08033 -11.64878 1.000 25.84284 ? 52  PRO A O   1 
ATOM   389  C  CB  . PRO A 1 52 ? -1.07807  -12.29703 -14.62636 1.000 28.18548 ? 52  PRO A CB  1 
ATOM   390  C  CG  . PRO A 1 52 ? -1.28364  -10.95348 -15.29014 1.000 29.69105 ? 52  PRO A CG  1 
ATOM   391  C  CD  . PRO A 1 52 ? -1.35647  -9.95592  -14.16355 1.000 28.19626 ? 52  PRO A CD  1 
ATOM   392  N  N   . ALA A 1 53 ? -1.15975  -13.98673 -11.75481 1.000 26.14343 ? 53  ALA A N   1 
ATOM   393  C  CA  . ALA A 1 53 ? -0.42386  -14.63981 -10.68305 1.000 25.69894 ? 53  ALA A CA  1 
ATOM   394  C  C   . ALA A 1 53 ? -0.43811  -16.14255 -10.90065 1.000 31.17548 ? 53  ALA A C   1 
ATOM   395  O  O   . ALA A 1 53 ? -1.36396  -16.68950 -11.50726 1.000 31.90747 ? 53  ALA A O   1 
ATOM   396  C  CB  . ALA A 1 53 ? -1.03159  -14.34580 -9.30834  1.000 24.69461 ? 53  ALA A CB  1 
ATOM   397  N  N   . ILE A 1 54 ? 0.58545   -16.80570 -10.37962 1.000 28.50528 ? 54  ILE A N   1 
ATOM   398  C  CA  . ILE A 1 54 ? 0.56562   -18.24815 -10.19443 1.000 29.22957 ? 54  ILE A CA  1 
ATOM   399  C  C   . ILE A 1 54 ? 0.22816   -18.49343 -8.73632  1.000 28.56030 ? 54  ILE A C   1 
ATOM   400  O  O   . ILE A 1 54 ? 0.98274   -18.09122 -7.83975  1.000 30.26076 ? 54  ILE A O   1 
ATOM   401  C  CB  . ILE A 1 54 ? 1.90775   -18.89281 -10.57803 1.000 31.74335 ? 54  ILE A CB  1 
ATOM   402  C  CG1 . ILE A 1 54 ? 2.39740   -18.35369 -11.92445 1.000 35.06715 ? 54  ILE A CG1 1 
ATOM   403  C  CG2 . ILE A 1 54 ? 1.77095   -20.41683 -10.62117 1.000 30.73758 ? 54  ILE A CG2 1 
ATOM   404  C  CD1 . ILE A 1 54 ? 1.43031   -18.57453 -13.06356 1.000 37.02411 ? 54  ILE A CD1 1 
ATOM   405  N  N   . LEU A 1 55 ? -0.91426  -19.12330 -8.49398  1.000 30.70988 ? 55  LEU A N   1 
ATOM   406  C  CA  . LEU A 1 55 ? -1.44298  -19.31851 -7.15014  1.000 29.09448 ? 55  LEU A CA  1 
ATOM   407  C  C   . LEU A 1 55 ? -1.46494  -20.81193 -6.87619  1.000 33.71490 ? 55  LEU A C   1 
ATOM   408  O  O   . LEU A 1 55 ? -2.25651  -21.54371 -7.48468  1.000 35.43891 ? 55  LEU A O   1 
ATOM   409  C  CB  . LEU A 1 55 ? -2.84251  -18.70815 -7.03083  1.000 33.24726 ? 55  LEU A CB  1 
ATOM   410  C  CG  . LEU A 1 55 ? -3.51819  -18.57660 -5.66761  1.000 37.57188 ? 55  LEU A CG  1 
ATOM   411  C  CD1 . LEU A 1 55 ? -2.62415  -17.85913 -4.70118  1.000 36.80979 ? 55  LEU A CD1 1 
ATOM   412  C  CD2 . LEU A 1 55 ? -4.82692  -17.80063 -5.82479  1.000 34.88541 ? 55  LEU A CD2 1 
ATOM   413  N  N   . ASN A 1 56 ? -0.59325  -21.25592 -5.97097  1.000 29.61808 ? 56  ASN A N   1 
ATOM   414  C  CA  . ASN A 1 56 ? -0.45317  -22.67539 -5.64273  1.000 32.99714 ? 56  ASN A CA  1 
ATOM   415  C  C   . ASN A 1 56 ? -0.25394  -23.50501 -6.90728  1.000 33.07083 ? 56  ASN A C   1 
ATOM   416  O  O   . ASN A 1 56 ? -0.79208  -24.60734 -7.04781  1.000 32.65444 ? 56  ASN A O   1 
ATOM   417  C  CB  . ASN A 1 56 ? -1.64609  -23.17979 -4.83528  1.000 30.07085 ? 56  ASN A CB  1 
ATOM   418  C  CG  . ASN A 1 56 ? -1.64281  -22.66268 -3.41003  1.000 35.50292 ? 56  ASN A CG  1 
ATOM   419  O  OD1 . ASN A 1 56 ? -0.58485  -22.42002 -2.82084  1.000 34.54497 ? 56  ASN A OD1 1 
ATOM   420  N  ND2 . ASN A 1 56 ? -2.83664  -22.49174 -2.84283  1.000 37.79816 ? 56  ASN A ND2 1 
ATOM   421  N  N   . GLY A 1 57 ? 0.52350   -22.95605 -7.84178  1.000 33.35227 ? 57  GLY A N   1 
ATOM   422  C  CA  . GLY A 1 57 ? 0.89181   -23.65300 -9.06015  1.000 36.05222 ? 57  GLY A CA  1 
ATOM   423  C  C   . GLY A 1 57 ? -0.06438  -23.50808 -10.22333 1.000 36.11532 ? 57  GLY A C   1 
ATOM   424  O  O   . GLY A 1 57 ? 0.22387   -24.03116 -11.30550 1.000 35.36970 ? 57  GLY A O   1 
ATOM   425  N  N   . GLU A 1 58 ? -1.18806  -22.82180 -10.04573 1.000 35.65684 ? 58  GLU A N   1 
ATOM   426  C  CA  . GLU A 1 58 ? -2.17960  -22.66003 -11.09841 1.000 39.74210 ? 58  GLU A CA  1 
ATOM   427  C  C   . GLU A 1 58 ? -2.23494  -21.20289 -11.53958 1.000 38.73292 ? 58  GLU A C   1 
ATOM   428  O  O   . GLU A 1 58 ? -2.17892  -20.28954 -10.70999 1.000 33.70270 ? 58  GLU A O   1 
ATOM   429  C  CB  . GLU A 1 58 ? -3.55688  -23.12617 -10.61768 1.000 39.94930 ? 58  GLU A CB  1 
ATOM   430  C  CG  . GLU A 1 58 ? -4.69113  -22.85206 -11.59063 1.000 47.09929 ? 58  GLU A CG  1 
ATOM   431  C  CD  . GLU A 1 58 ? -6.04971  -23.21634 -11.01794 1.000 57.29914 ? 58  GLU A CD  1 
ATOM   432  O  OE1 . GLU A 1 58 ? -7.04817  -23.18470 -11.77492 1.000 62.65229 ? 58  GLU A OE1 1 
ATOM   433  O  OE2 . GLU A 1 58 ? -6.11811  -23.54387 -9.81107  1.000 54.96693 ? 58  GLU A OE2 1 
ATOM   434  N  N   . HIS A 1 59 ? -2.33214  -20.99084 -12.84876 1.000 36.31269 ? 59  HIS A N   1 
ATOM   435  C  CA  . HIS A 1 59 ? -2.49464  -19.64143 -13.37237 1.000 36.50526 ? 59  HIS A CA  1 
ATOM   436  C  C   . HIS A 1 59 ? -3.79005  -19.03366 -12.85184 1.000 37.15780 ? 59  HIS A C   1 
ATOM   437  O  O   . HIS A 1 59 ? -4.83078  -19.69764 -12.77623 1.000 35.25066 ? 59  HIS A O   1 
ATOM   438  C  CB  . HIS A 1 59 ? -2.47870  -19.65495 -14.90231 1.000 40.81619 ? 59  HIS A CB  1 
ATOM   439  C  CG  . HIS A 1 59 ? -1.13558  -19.97545 -15.48002 1.000 47.43643 ? 59  HIS A CG  1 
ATOM   440  N  ND1 . HIS A 1 59 ? -0.24829  -19.00213 -15.88854 1.000 47.07972 ? 59  HIS A ND1 1 
ATOM   441  C  CD2 . HIS A 1 59 ? -0.51439  -21.16119 -15.68390 1.000 49.35562 ? 59  HIS A CD2 1 
ATOM   442  C  CE1 . HIS A 1 59 ? 0.85728   -19.57538 -16.33038 1.000 49.97895 ? 59  HIS A CE1 1 
ATOM   443  N  NE2 . HIS A 1 59 ? 0.72076   -20.88480 -16.21851 1.000 52.42502 ? 59  HIS A NE2 1 
ATOM   444  N  N   . SER A 1 60 ? -3.71483  -17.76654 -12.46112 1.000 33.39837 ? 60  SER A N   1 
ATOM   445  C  CA  . SER A 1 60 ? -4.86454  -17.11368 -11.86253 1.000 33.33577 ? 60  SER A CA  1 
ATOM   446  C  C   . SER A 1 60 ? -4.84064  -15.64139 -12.22953 1.000 30.11273 ? 60  SER A C   1 
ATOM   447  O  O   . SER A 1 60 ? -3.82196  -15.09696 -12.66602 1.000 31.85438 ? 60  SER A O   1 
ATOM   448  C  CB  . SER A 1 60 ? -4.88411  -17.27543 -10.34257 1.000 35.82897 ? 60  SER A CB  1 
ATOM   449  O  OG  . SER A 1 60 ? -4.91480  -18.64371 -9.98464  1.000 44.98990 ? 60  SER A OG  1 
ATOM   450  N  N   . VAL A 1 61 ? -5.98803  -15.00525 -12.06310 1.000 25.72776 ? 61  VAL A N   1 
ATOM   451  C  CA  . VAL A 1 61 ? -6.10814  -13.56934 -12.24049 1.000 25.51651 ? 61  VAL A CA  1 
ATOM   452  C  C   . VAL A 1 61 ? -6.53992  -12.98279 -10.90624 1.000 27.44220 ? 61  VAL A C   1 
ATOM   453  O  O   . VAL A 1 61 ? -7.52119  -13.44423 -10.30951 1.000 30.23469 ? 61  VAL A O   1 
ATOM   454  C  CB  . VAL A 1 61 ? -7.10466  -13.22025 -13.35834 1.000 31.55874 ? 61  VAL A CB  1 
ATOM   455  C  CG1 . VAL A 1 61 ? -7.14951  -11.73359 -13.56107 1.000 29.77113 ? 61  VAL A CG1 1 
ATOM   456  C  CG2 . VAL A 1 61 ? -6.70240  -13.92681 -14.66243 1.000 29.11078 ? 61  VAL A CG2 1 
ATOM   457  N  N   . LEU A 1 62 ? -5.78622  -11.99395 -10.42802 1.000 28.04706 ? 62  LEU A N   1 
ATOM   458  C  CA  . LEU A 1 62 ? -6.08989  -11.27299 -9.20162  1.000 25.57485 ? 62  LEU A CA  1 
ATOM   459  C  C   . LEU A 1 62 ? -6.37352  -9.81702  -9.53705  1.000 24.27586 ? 62  LEU A C   1 
ATOM   460  O  O   . LEU A 1 62 ? -5.96259  -9.30465  -10.58395 1.000 25.15588 ? 62  LEU A O   1 
ATOM   461  C  CB  . LEU A 1 62 ? -4.92426  -11.33559 -8.19836  1.000 24.39075 ? 62  LEU A CB  1 
ATOM   462  C  CG  . LEU A 1 62 ? -4.32404  -12.70991 -7.92340  1.000 23.38271 ? 62  LEU A CG  1 
ATOM   463  C  CD1 . LEU A 1 62 ? -3.12844  -12.57786 -6.98714  1.000 23.84503 ? 62  LEU A CD1 1 
ATOM   464  C  CD2 . LEU A 1 62 ? -5.36502  -13.65195 -7.34727  1.000 26.63600 ? 62  LEU A CD2 1 
ATOM   465  N  N   . TYR A 1 63 ? -7.07780  -9.15269  -8.62942  1.000 22.85092 ? 63  TYR A N   1 
ATOM   466  C  CA  . TYR A 1 63 ? -7.27078  -7.71343  -8.69821  1.000 22.06461 ? 63  TYR A CA  1 
ATOM   467  C  C   . TYR A 1 63 ? -6.95097  -7.15692  -7.31875  1.000 20.63353 ? 63  TYR A C   1 
ATOM   468  O  O   . TYR A 1 63 ? -7.19450  -7.82224  -6.30924  1.000 23.20016 ? 63  TYR A O   1 
ATOM   469  C  CB  . TYR A 1 63 ? -8.72305  -7.34144  -9.11899  1.000 29.84698 ? 63  TYR A CB  1 
ATOM   470  C  CG  . TYR A 1 63 ? -9.03200  -7.58866  -10.58831 1.000 27.97286 ? 63  TYR A CG  1 
ATOM   471  C  CD1 . TYR A 1 63 ? -9.62237  -8.77032  -11.00891 1.000 34.40780 ? 63  TYR A CD1 1 
ATOM   472  C  CD2 . TYR A 1 63 ? -8.71608  -6.63464  -11.54892 1.000 31.99193 ? 63  TYR A CD2 1 
ATOM   473  C  CE1 . TYR A 1 63 ? -9.89181  -8.99656  -12.35284 1.000 29.80676 ? 63  TYR A CE1 1 
ATOM   474  C  CE2 . TYR A 1 63 ? -8.98050  -6.85127  -12.89197 1.000 33.75755 ? 63  TYR A CE2 1 
ATOM   475  C  CZ  . TYR A 1 63 ? -9.57020  -8.03289  -13.28300 1.000 33.43961 ? 63  TYR A CZ  1 
ATOM   476  O  OH  . TYR A 1 63 ? -9.83604  -8.24112  -14.61934 1.000 37.49400 ? 63  TYR A OH  1 
ATOM   477  N  N   . ARG A 1 64 ? -6.36540  -5.96528  -7.27559  1.000 22.63154 ? 64  ARG A N   1 
ATOM   478  C  CA  . ARG A 1 64 ? -6.12410  -5.31367  -5.99183  1.000 21.66454 ? 64  ARG A CA  1 
ATOM   479  C  C   . ARG A 1 64 ? -7.46021  -4.92444  -5.37563  1.000 21.57229 ? 64  ARG A C   1 
ATOM   480  O  O   . ARG A 1 64 ? -8.30393  -4.31735  -6.03934  1.000 25.23391 ? 64  ARG A O   1 
ATOM   481  C  CB  . ARG A 1 64 ? -5.25579  -4.06467  -6.17549  1.000 21.67555 ? 64  ARG A CB  1 
ATOM   482  C  CG  . ARG A 1 64 ? -3.86201  -4.33166  -6.76720  1.000 22.04749 ? 64  ARG A CG  1 
ATOM   483  C  CD  . ARG A 1 64 ? -3.00477  -3.05658  -6.79218  1.000 20.92058 ? 64  ARG A CD  1 
ATOM   484  N  NE  . ARG A 1 64 ? -3.69906  -1.94820  -7.44023  1.000 21.64902 ? 64  ARG A NE  1 
ATOM   485  C  CZ  . ARG A 1 64 ? -3.27443  -0.68821  -7.43417  1.000 22.78837 ? 64  ARG A CZ  1 
ATOM   486  N  NH1 . ARG A 1 64 ? -2.14708  -0.35910  -6.81343  1.000 21.18823 ? 64  ARG A NH1 1 
ATOM   487  N  NH2 . ARG A 1 64 ? -3.97721  0.25137   -8.05863  1.000 24.56194 ? 64  ARG A NH2 1 
ATOM   488  N  N   . LYS A 1 65 ? -7.66558  -5.27593  -4.11612  1.000 20.28757 ? 65  LYS A N   1 
ATOM   489  C  CA  . LYS A 1 65 ? -8.91590  -4.92285  -3.45849  1.000 24.00936 ? 65  LYS A CA  1 
ATOM   490  C  C   . LYS A 1 65 ? -8.74210  -3.76805  -2.48798  1.000 23.93399 ? 65  LYS A C   1 
ATOM   491  O  O   . LYS A 1 65 ? -9.46753  -2.76590  -2.58785  1.000 26.51362 ? 65  LYS A O   1 
ATOM   492  C  CB  . LYS A 1 65 ? -9.49703  -6.14866  -2.73940  1.000 25.11032 ? 65  LYS A CB  1 
ATOM   493  C  CG  . LYS A 1 65 ? -10.80044 -5.91352  -2.01223  1.000 27.67135 ? 65  LYS A CG  1 
ATOM   494  C  CD  . LYS A 1 65 ? -11.17936 -7.19543  -1.28979  1.000 28.15083 ? 65  LYS A CD  1 
ATOM   495  C  CE  . LYS A 1 65 ? -12.02465 -6.92384  -0.07989  1.000 37.80493 ? 65  LYS A CE  1 
ATOM   496  N  NZ  . LYS A 1 65 ? -13.44123 -6.86582  -0.45520  1.000 38.70285 ? 65  LYS A NZ  1 
ATOM   497  N  N   . HIS A 1 66 ? -7.75201  -3.85602  -1.59879  1.000 25.32525 ? 66  HIS A N   1 
ATOM   498  C  CA  . HIS A 1 66 ? -7.68391  -2.98711  -0.43352  1.000 26.48050 ? 66  HIS A CA  1 
ATOM   499  C  C   . HIS A 1 66 ? -6.33122  -3.17232  0.23307   1.000 24.49031 ? 66  HIS A C   1 
ATOM   500  O  O   . HIS A 1 66 ? -5.86609  -4.30435  0.36325   1.000 22.34138 ? 66  HIS A O   1 
ATOM   501  C  CB  . HIS A 1 66 ? -8.82095  -3.34365  0.54050   1.000 28.03256 ? 66  HIS A CB  1 
ATOM   502  C  CG  . HIS A 1 66 ? -8.76814  -2.61697  1.84560   1.000 30.30934 ? 66  HIS A CG  1 
ATOM   503  N  ND1 . HIS A 1 66 ? -9.07223  -1.27606  1.96640   1.000 32.26813 ? 66  HIS A ND1 1 
ATOM   504  C  CD2 . HIS A 1 66 ? -8.45947  -3.04704  3.09106   1.000 29.39178 ? 66  HIS A CD2 1 
ATOM   505  C  CE1 . HIS A 1 66 ? -8.94173  -0.90958  3.23094   1.000 30.71741 ? 66  HIS A CE1 1 
ATOM   506  N  NE2 . HIS A 1 66 ? -8.57369  -1.96426  3.93403   1.000 31.77353 ? 66  HIS A NE2 1 
ATOM   507  N  N   . TYR A 1 67 ? -5.70041  -2.06847  0.65238   1.000 22.14008 ? 67  TYR A N   1 
ATOM   508  C  CA  . TYR A 1 67 ? -4.52621  -2.15868  1.51784   1.000 20.68663 ? 67  TYR A CA  1 
ATOM   509  C  C   . TYR A 1 67 ? -4.97513  -2.18594  2.97614   1.000 22.67981 ? 67  TYR A C   1 
ATOM   510  O  O   . TYR A 1 67 ? -5.58312  -1.22398  3.46471   1.000 26.86783 ? 67  TYR A O   1 
ATOM   511  C  CB  . TYR A 1 67 ? -3.53145  -1.01212  1.30284   1.000 23.15717 ? 67  TYR A CB  1 
ATOM   512  C  CG  . TYR A 1 67 ? -2.26698  -1.38218  2.00884   1.000 21.40739 ? 67  TYR A CG  1 
ATOM   513  C  CD1 . TYR A 1 67 ? -1.37401  -2.24664  1.40433   1.000 23.70105 ? 67  TYR A CD1 1 
ATOM   514  C  CD2 . TYR A 1 67 ? -2.01738  -0.99172  3.33468   1.000 22.78893 ? 67  TYR A CD2 1 
ATOM   515  C  CE1 . TYR A 1 67 ? -0.23814  -2.67685  2.05587   1.000 26.19948 ? 67  TYR A CE1 1 
ATOM   516  C  CE2 . TYR A 1 67 ? -0.86406  -1.42616  4.00122   1.000 22.88265 ? 67  TYR A CE2 1 
ATOM   517  C  CZ  . TYR A 1 67 ? 0.01967   -2.26485  3.33379   1.000 22.44322 ? 67  TYR A CZ  1 
ATOM   518  O  OH  . TYR A 1 67 ? 1.17398   -2.73196  3.93832   1.000 27.01638 ? 67  TYR A OH  1 
ATOM   519  N  N   . ASP A 1 68 ? -4.67961  -3.28673  3.66340   1.000 21.16710 ? 68  ASP A N   1 
ATOM   520  C  CA  . ASP A 1 68 ? -5.11300  -3.50153  5.04552   1.000 23.42492 ? 68  ASP A CA  1 
ATOM   521  C  C   . ASP A 1 68 ? -4.07527  -2.91199  5.99632   1.000 23.87247 ? 68  ASP A C   1 
ATOM   522  O  O   . ASP A 1 68 ? -3.00938  -3.49946  6.19953   1.000 24.16784 ? 68  ASP A O   1 
ATOM   523  C  CB  . ASP A 1 68 ? -5.31422  -4.99860  5.28720   1.000 25.17266 ? 68  ASP A CB  1 
ATOM   524  C  CG  . ASP A 1 68 ? -5.88989  -5.32045  6.65588   1.000 33.90295 ? 68  ASP A CG  1 
ATOM   525  O  OD1 . ASP A 1 68 ? -5.76673  -4.50767  7.59118   1.000 30.61929 ? 68  ASP A OD1 1 
ATOM   526  O  OD2 . ASP A 1 68 ? -6.47336  -6.41764  6.78864   1.000 38.08844 ? 68  ASP A OD2 1 
ATOM   527  N  N   . ARG A 1 69 ? -4.40238  -1.77040  6.61265   1.000 26.26666 ? 69  ARG A N   1 
ATOM   528  C  CA  . ARG A 1 69 ? -3.45362  -1.10770  7.50576   1.000 27.60968 ? 69  ARG A CA  1 
ATOM   529  C  C   . ARG A 1 69 ? -3.23708  -1.86499  8.80971   1.000 30.23952 ? 69  ARG A C   1 
ATOM   530  O  O   . ARG A 1 69 ? -2.18603  -1.70244  9.43499   1.000 30.13293 ? 69  ARG A O   1 
ATOM   531  C  CB  . ARG A 1 69 ? -3.92341  0.31475   7.81338   1.000 29.44592 ? 69  ARG A CB  1 
ATOM   532  C  CG  . ARG A 1 69 ? -3.81802  1.26343   6.64906   1.000 26.49544 ? 69  ARG A CG  1 
ATOM   533  C  CD  . ARG A 1 69 ? -4.30219  2.67903   7.02334   1.000 29.43368 ? 69  ARG A CD  1 
ATOM   534  N  NE  . ARG A 1 69 ? -5.72756  2.72151   7.33451   1.000 30.63463 ? 69  ARG A NE  1 
ATOM   535  C  CZ  . ARG A 1 69 ? -6.22597  2.97238   8.53806   1.000 37.01660 ? 69  ARG A CZ  1 
ATOM   536  N  NH1 . ARG A 1 69 ? -5.41613  3.19520   9.57712   1.000 37.10092 ? 69  ARG A NH1 1 
ATOM   537  N  NH2 . ARG A 1 69 ? -7.54012  2.98520   8.70925   1.000 39.18768 ? 69  ARG A NH2 1 
ATOM   538  N  N   . GLN A 1 70 ? -4.20682  -2.67395  9.24670   1.000 27.81035 ? 70  GLN A N   1 
ATOM   539  C  CA  . GLN A 1 70 ? -4.03970  -3.40852  10.49612  1.000 30.74906 ? 70  GLN A CA  1 
ATOM   540  C  C   . GLN A 1 70 ? -2.99335  -4.50339  10.35648  1.000 28.62649 ? 70  GLN A C   1 
ATOM   541  O  O   . GLN A 1 70 ? -2.12679  -4.66223  11.22252  1.000 31.12043 ? 70  GLN A O   1 
ATOM   542  C  CB  . GLN A 1 70 ? -5.38332  -3.99046  10.93631  1.000 32.03629 ? 70  GLN A CB  1 
ATOM   543  C  CG  . GLN A 1 70 ? -6.38517  -2.92483  11.33633  1.000 38.96615 ? 70  GLN A CG  1 
ATOM   544  C  CD  . GLN A 1 70 ? -7.35627  -2.57651  10.21957  1.000 46.77682 ? 70  GLN A CD  1 
ATOM   545  O  OE1 . GLN A 1 70 ? -6.95483  -2.34825  9.07079   1.000 48.65141 ? 70  GLN A OE1 1 
ATOM   546  N  NE2 . GLN A 1 70 ? -8.64797  -2.53577  10.55053  1.000 51.03384 ? 70  GLN A NE2 1 
ATOM   547  N  N   . SER A 1 71 ? -3.05724  -5.26917  9.27143   1.000 25.16670 ? 71  SER A N   1 
ATOM   548  C  CA  . SER A 1 71 ? -2.14809  -6.38620  9.05273   1.000 26.96881 ? 71  SER A CA  1 
ATOM   549  C  C   . SER A 1 71 ? -0.99669  -6.05555  8.10610   1.000 24.29983 ? 71  SER A C   1 
ATOM   550  O  O   . SER A 1 71 ? -0.19178  -6.95148  7.80927   1.000 23.97481 ? 71  SER A O   1 
ATOM   551  C  CB  . SER A 1 71 ? -2.91496  -7.59222  8.50072   1.000 28.86309 ? 71  SER A CB  1 
ATOM   552  O  OG  . SER A 1 71 ? -3.58970  -7.23936  7.30182   1.000 32.28166 ? 71  SER A OG  1 
ATOM   553  N  N   . ASP A 1 72 ? -0.89547  -4.80906  7.63632   1.000 23.54634 ? 72  ASP A N   1 
ATOM   554  C  CA  . ASP A 1 72 ? 0.11759   -4.39807  6.64656   1.000 22.73649 ? 72  ASP A CA  1 
ATOM   555  C  C   . ASP A 1 72 ? 0.17173   -5.38382  5.47714   1.000 23.87514 ? 72  ASP A C   1 
ATOM   556  O  O   . ASP A 1 72 ? 1.18691   -6.03017  5.21176   1.000 23.44547 ? 72  ASP A O   1 
ATOM   557  C  CB  . ASP A 1 72 ? 1.49254   -4.25363  7.29989   1.000 24.03511 ? 72  ASP A CB  1 
ATOM   558  C  CG  . ASP A 1 72 ? 1.66043   -2.92922  8.00505   1.000 24.43828 ? 72  ASP A CG  1 
ATOM   559  O  OD1 . ASP A 1 72 ? 0.74736   -2.07840  7.92070   1.000 24.27533 ? 72  ASP A OD1 1 
ATOM   560  O  OD2 . ASP A 1 72 ? 2.72797   -2.74793  8.62378   1.000 26.54666 ? 72  ASP A OD2 1 
ATOM   561  N  N   . ALA A 1 73 ? -0.95712  -5.51121  4.78581   1.000 25.08761 ? 73  ALA A N   1 
ATOM   562  C  CA  . ALA A 1 73 ? -1.04792  -6.49319  3.71786   1.000 24.04158 ? 73  ALA A CA  1 
ATOM   563  C  C   . ALA A 1 73 ? -1.85164  -5.94855  2.55160   1.000 24.16125 ? 73  ALA A C   1 
ATOM   564  O  O   . ALA A 1 73 ? -2.84755  -5.24536  2.74041   1.000 23.62827 ? 73  ALA A O   1 
ATOM   565  C  CB  . ALA A 1 73 ? -1.69523  -7.79348  4.20143   1.000 24.84746 ? 73  ALA A CB  1 
ATOM   566  N  N   . TRP A 1 74 ? -1.42772  -6.30241  1.34320   1.000 18.63804 ? 74  TRP A N   1 
ATOM   567  C  CA  . TRP A 1 74 ? -2.23977  -6.05776  0.15972   1.000 18.36405 ? 74  TRP A CA  1 
ATOM   568  C  C   . TRP A 1 74 ? -3.27955  -7.15830  0.07719   1.000 23.25502 ? 74  TRP A C   1 
ATOM   569  O  O   . TRP A 1 74 ? -2.92819  -8.34050  0.00670   1.000 23.51432 ? 74  TRP A O   1 
ATOM   570  C  CB  . TRP A 1 74 ? -1.37898  -6.04190  -1.10798  1.000 18.11559 ? 74  TRP A CB  1 
ATOM   571  C  CG  . TRP A 1 74 ? -1.09636  -4.67079  -1.56148  1.000 19.83189 ? 74  TRP A CG  1 
ATOM   572  C  CD1 . TRP A 1 74 ? 0.10960   -4.03430  -1.56565  1.000 19.50311 ? 74  TRP A CD1 1 
ATOM   573  C  CD2 . TRP A 1 74 ? -2.05867  -3.72362  -2.03750  1.000 20.04844 ? 74  TRP A CD2 1 
ATOM   574  N  NE1 . TRP A 1 74 ? -0.04250  -2.74629  -2.01593  1.000 20.87836 ? 74  TRP A NE1 1 
ATOM   575  C  CE2 . TRP A 1 74 ? -1.36253  -2.53475  -2.32341  1.000 23.05611 ? 74  TRP A CE2 1 
ATOM   576  C  CE3 . TRP A 1 74 ? -3.44307  -3.77100  -2.25140  1.000 21.41957 ? 74  TRP A CE3 1 
ATOM   577  C  CZ2 . TRP A 1 74 ? -1.99952  -1.39833  -2.81484  1.000 20.14131 ? 74  TRP A CZ2 1 
ATOM   578  C  CZ3 . TRP A 1 74 ? -4.07750  -2.64302  -2.73382  1.000 21.27568 ? 74  TRP A CZ3 1 
ATOM   579  C  CH2 . TRP A 1 74 ? -3.35853  -1.47091  -3.01180  1.000 22.85222 ? 74  TRP A CH2 1 
ATOM   580  N  N   . VAL A 1 75 ? -4.55300  -6.79480  0.11915   1.000 21.02826 ? 75  VAL A N   1 
ATOM   581  C  CA  . VAL A 1 75 ? -5.61656  -7.78434  -0.02091  1.000 20.95562 ? 75  VAL A CA  1 
ATOM   582  C  C   . VAL A 1 75 ? -6.03834  -7.81506  -1.47911  1.000 21.07495 ? 75  VAL A C   1 
ATOM   583  O  O   . VAL A 1 75 ? -6.37553  -6.77342  -2.05756  1.000 21.43983 ? 75  VAL A O   1 
ATOM   584  C  CB  . VAL A 1 75 ? -6.80511  -7.47381  0.90233   1.000 22.84645 ? 75  VAL A CB  1 
ATOM   585  C  CG1 . VAL A 1 75 ? -7.87788  -8.53889  0.75145   1.000 24.28418 ? 75  VAL A CG1 1 
ATOM   586  C  CG2 . VAL A 1 75 ? -6.32783  -7.37607  2.31086   1.000 23.51963 ? 75  VAL A CG2 1 
HETATM 587  N  N   . MSE A 1 76 ? -5.99582  -9.00555  -2.07624  1.000 22.82860 ? 76  MSE A N   1 
HETATM 588  C  CA  . MSE A 1 76 ? -6.29199  -9.19472  -3.49015  1.000 21.44135 ? 76  MSE A CA  1 
HETATM 589  C  C   . MSE A 1 76 ? -7.57365  -10.00280 -3.63083  1.000 22.90991 ? 76  MSE A C   1 
HETATM 590  O  O   . MSE A 1 76 ? -7.86444  -10.83843 -2.78219  1.000 27.25417 ? 76  MSE A O   1 
HETATM 591  C  CB  . MSE A 1 76 ? -5.15091  -9.94337  -4.19277  1.000 23.21565 ? 76  MSE A CB  1 
HETATM 592  C  CG  . MSE A 1 76 ? -3.75615  -9.50866  -3.78116  1.000 22.30230 ? 76  MSE A CG  1 
HETATM 593  SE SE  . MSE A 1 76 ? -3.36318  -7.73662  -4.45619  0.768 27.22446 ? 76  MSE A SE  1 
HETATM 594  C  CE  . MSE A 1 76 ? -3.33653  -8.15564  -6.36255  1.000 21.53620 ? 76  MSE A CE  1 
ATOM   595  N  N   . ARG A 1 77 ? -8.31844  -9.76723  -4.69758  1.000 25.13754 ? 77  ARG A N   1 
ATOM   596  C  CA  . ARG A 1 77 ? -9.50421  -10.56000 -4.99919  1.000 26.39953 ? 77  ARG A CA  1 
ATOM   597  C  C   . ARG A 1 77 ? -9.18200  -11.52965 -6.12475  1.000 24.76579 ? 77  ARG A C   1 
ATOM   598  O  O   . ARG A 1 77 ? -8.59694  -11.13603 -7.14096  1.000 27.81752 ? 77  ARG A O   1 
ATOM   599  C  CB  . ARG A 1 77 ? -10.67961 -9.66568  -5.40215  1.000 28.66373 ? 77  ARG A CB  1 
ATOM   600  C  CG  . ARG A 1 77 ? -11.87825 -10.43973 -5.97281  1.000 31.97469 ? 77  ARG A CG  1 
ATOM   601  C  CD  . ARG A 1 77 ? -12.86896 -9.50040  -6.65949  1.000 38.10830 ? 77  ARG A CD  1 
ATOM   602  N  NE  . ARG A 1 77 ? -13.12685 -8.34082  -5.82041  1.000 36.69187 ? 77  ARG A NE  1 
ATOM   603  C  CZ  . ARG A 1 77 ? -12.85552 -7.08316  -6.15002  1.000 36.94530 ? 77  ARG A CZ  1 
ATOM   604  N  NH1 . ARG A 1 77 ? -12.31962 -6.78761  -7.33231  1.000 35.48190 ? 77  ARG A NH1 1 
ATOM   605  N  NH2 . ARG A 1 77 ? -13.13415 -6.11709  -5.28189  1.000 40.65714 ? 77  ARG A NH2 1 
ATOM   606  N  N   . LEU A 1 78 ? -9.56231  -12.78994 -5.94648  1.000 25.53089 ? 78  LEU A N   1 
ATOM   607  C  CA  . LEU A 1 78 ? -9.43789  -13.76190 -7.02525  1.000 25.45079 ? 78  LEU A CA  1 
ATOM   608  C  C   . LEU A 1 78 ? -10.57060 -13.56669 -8.02017  1.000 31.56619 ? 78  LEU A C   1 
ATOM   609  O  O   . LEU A 1 78 ? -11.74147 -13.50338 -7.63024  1.000 31.27631 ? 78  LEU A O   1 
ATOM   610  C  CB  . LEU A 1 78 ? -9.46831  -15.18400 -6.47125  1.000 29.56123 ? 78  LEU A CB  1 
ATOM   611  C  CG  . LEU A 1 78 ? -8.19171  -15.76540 -5.87376  1.000 28.07663 ? 78  LEU A CG  1 
ATOM   612  C  CD1 . LEU A 1 78 ? -7.73868  -15.01911 -4.61872  1.000 28.63596 ? 78  LEU A CD1 1 
ATOM   613  C  CD2 . LEU A 1 78 ? -8.39937  -17.24321 -5.56804  1.000 29.30266 ? 78  LEU A CD2 1 
ATOM   614  N  N   . ALA A 1 79 ? -10.22269 -13.46256 -9.29863  1.000 31.02589 ? 79  ALA A N   1 
ATOM   615  C  CA  . ALA A 1 79 ? -11.21918 -13.38653 -10.35512 1.000 35.63643 ? 79  ALA A CA  1 
ATOM   616  C  C   . ALA A 1 79 ? -11.88589 -14.74578 -10.53228 1.000 44.84716 ? 79  ALA A C   1 
ATOM   617  O  O   . ALA A 1 79 ? -11.22648 -15.78736 -10.44331 1.000 45.42733 ? 79  ALA A O   1 
ATOM   618  C  CB  . ALA A 1 79 ? -10.58940 -12.92402 -11.65478 1.000 38.09445 ? 79  ALA A CB  1 
ATOM   619  N  N   . THR B 1 4  ? 4.16142   21.05722  0.25880   1.000 51.93065 ? 4   THR B N   1 
ATOM   620  C  CA  . THR B 1 4  ? 4.84599   20.51683  -0.90907  1.000 49.35167 ? 4   THR B CA  1 
ATOM   621  C  C   . THR B 1 4  ? 6.25540   20.02927  -0.55342  1.000 44.23199 ? 4   THR B C   1 
ATOM   622  O  O   . THR B 1 4  ? 6.69709   18.99550  -1.06217  1.000 50.14807 ? 4   THR B O   1 
ATOM   623  C  CB  . THR B 1 4  ? 4.92713   21.55334  -2.04914  1.000 50.69814 ? 4   THR B CB  1 
ATOM   624  O  OG1 . THR B 1 4  ? 5.43421   22.79346  -1.54343  1.000 57.48211 ? 4   THR B OG1 1 
ATOM   625  C  CG2 . THR B 1 4  ? 3.54757   21.79212  -2.64266  1.000 47.78381 ? 4   THR B CG2 1 
ATOM   626  N  N   . ASN B 1 5  ? 6.94868   20.75991  0.32366   1.000 43.08205 ? 5   ASN B N   1 
ATOM   627  C  CA  . ASN B 1 5  ? 8.24398   20.32650  0.85394   1.000 43.01382 ? 5   ASN B CA  1 
ATOM   628  C  C   . ASN B 1 5  ? 7.99552   19.38203  2.02321   1.000 37.41957 ? 5   ASN B C   1 
ATOM   629  O  O   . ASN B 1 5  ? 7.58939   19.82587  3.10191   1.000 36.57758 ? 5   ASN B O   1 
ATOM   630  C  CB  . ASN B 1 5  ? 9.07369   21.51979  1.32399   1.000 43.74237 ? 5   ASN B CB  1 
ATOM   631  C  CG  . ASN B 1 5  ? 10.02747  22.03697  0.26822   1.000 50.48726 ? 5   ASN B CG  1 
ATOM   632  O  OD1 . ASN B 1 5  ? 10.44541  21.30773  -0.63867  1.000 53.07281 ? 5   ASN B OD1 1 
ATOM   633  N  ND2 . ASN B 1 5  ? 10.39642  23.30863  0.39438   1.000 51.36850 ? 5   ASN B ND2 1 
ATOM   634  N  N   . VAL B 1 6  ? 8.24873   18.08913  1.82702   1.000 34.05333 ? 6   VAL B N   1 
ATOM   635  C  CA  . VAL B 1 6  ? 7.95284   17.07156  2.82840   1.000 32.56831 ? 6   VAL B CA  1 
ATOM   636  C  C   . VAL B 1 6  ? 9.20394   16.25212  3.08284   1.000 30.68679 ? 6   VAL B C   1 
ATOM   637  O  O   . VAL B 1 6  ? 9.85465   15.79777  2.13724   1.000 32.67939 ? 6   VAL B O   1 
ATOM   638  C  CB  . VAL B 1 6  ? 6.79839   16.14381  2.39054   1.000 30.89903 ? 6   VAL B CB  1 
ATOM   639  C  CG1 . VAL B 1 6  ? 6.60084   15.04182  3.41808   1.000 32.49488 ? 6   VAL B CG1 1 
ATOM   640  C  CG2 . VAL B 1 6  ? 5.52504   16.94057  2.21885   1.000 38.01517 ? 6   VAL B CG2 1 
ATOM   641  N  N   . ARG B 1 7  ? 9.54035   16.05932  4.35037   1.000 25.66474 ? 7   ARG B N   1 
ATOM   642  C  CA  . ARG B 1 7  ? 10.56804  15.10381  4.74006   1.000 27.44521 ? 7   ARG B CA  1 
ATOM   643  C  C   . ARG B 1 7  ? 9.98120   14.07709  5.69447   1.000 33.23133 ? 7   ARG B C   1 
ATOM   644  O  O   . ARG B 1 7  ? 9.32701   14.43372  6.68147   1.000 31.95303 ? 7   ARG B O   1 
ATOM   645  C  CB  . ARG B 1 7  ? 11.77695  15.78704  5.38455   1.000 33.17666 ? 7   ARG B CB  1 
ATOM   646  C  CG  . ARG B 1 7  ? 13.09043  15.08978  5.05429   1.000 43.13154 ? 7   ARG B CG  1 
ATOM   647  C  CD  . ARG B 1 7  ? 14.31038  15.91596  5.46095   1.000 47.10129 ? 7   ARG B CD  1 
ATOM   648  N  NE  . ARG B 1 7  ? 14.74935  15.58509  6.81448   1.000 53.96186 ? 7   ARG B NE  1 
ATOM   649  C  CZ  . ARG B 1 7  ? 15.50037  16.37528  7.57808   1.000 56.61967 ? 7   ARG B CZ  1 
ATOM   650  N  NH1 . ARG B 1 7  ? 15.89950  17.55869  7.12748   1.000 55.00398 ? 7   ARG B NH1 1 
ATOM   651  N  NH2 . ARG B 1 7  ? 15.85069  15.98361  8.79599   1.000 54.17479 ? 7   ARG B NH2 1 
ATOM   652  N  N   . ILE B 1 8  ? 10.22158  12.80538  5.39408   1.000 31.78123 ? 8   ILE B N   1 
ATOM   653  C  CA  . ILE B 1 8  ? 9.88294   11.68658  6.26335   1.000 32.67820 ? 8   ILE B CA  1 
ATOM   654  C  C   . ILE B 1 8  ? 11.14462  10.85573  6.39173   1.000 38.39644 ? 8   ILE B C   1 
ATOM   655  O  O   . ILE B 1 8  ? 11.60371  10.26833  5.40430   1.000 37.83043 ? 8   ILE B O   1 
ATOM   656  C  CB  . ILE B 1 8  ? 8.74050   10.83595  5.70641   1.000 31.29181 ? 8   ILE B CB  1 
ATOM   657  C  CG1 . ILE B 1 8  ? 7.47511   11.67685  5.56290   1.000 28.96514 ? 8   ILE B CG1 1 
ATOM   658  C  CG2 . ILE B 1 8  ? 8.51245   9.61952   6.59294   1.000 30.97804 ? 8   ILE B CG2 1 
ATOM   659  C  CD1 . ILE B 1 8  ? 6.29462   10.91579  4.96667   1.000 29.82021 ? 8   ILE B CD1 1 
ATOM   660  N  N   . GLY B 1 9  ? 11.70296  10.80587  7.59329   1.000 39.78013 ? 9   GLY B N   1 
ATOM   661  C  CA  . GLY B 1 9  ? 12.95473  10.09833  7.78700   1.000 43.29517 ? 9   GLY B CA  1 
ATOM   662  C  C   . GLY B 1 9  ? 14.00504  10.61552  6.82668   1.000 41.13754 ? 9   GLY B C   1 
ATOM   663  O  O   . GLY B 1 9  ? 14.21334  11.82812  6.68072   1.000 44.04365 ? 9   GLY B O   1 
ATOM   664  N  N   . ALA B 1 10 ? 14.65675  9.68725   6.13221   1.000 44.37712 ? 10  ALA B N   1 
ATOM   665  C  CA  . ALA B 1 10 ? 15.68793  10.05429  5.17371   1.000 41.54874 ? 10  ALA B CA  1 
ATOM   666  C  C   . ALA B 1 10 ? 15.12757  10.45125  3.81416   1.000 39.63464 ? 10  ALA B C   1 
ATOM   667  O  O   . ALA B 1 10 ? 15.91293  10.78825  2.92274   1.000 47.96883 ? 10  ALA B O   1 
ATOM   668  C  CB  . ALA B 1 10 ? 16.68557  8.90255   5.00632   1.000 47.60121 ? 10  ALA B CB  1 
ATOM   669  N  N   . PHE B 1 11 ? 13.80566  10.43570  3.63019   1.000 39.70464 ? 11  PHE B N   1 
ATOM   670  C  CA  . PHE B 1 11 ? 13.20225  10.78283  2.34555   1.000 32.02050 ? 11  PHE B CA  1 
ATOM   671  C  C   . PHE B 1 11 ? 12.79166  12.24615  2.32347   1.000 38.39217 ? 11  PHE B C   1 
ATOM   672  O  O   . PHE B 1 11 ? 12.08339  12.71585  3.21867   1.000 40.08470 ? 11  PHE B O   1 
ATOM   673  C  CB  . PHE B 1 11 ? 11.97042  9.92699   2.05043   1.000 32.17404 ? 11  PHE B CB  1 
ATOM   674  C  CG  . PHE B 1 11 ? 12.25601  8.46824   1.93030   1.000 31.44705 ? 11  PHE B CG  1 
ATOM   675  C  CD1 . PHE B 1 11 ? 11.90886  7.60202   2.95004   1.000 33.66912 ? 11  PHE B CD1 1 
ATOM   676  C  CD2 . PHE B 1 11 ? 12.85312  7.95674   0.78807   1.000 33.10294 ? 11  PHE B CD2 1 
ATOM   677  C  CE1 . PHE B 1 11 ? 12.16522  6.25046   2.84711   1.000 38.08415 ? 11  PHE B CE1 1 
ATOM   678  C  CE2 . PHE B 1 11 ? 13.11543  6.60877   0.67737   1.000 31.87729 ? 11  PHE B CE2 1 
ATOM   679  C  CZ  . PHE B 1 11 ? 12.77155  5.75116   1.70321   1.000 30.74871 ? 11  PHE B CZ  1 
ATOM   680  N  N   . GLU B 1 12 ? 13.21046  12.95006  1.28579   1.000 28.61411 ? 12  GLU B N   1 
ATOM   681  C  CA  . GLU B 1 12 ? 12.76235  14.30704  1.01537   1.000 33.14673 ? 12  GLU B CA  1 
ATOM   682  C  C   . GLU B 1 12 ? 12.04262  14.28227  -0.32272  1.000 34.55549 ? 12  GLU B C   1 
ATOM   683  O  O   . GLU B 1 12 ? 12.61872  13.86932  -1.33289  1.000 38.76213 ? 12  GLU B O   1 
ATOM   684  C  CB  . GLU B 1 12 ? 13.93144  15.29629  0.99826   1.000 33.49032 ? 12  GLU B CB  1 
ATOM   685  C  CG  . GLU B 1 12 ? 13.54541  16.68676  0.50738   1.000 40.81764 ? 12  GLU B CG  1 
ATOM   686  C  CD  . GLU B 1 12 ? 12.91033  17.54318  1.59854   1.000 42.66249 ? 12  GLU B CD  1 
ATOM   687  O  OE1 . GLU B 1 12 ? 11.91554  18.24641  1.30248   1.000 45.49565 ? 12  GLU B OE1 1 
ATOM   688  O  OE2 . GLU B 1 12 ? 13.40169  17.51238  2.74398   1.000 47.36863 ? 12  GLU B OE2 1 
ATOM   689  N  N   . ILE B 1 13 ? 10.77998  14.67878  -0.33126  1.000 31.60555 ? 13  ILE B N   1 
ATOM   690  C  CA  . ILE B 1 13 ? 10.01317  14.67420  -1.56820  1.000 31.19475 ? 13  ILE B CA  1 
ATOM   691  C  C   . ILE B 1 13 ? 9.43502   16.06122  -1.77954  1.000 37.09907 ? 13  ILE B C   1 
ATOM   692  O  O   . ILE B 1 13 ? 9.15513   16.79052  -0.82333  1.000 35.28093 ? 13  ILE B O   1 
ATOM   693  C  CB  . ILE B 1 13 ? 8.90062   13.60565  -1.57182  1.000 32.48826 ? 13  ILE B CB  1 
ATOM   694  C  CG1 . ILE B 1 13 ? 7.82509   13.93492  -0.52994  1.000 30.28166 ? 13  ILE B CG1 1 
ATOM   695  C  CG2 . ILE B 1 13 ? 9.49853   12.20825  -1.33848  1.000 33.78845 ? 13  ILE B CG2 1 
ATOM   696  C  CD1 . ILE B 1 13 ? 6.67959   12.93490  -0.48729  1.000 33.94459 ? 13  ILE B CD1 1 
ATOM   697  N  N   . ASP B 1 14 ? 9.28298   16.43760  -3.05146  1.000 36.95329 ? 14  ASP B N   1 
ATOM   698  C  CA  . ASP B 1 14 ? 8.67676   17.72064  -3.39619  1.000 41.65152 ? 14  ASP B CA  1 
ATOM   699  C  C   . ASP B 1 14 ? 7.44128   17.56626  -4.28124  1.000 37.47716 ? 14  ASP B C   1 
ATOM   700  O  O   . ASP B 1 14 ? 7.00244   18.54121  -4.89917  1.000 38.58424 ? 14  ASP B O   1 
ATOM   701  C  CB  . ASP B 1 14 ? 9.70980   18.64568  -4.05531  1.000 45.06657 ? 14  ASP B CB  1 
ATOM   702  C  CG  . ASP B 1 14 ? 10.13073  18.18274  -5.44814  1.000 47.43165 ? 14  ASP B CG  1 
ATOM   703  O  OD1 . ASP B 1 14 ? 9.97853   16.98547  -5.77501  1.000 44.49196 ? 14  ASP B OD1 1 
ATOM   704  O  OD2 . ASP B 1 14 ? 10.63359  19.02915  -6.22072  1.000 56.50586 ? 14  ASP B OD2 1 
ATOM   705  N  N   . ASP B 1 15 ? 6.85175   16.36863  -4.34188  1.000 31.17767 ? 15  ASP B N   1 
ATOM   706  C  CA  . ASP B 1 15 ? 5.67438   16.13441  -5.17056  1.000 31.20653 ? 15  ASP B CA  1 
ATOM   707  C  C   . ASP B 1 15 ? 4.47698   15.63066  -4.36903  1.000 27.21746 ? 15  ASP B C   1 
ATOM   708  O  O   . ASP B 1 15 ? 3.52151   15.11275  -4.95024  1.000 29.19669 ? 15  ASP B O   1 
ATOM   709  C  CB  . ASP B 1 15 ? 5.99392   15.16479  -6.30860  1.000 31.70606 ? 15  ASP B CB  1 
ATOM   710  C  CG  . ASP B 1 15 ? 6.54867   13.84008  -5.81813  1.000 33.82888 ? 15  ASP B CG  1 
ATOM   711  O  OD1 . ASP B 1 15 ? 6.70911   13.63548  -4.59073  1.000 28.12904 ? 15  ASP B OD1 1 
ATOM   712  O  OD2 . ASP B 1 15 ? 6.83780   12.99287  -6.67851  1.000 33.49394 ? 15  ASP B OD2 1 
ATOM   713  N  N   . ALA B 1 16 ? 4.50535   15.77145  -3.05291  1.000 27.75531 ? 16  ALA B N   1 
ATOM   714  C  CA  . ALA B 1 16 ? 3.31854   15.48725  -2.26075  1.000 26.32649 ? 16  ALA B CA  1 
ATOM   715  C  C   . ALA B 1 16 ? 2.27369   16.56727  -2.50175  1.000 34.98340 ? 16  ALA B C   1 
ATOM   716  O  O   . ALA B 1 16 ? 2.59541   17.73643  -2.75583  1.000 31.87189 ? 16  ALA B O   1 
ATOM   717  C  CB  . ALA B 1 16 ? 3.66511   15.40889  -0.78145  1.000 31.31448 ? 16  ALA B CB  1 
ATOM   718  N  N   . GLU B 1 17 ? 1.01266   16.16580  -2.43519  1.000 28.11917 ? 17  GLU B N   1 
ATOM   719  C  CA  . GLU B 1 17 ? -0.10979  17.05910  -2.68717  1.000 35.26454 ? 17  GLU B CA  1 
ATOM   720  C  C   . GLU B 1 17 ? -0.78874  17.32517  -1.35462  1.000 35.98559 ? 17  GLU B C   1 
ATOM   721  O  O   . GLU B 1 17 ? -1.40339  16.42623  -0.77283  1.000 29.86301 ? 17  GLU B O   1 
ATOM   722  C  CB  . GLU B 1 17 ? -1.07728  16.45242  -3.69929  1.000 39.91002 ? 17  GLU B CB  1 
ATOM   723  C  CG  . GLU B 1 17 ? -0.73169  16.76131  -5.14618  1.000 47.44821 ? 17  GLU B CG  1 
ATOM   724  C  CD  . GLU B 1 17 ? -1.50587  17.95069  -5.68578  1.000 58.73924 ? 17  GLU B CD  1 
ATOM   725  O  OE1 . GLU B 1 17 ? -0.95648  19.07666  -5.67516  1.000 58.17575 ? 17  GLU B OE1 1 
ATOM   726  O  OE2 . GLU B 1 17 ? -2.66929  17.75661  -6.10994  1.000 63.43586 ? 17  GLU B OE2 1 
ATOM   727  N  N   . LEU B 1 18 ? -0.65107  18.54712  -0.85965  1.000 35.51364 ? 18  LEU B N   1 
ATOM   728  C  CA  . LEU B 1 18 ? -1.25744  18.93622  0.40202   1.000 37.26900 ? 18  LEU B CA  1 
ATOM   729  C  C   . LEU B 1 18 ? -2.65536  19.46585  0.11260   1.000 39.53447 ? 18  LEU B C   1 
ATOM   730  O  O   . LEU B 1 18 ? -2.81056  20.45986  -0.60495  1.000 40.04510 ? 18  LEU B O   1 
ATOM   731  C  CB  . LEU B 1 18 ? -0.40810  19.98640  1.11392   1.000 38.42585 ? 18  LEU B CB  1 
ATOM   732  C  CG  . LEU B 1 18 ? -0.93298  20.43095  2.48284   1.000 45.06619 ? 18  LEU B CG  1 
ATOM   733  C  CD1 . LEU B 1 18 ? -0.94228  19.27278  3.47023   1.000 40.42570 ? 18  LEU B CD1 1 
ATOM   734  C  CD2 . LEU B 1 18 ? -0.10981  21.59508  3.02408   1.000 50.79472 ? 18  LEU B CD2 1 
ATOM   735  N  N   . HIS B 1 19 ? -3.66581  18.79449  0.64700   1.000 37.23706 ? 19  HIS B N   1 
ATOM   736  C  CA  . HIS B 1 19 ? -5.03927  19.20124  0.39635   1.000 43.04748 ? 19  HIS B CA  1 
ATOM   737  C  C   . HIS B 1 19 ? -5.51363  20.14836  1.49599   1.000 43.53200 ? 19  HIS B C   1 
ATOM   738  O  O   . HIS B 1 19 ? -4.96405  20.18608  2.59695   1.000 45.06898 ? 19  HIS B O   1 
ATOM   739  C  CB  . HIS B 1 19 ? -5.95182  17.97589  0.30138   1.000 39.46501 ? 19  HIS B CB  1 
ATOM   740  C  CG  . HIS B 1 19 ? -5.42585  16.89710  -0.59674  1.000 40.76191 ? 19  HIS B CG  1 
ATOM   741  N  ND1 . HIS B 1 19 ? -5.36733  17.03309  -1.96713  1.000 41.18309 ? 19  HIS B ND1 1 
ATOM   742  C  CD2 . HIS B 1 19 ? -4.93918  15.66287  -0.32131  1.000 38.69492 ? 19  HIS B CD2 1 
ATOM   743  C  CE1 . HIS B 1 19 ? -4.86481  15.93283  -2.49712  1.000 43.04122 ? 19  HIS B CE1 1 
ATOM   744  N  NE2 . HIS B 1 19 ? -4.59341  15.08626  -1.52011  1.000 41.81666 ? 19  HIS B NE2 1 
ATOM   745  N  N   . GLY B 1 20 ? -6.53560  20.93554  1.18044   1.000 49.24084 ? 20  GLY B N   1 
ATOM   746  C  CA  . GLY B 1 20 ? -7.09742  21.84231  2.15976   1.000 51.38941 ? 20  GLY B CA  1 
ATOM   747  C  C   . GLY B 1 20 ? -7.74634  21.09465  3.31445   1.000 53.83686 ? 20  GLY B C   1 
ATOM   748  O  O   . GLY B 1 20 ? -7.74004  19.86516  3.39709   1.000 55.17122 ? 20  GLY B O   1 
ATOM   749  N  N   . GLU B 1 21 ? -8.31411  21.86351  4.23798   1.000 52.95372 ? 21  GLU B N   1 
ATOM   750  C  CA  . GLU B 1 21 ? -9.07957  21.26574  5.32374   1.000 50.53950 ? 21  GLU B CA  1 
ATOM   751  C  C   . GLU B 1 21 ? -10.45911 20.88787  4.80095   1.000 50.18685 ? 21  GLU B C   1 
ATOM   752  O  O   . GLU B 1 21 ? -11.20034 21.74924  4.31664   1.000 53.57161 ? 21  GLU B O   1 
ATOM   753  C  CB  . GLU B 1 21 ? -9.19165  22.22157  6.50795   1.000 54.09930 ? 21  GLU B CB  1 
ATOM   754  C  CG  . GLU B 1 21 ? -9.88323  21.60381  7.71264   1.000 50.18580 ? 21  GLU B CG  1 
ATOM   755  C  CD  . GLU B 1 21 ? -9.21438  21.97203  9.02250   1.000 60.19973 ? 21  GLU B CD  1 
ATOM   756  O  OE1 . GLU B 1 21 ? -9.39000  23.12221  9.48082   1.000 65.84979 ? 21  GLU B OE1 1 
ATOM   757  O  OE2 . GLU B 1 21 ? -8.50090  21.11234  9.58827   1.000 56.66869 ? 21  GLU B OE2 1 
ATOM   758  N  N   . HIS B 1 22 ? -10.79388 19.60102  4.87873   1.000 47.80706 ? 22  HIS B N   1 
ATOM   759  C  CA  . HIS B 1 22 ? -12.07079 19.09154  4.39610   1.000 47.01414 ? 22  HIS B CA  1 
ATOM   760  C  C   . HIS B 1 22 ? -12.64194 18.13676  5.43114   1.000 40.93857 ? 22  HIS B C   1 
ATOM   761  O  O   . HIS B 1 22 ? -11.94580 17.22270  5.87881   1.000 41.20973 ? 22  HIS B O   1 
ATOM   762  C  CB  . HIS B 1 22 ? -11.92042 18.36420  3.05160   1.000 47.31940 ? 22  HIS B CB  1 
ATOM   763  C  CG  . HIS B 1 22 ? -11.35337 19.21253  1.95528   1.000 55.48560 ? 22  HIS B CG  1 
ATOM   764  N  ND1 . HIS B 1 22 ? -11.41338 20.59041  1.96687   1.000 58.53013 ? 22  HIS B ND1 1 
ATOM   765  C  CD2 . HIS B 1 22 ? -10.71440 18.87373  0.80927   1.000 56.49733 ? 22  HIS B CD2 1 
ATOM   766  C  CE1 . HIS B 1 22 ? -10.83163 21.06343  0.87828   1.000 59.85338 ? 22  HIS B CE1 1 
ATOM   767  N  NE2 . HIS B 1 22 ? -10.40009 20.04229  0.15876   1.000 61.18507 ? 22  HIS B NE2 1 
ATOM   768  N  N   . GLN B 1 23 ? -13.90693 18.34482  5.80323   1.000 42.29449 ? 23  GLN B N   1 
ATOM   769  C  CA  . GLN B 1 23 ? -14.61063 17.44389  6.71637   1.000 38.34648 ? 23  GLN B CA  1 
ATOM   770  C  C   . GLN B 1 23 ? -13.87831 17.32408  8.05196   1.000 33.69833 ? 23  GLN B C   1 
ATOM   771  O  O   . GLN B 1 23 ? -13.81144 16.24608  8.65166   1.000 38.12890 ? 23  GLN B O   1 
ATOM   772  C  CB  . GLN B 1 23 ? -14.81565 16.06470  6.08242   1.000 36.51374 ? 23  GLN B CB  1 
ATOM   773  C  CG  . GLN B 1 23 ? -16.06628 15.94957  5.23106   1.000 43.77335 ? 23  GLN B CG  1 
ATOM   774  C  CD  . GLN B 1 23 ? -16.25199 17.14047  4.32475   1.000 47.55688 ? 23  GLN B CD  1 
ATOM   775  O  OE1 . GLN B 1 23 ? -15.42638 17.40283  3.44381   1.000 53.62949 ? 23  GLN B OE1 1 
ATOM   776  N  NE2 . GLN B 1 23 ? -17.33237 17.88646  4.54315   1.000 48.68894 ? 23  GLN B NE2 1 
ATOM   777  N  N   . GLY B 1 24 ? -13.33790 18.44574  8.52457   1.000 34.79711 ? 24  GLY B N   1 
ATOM   778  C  CA  . GLY B 1 24 ? -12.69676 18.48853  9.82424   1.000 36.70639 ? 24  GLY B CA  1 
ATOM   779  C  C   . GLY B 1 24 ? -11.35440 17.79552  9.88278   1.000 41.60414 ? 24  GLY B C   1 
ATOM   780  O  O   . GLY B 1 24 ? -10.93967 17.34957  10.95683  1.000 39.90792 ? 24  GLY B O   1 
ATOM   781  N  N   . GLU B 1 25 ? -10.65429 17.71474  8.75365   1.000 42.28736 ? 25  GLU B N   1 
ATOM   782  C  CA  . GLU B 1 25 ? -9.46780  16.88184  8.61555   1.000 38.11531 ? 25  GLU B CA  1 
ATOM   783  C  C   . GLU B 1 25 ? -8.58651  17.49251  7.53735   1.000 38.28356 ? 25  GLU B C   1 
ATOM   784  O  O   . GLU B 1 25 ? -9.09485  18.05257  6.56682   1.000 39.82818 ? 25  GLU B O   1 
ATOM   785  C  CB  . GLU B 1 25 ? -9.87173  15.44863  8.24276   1.000 40.88228 ? 25  GLU B CB  1 
ATOM   786  C  CG  . GLU B 1 25 ? -8.78507  14.40738  8.29499   1.000 43.31361 ? 25  GLU B CG  1 
ATOM   787  C  CD  . GLU B 1 25 ? -9.28561  13.04308  7.83055   1.000 43.15569 ? 25  GLU B CD  1 
ATOM   788  O  OE1 . GLU B 1 25 ? -9.83055  12.94649  6.70943   1.000 38.60454 ? 25  GLU B OE1 1 
ATOM   789  O  OE2 . GLU B 1 25 ? -9.14053  12.06536  8.59415   1.000 43.41947 ? 25  GLU B OE2 1 
ATOM   790  N  N   . ARG B 1 26 ? -7.26994  17.39564  7.70566   1.000 32.99411 ? 26  ARG B N   1 
ATOM   791  C  CA  . ARG B 1 26 ? -6.35383  17.78433  6.64418   1.000 32.92349 ? 26  ARG B CA  1 
ATOM   792  C  C   . ARG B 1 26 ? -5.55551  16.55978  6.22093   1.000 25.88024 ? 26  ARG B C   1 
ATOM   793  O  O   . ARG B 1 26 ? -5.17564  15.74195  7.06327   1.000 27.88052 ? 26  ARG B O   1 
ATOM   794  C  CB  . ARG B 1 26 ? -5.42337  18.91857  7.07683   1.000 38.60021 ? 26  ARG B CB  1 
ATOM   795  C  CG  . ARG B 1 26 ? -5.17188  19.92020  5.95188   1.000 45.22741 ? 26  ARG B CG  1 
ATOM   796  C  CD  . ARG B 1 26 ? -4.47190  21.19657  6.44021   1.000 53.17167 ? 26  ARG B CD  1 
ATOM   797  N  NE  . ARG B 1 26 ? -3.61593  21.77725  5.40294   1.000 56.14672 ? 26  ARG B NE  1 
ATOM   798  C  CZ  . ARG B 1 26 ? -3.78755  22.98488  4.86560   1.000 59.64603 ? 26  ARG B CZ  1 
ATOM   799  N  NH1 . ARG B 1 26 ? -4.79015  23.75981  5.26470   1.000 62.40908 ? 26  ARG B NH1 1 
ATOM   800  N  NH2 . ARG B 1 26 ? -2.95790  23.41741  3.92079   1.000 56.40927 ? 26  ARG B NH2 1 
ATOM   801  N  N   . THR B 1 27 ? -5.36144  16.40723  4.91274   1.000 28.76243 ? 27  THR B N   1 
ATOM   802  C  CA  . THR B 1 27 ? -4.66098  15.24090  4.37889   1.000 25.29749 ? 27  THR B CA  1 
ATOM   803  C  C   . THR B 1 27 ? -3.64661  15.66028  3.32779   1.000 26.56093 ? 27  THR B C   1 
ATOM   804  O  O   . THR B 1 27 ? -3.70844  16.75366  2.76591   1.000 31.66845 ? 27  THR B O   1 
ATOM   805  C  CB  . THR B 1 27 ? -5.61680  14.23172  3.73311   1.000 28.56895 ? 27  THR B CB  1 
ATOM   806  O  OG1 . THR B 1 27 ? -6.26737  14.84561  2.62274   1.000 29.95081 ? 27  THR B OG1 1 
ATOM   807  C  CG2 . THR B 1 27 ? -6.65235  13.72301  4.74942   1.000 29.35679 ? 27  THR B CG2 1 
ATOM   808  N  N   . LEU B 1 28 ? -2.72544  14.74508  3.03528   1.000 25.61719 ? 28  LEU B N   1 
ATOM   809  C  CA  . LEU B 1 28 ? -1.81651  14.92343  1.91732   1.000 27.46843 ? 28  LEU B CA  1 
ATOM   810  C  C   . LEU B 1 28 ? -1.60381  13.56669  1.26687   1.000 26.71624 ? 28  LEU B C   1 
ATOM   811  O  O   . LEU B 1 28 ? -1.71170  12.52862  1.92552   1.000 24.10457 ? 28  LEU B O   1 
ATOM   812  C  CB  . LEU B 1 28 ? -0.48985  15.56194  2.35529   1.000 32.72323 ? 28  LEU B CB  1 
ATOM   813  C  CG  . LEU B 1 28 ? 0.58313   14.76853  3.09892   1.000 30.49692 ? 28  LEU B CG  1 
ATOM   814  C  CD1 . LEU B 1 28 ? 1.45539   13.96460  2.15078   1.000 32.55726 ? 28  LEU B CD1 1 
ATOM   815  C  CD2 . LEU B 1 28 ? 1.46903   15.71472  3.90892   1.000 33.97134 ? 28  LEU B CD2 1 
ATOM   816  N  N   . SER B 1 29 ? -1.33265  13.58619  -0.03220  1.000 23.82317 ? 29  SER B N   1 
ATOM   817  C  CA  . SER B 1 29 ? -1.18644  12.37371  -0.82658  1.000 24.07749 ? 29  SER B CA  1 
ATOM   818  C  C   . SER B 1 29 ? 0.25372   12.25147  -1.29539  1.000 22.96268 ? 29  SER B C   1 
ATOM   819  O  O   . SER B 1 29 ? 0.83392   13.22625  -1.78767  1.000 24.92442 ? 29  SER B O   1 
ATOM   820  C  CB  . SER B 1 29 ? -2.12307  12.38677  -2.03953  1.000 29.05621 ? 29  SER B CB  1 
ATOM   821  O  OG  . SER B 1 29 ? -3.48198  12.25092  -1.64145  1.000 37.75059 ? 29  SER B OG  1 
ATOM   822  N  N   . ILE B 1 30 ? 0.82060   11.06274  -1.13856  1.000 22.70257 ? 30  ILE B N   1 
ATOM   823  C  CA  . ILE B 1 30 ? 2.17641   10.75280  -1.58614  1.000 21.99651 ? 30  ILE B CA  1 
ATOM   824  C  C   . ILE B 1 30 ? 2.07880   9.85075   -2.81124  1.000 22.15804 ? 30  ILE B C   1 
ATOM   825  O  O   . ILE B 1 30 ? 1.56838   8.72407   -2.70150  1.000 22.69491 ? 30  ILE B O   1 
ATOM   826  C  CB  . ILE B 1 30 ? 2.99265   10.07928  -0.47574  1.000 22.52819 ? 30  ILE B CB  1 
ATOM   827  C  CG1 . ILE B 1 30 ? 3.12665   11.01796  0.72026   1.000 25.12974 ? 30  ILE B CG1 1 
ATOM   828  C  CG2 . ILE B 1 30 ? 4.35615   9.64583   -1.02223  1.000 22.27123 ? 30  ILE B CG2 1 
ATOM   829  C  CD1 . ILE B 1 30 ? 3.38961   10.27284  2.02380   1.000 27.26894 ? 30  ILE B CD1 1 
ATOM   830  N  N   . PRO B 1 31 ? 2.57695   10.27843  -3.98286  1.000 22.53330 ? 31  PRO B N   1 
ATOM   831  C  CA  . PRO B 1 31 ? 2.39570   9.50552   -5.22209  1.000 22.41760 ? 31  PRO B CA  1 
ATOM   832  C  C   . PRO B 1 31 ? 3.40274   8.36926   -5.31253  1.000 21.94079 ? 31  PRO B C   1 
ATOM   833  O  O   . PRO B 1 31 ? 4.60634   8.59408   -5.47399  1.000 23.46922 ? 31  PRO B O   1 
ATOM   834  C  CB  . PRO B 1 31 ? 2.61753   10.55483  -6.31928  1.000 25.55306 ? 31  PRO B CB  1 
ATOM   835  C  CG  . PRO B 1 31 ? 3.60236   11.53267  -5.69659  1.000 24.57453 ? 31  PRO B CG  1 
ATOM   836  C  CD  . PRO B 1 31 ? 3.18173   11.60323  -4.22998  1.000 26.20886 ? 31  PRO B CD  1 
ATOM   837  N  N   . CYS B 1 32 ? 2.90131   7.14026   -5.26819  1.000 22.13492 ? 32  CYS B N   1 
ATOM   838  C  CA  . CYS B 1 32 ? 3.78745   5.98792   -5.19393  1.000 21.54807 ? 32  CYS B CA  1 
ATOM   839  C  C   . CYS B 1 32 ? 4.48786   5.69987   -6.51850  1.000 23.90198 ? 32  CYS B C   1 
ATOM   840  O  O   . CYS B 1 32 ? 5.53050   5.04136   -6.51142  1.000 24.04344 ? 32  CYS B O   1 
ATOM   841  C  CB  . CYS B 1 32 ? 2.99835   4.77549   -4.71428  1.000 22.37568 ? 32  CYS B CB  1 
ATOM   842  S  SG  . CYS B 1 32 ? 2.35639   5.03666   -3.01961  1.000 24.72374 ? 32  CYS B SG  1 
ATOM   843  N  N   . LYS B 1 33 ? 3.94630   6.16002   -7.65153  1.000 21.19765 ? 33  LYS B N   1 
ATOM   844  C  CA  . LYS B 1 33 ? 4.67384   5.96659   -8.90514  1.000 21.15534 ? 33  LYS B CA  1 
ATOM   845  C  C   . LYS B 1 33 ? 5.91972   6.84271   -8.98149  1.000 24.11921 ? 33  LYS B C   1 
ATOM   846  O  O   . LYS B 1 33 ? 6.84013   6.53402   -9.75139  1.000 28.81013 ? 33  LYS B O   1 
ATOM   847  C  CB  . LYS B 1 33 ? 3.76777   6.24925   -10.11428 1.000 24.57999 ? 33  LYS B CB  1 
ATOM   848  C  CG  . LYS B 1 33 ? 2.65164   5.21640   -10.28965 1.000 27.52163 ? 33  LYS B CG  1 
ATOM   849  C  CD  . LYS B 1 33 ? 1.91399   5.39157   -11.61059 1.000 33.83183 ? 33  LYS B CD  1 
ATOM   850  C  CE  . LYS B 1 33 ? 0.84023   4.32073   -11.79855 1.000 35.82798 ? 33  LYS B CE  1 
ATOM   851  N  NZ  . LYS B 1 33 ? 1.40139   3.05606   -12.37105 1.000 34.14242 ? 33  LYS B NZ  1 
ATOM   852  N  N   . SER B 1 34 ? 5.95754   7.93089   -8.21358  1.000 22.21976 ? 34  SER B N   1 
ATOM   853  C  CA  . SER B 1 34 ? 7.09098   8.83814   -8.13862  1.000 22.94728 ? 34  SER B CA  1 
ATOM   854  C  C   . SER B 1 34 ? 8.00506   8.55507   -6.95942  1.000 23.08411 ? 34  SER B C   1 
ATOM   855  O  O   . SER B 1 34 ? 9.21958   8.75513   -7.06635  1.000 23.41758 ? 34  SER B O   1 
ATOM   856  C  CB  . SER B 1 34 ? 6.59815   10.28914  -8.01034  1.000 25.05847 ? 34  SER B CB  1 
ATOM   857  O  OG  . SER B 1 34 ? 5.66644   10.61939  -9.01319  1.000 36.37962 ? 34  SER B OG  1 
ATOM   858  N  N   . ASP B 1 35 ? 7.43967   8.09930   -5.84101  1.000 23.64694 ? 35  ASP B N   1 
ATOM   859  C  CA  . ASP B 1 35 ? 8.17242   7.89882   -4.58959  1.000 22.24911 ? 35  ASP B CA  1 
ATOM   860  C  C   . ASP B 1 35 ? 7.99512   6.46055   -4.10641  1.000 22.85626 ? 35  ASP B C   1 
ATOM   861  O  O   . ASP B 1 35 ? 7.50270   6.22117   -2.99914  1.000 19.99166 ? 35  ASP B O   1 
ATOM   862  C  CB  . ASP B 1 35 ? 7.68025   8.88234   -3.52309  1.000 22.70670 ? 35  ASP B CB  1 
ATOM   863  C  CG  . ASP B 1 35 ? 7.72809   10.34169  -3.98618  1.000 24.76670 ? 35  ASP B CG  1 
ATOM   864  O  OD1 . ASP B 1 35 ? 8.79759   10.80029  -4.42199  1.000 28.91201 ? 35  ASP B OD1 1 
ATOM   865  O  OD2 . ASP B 1 35 ? 6.69527   11.03413  -3.85817  1.000 27.95395 ? 35  ASP B OD2 1 
ATOM   866  N  N   . PRO B 1 36 ? 8.37033   5.46967   -4.92071  1.000 22.01622 ? 36  PRO B N   1 
ATOM   867  C  CA  . PRO B 1 36 ? 8.01951   4.08349   -4.56807  1.000 23.26365 ? 36  PRO B CA  1 
ATOM   868  C  C   . PRO B 1 36 ? 8.73459   3.56927   -3.32927  1.000 21.17473 ? 36  PRO B C   1 
ATOM   869  O  O   . PRO B 1 36 ? 8.19123   2.69824   -2.63999  1.000 20.38563 ? 36  PRO B O   1 
ATOM   870  C  CB  . PRO B 1 36 ? 8.43222   3.29139   -5.81938  1.000 25.61549 ? 36  PRO B CB  1 
ATOM   871  C  CG  . PRO B 1 36 ? 9.52939   4.13924   -6.45425  1.000 23.33181 ? 36  PRO B CG  1 
ATOM   872  C  CD  . PRO B 1 36 ? 9.02661   5.54453   -6.23730  1.000 22.55748 ? 36  PRO B CD  1 
ATOM   873  N  N   . ASP B 1 37 ? 9.93902   4.06673   -3.03693  1.000 20.73072 ? 37  ASP B N   1 
ATOM   874  C  CA  . ASP B 1 37 ? 10.67438  3.59106   -1.86856  1.000 21.14590 ? 37  ASP B CA  1 
ATOM   875  C  C   . ASP B 1 37 ? 9.98752   4.03022   -0.57950  1.000 22.22156 ? 37  ASP B C   1 
ATOM   876  O  O   . ASP B 1 37 ? 9.79994   3.23251   0.35281   1.000 19.76199 ? 37  ASP B O   1 
ATOM   877  C  CB  . ASP B 1 37 ? 12.11779  4.10979   -1.91633  1.000 25.24287 ? 37  ASP B CB  1 
ATOM   878  C  CG  . ASP B 1 37 ? 12.23544  5.55276   -2.46719  1.000 36.11258 ? 37  ASP B CG  1 
ATOM   879  O  OD1 . ASP B 1 37 ? 11.23498  6.19229   -2.92324  1.000 32.30570 ? 37  ASP B OD1 1 
ATOM   880  O  OD2 . ASP B 1 37 ? 13.37904  6.06326   -2.43538  1.000 42.21083 ? 37  ASP B OD2 1 
ATOM   881  N  N   . LEU B 1 38 ? 9.58961   5.29742   -0.52425  1.000 23.08634 ? 38  LEU B N   1 
ATOM   882  C  CA  . LEU B 1 38 ? 8.80889   5.78982   0.60714   1.000 19.75699 ? 38  LEU B CA  1 
ATOM   883  C  C   . LEU B 1 38 ? 7.49598   5.02327   0.74775   1.000 22.79361 ? 38  LEU B C   1 
ATOM   884  O  O   . LEU B 1 38 ? 7.10360   4.64890   1.85725   1.000 19.87917 ? 38  LEU B O   1 
ATOM   885  C  CB  . LEU B 1 38 ? 8.55156   7.28756   0.42770   1.000 21.66591 ? 38  LEU B CB  1 
ATOM   886  C  CG  . LEU B 1 38 ? 7.59597   7.96798   1.39603   1.000 21.59859 ? 38  LEU B CG  1 
ATOM   887  C  CD1 . LEU B 1 38 ? 8.02842   7.71336   2.84879   1.000 25.22311 ? 38  LEU B CD1 1 
ATOM   888  C  CD2 . LEU B 1 38 ? 7.57877   9.46458   1.10157   1.000 25.06042 ? 38  LEU B CD2 1 
ATOM   889  N  N   . CYS B 1 39 ? 6.78948   4.78720   -0.35976  1.000 19.32343 ? 39  CYS B N   1 
ATOM   890  C  CA  . CYS B 1 39 ? 5.53390   4.05554   -0.24788  1.000 18.53767 ? 39  CYS B CA  1 
ATOM   891  C  C   . CYS B 1 39 ? 5.75313   2.64097   0.26905   1.000 20.97081 ? 39  CYS B C   1 
ATOM   892  O  O   . CYS B 1 39 ? 4.95107   2.14538   1.06396   1.000 20.01095 ? 39  CYS B O   1 
ATOM   893  C  CB  . CYS B 1 39 ? 4.79067   4.03918   -1.58232  1.000 19.02265 ? 39  CYS B CB  1 
ATOM   894  S  SG  . CYS B 1 39 ? 3.99467   5.63850   -1.92643  1.000 22.60564 ? 39  CYS B SG  1 
HETATM 895  N  N   . MSE B 1 40 ? 6.83259   1.97924   -0.14804  1.000 18.49732 ? 40  MSE B N   1 
HETATM 896  C  CA  . MSE B 1 40 ? 7.10402   0.64352   0.37167   1.000 21.11648 ? 40  MSE B CA  1 
HETATM 897  C  C   . MSE B 1 40 ? 7.33027   0.67435   1.89164   1.000 19.98550 ? 40  MSE B C   1 
HETATM 898  O  O   . MSE B 1 40 ? 6.83339   -0.18273  2.63262   1.000 19.35982 ? 40  MSE B O   1 
HETATM 899  C  CB  . MSE B 1 40 ? 8.32263   0.02564   -0.29815  1.000 18.38663 ? 40  MSE B CB  1 
HETATM 900  C  CG  . MSE B 1 40 ? 8.65848   -1.36064  0.24745   1.000 21.51453 ? 40  MSE B CG  1 
HETATM 901  SE SE  . MSE B 1 40 ? 10.29349  -2.11890  -0.55087  0.657 25.39827 ? 40  MSE B SE  1 
HETATM 902  C  CE  . MSE B 1 40 ? 11.61765  -0.98075  0.26423   1.000 25.19031 ? 40  MSE B CE  1 
ATOM   903  N  N   . GLN B 1 41 ? 8.06858   1.67791   2.36109   1.000 18.82334 ? 41  GLN B N   1 
ATOM   904  C  CA  . GLN B 1 41 ? 8.24242   1.81011   3.80823   1.000 21.77186 ? 41  GLN B CA  1 
ATOM   905  C  C   . GLN B 1 41 ? 6.91066   2.08489   4.50354   1.000 22.54221 ? 41  GLN B C   1 
ATOM   906  O  O   . GLN B 1 41 ? 6.65082   1.54103   5.58349   1.000 21.32347 ? 41  GLN B O   1 
ATOM   907  C  CB  . GLN B 1 41 ? 9.25595   2.90359   4.11821   1.000 20.53521 ? 41  GLN B CB  1 
ATOM   908  C  CG  . GLN B 1 41 ? 10.68409  2.38944   3.87815   1.000 28.02106 ? 41  GLN B CG  1 
ATOM   909  C  CD  . GLN B 1 41 ? 11.76553  3.24610   4.50729   1.000 33.59084 ? 41  GLN B CD  1 
ATOM   910  O  OE1 . GLN B 1 41 ? 12.91738  3.21305   4.07288   1.000 41.12585 ? 41  GLN B OE1 1 
ATOM   911  N  NE2 . GLN B 1 41 ? 11.40239  4.02786   5.51903   1.000 32.48080 ? 41  GLN B NE2 1 
ATOM   912  N  N   . LEU B 1 42 ? 6.05077   2.91062   3.89447   1.000 19.36588 ? 42  LEU B N   1 
ATOM   913  C  CA  . LEU B 1 42 ? 4.73665   3.16458   4.48077   1.000 18.88828 ? 42  LEU B CA  1 
ATOM   914  C  C   . LEU B 1 42 ? 3.90292   1.89004   4.52107   1.000 20.03637 ? 42  LEU B C   1 
ATOM   915  O  O   . LEU B 1 42 ? 3.15519   1.66750   5.47363   1.000 22.55172 ? 42  LEU B O   1 
ATOM   916  C  CB  . LEU B 1 42 ? 4.00557   4.26939   3.71386   1.000 20.03390 ? 42  LEU B CB  1 
ATOM   917  C  CG  . LEU B 1 42 ? 4.65281   5.65485   3.85220   1.000 21.61333 ? 42  LEU B CG  1 
ATOM   918  C  CD1 . LEU B 1 42 ? 4.02477   6.65659   2.89655   1.000 21.90717 ? 42  LEU B CD1 1 
ATOM   919  C  CD2 . LEU B 1 42 ? 4.55769   6.13338   5.30104   1.000 21.00009 ? 42  LEU B CD2 1 
ATOM   920  N  N   . ASP B 1 43 ? 4.04104   1.02823   3.51009   1.000 19.33183 ? 43  ASP B N   1 
ATOM   921  C  CA  . ASP B 1 43 ? 3.31407   -0.24127  3.51095   1.000 20.08586 ? 43  ASP B CA  1 
ATOM   922  C  C   . ASP B 1 43 ? 3.69736   -1.08871  4.71636   1.000 24.18545 ? 43  ASP B C   1 
ATOM   923  O  O   . ASP B 1 43 ? 2.84122   -1.73516  5.33849   1.000 25.65948 ? 43  ASP B O   1 
ATOM   924  C  CB  . ASP B 1 43 ? 3.61227   -1.03464  2.23986   1.000 21.78287 ? 43  ASP B CB  1 
ATOM   925  C  CG  . ASP B 1 43 ? 2.83175   -0.54591  1.02305   1.000 23.71345 ? 43  ASP B CG  1 
ATOM   926  O  OD1 . ASP B 1 43 ? 2.05940   0.44455   1.09804   1.000 20.75865 ? 43  ASP B OD1 1 
ATOM   927  O  OD2 . ASP B 1 43 ? 2.98839   -1.20377  -0.02407  1.000 27.28252 ? 43  ASP B OD2 1 
ATOM   928  N  N   . ALA B 1 44 ? 4.98156   -1.11277  5.04777   1.000 20.27397 ? 44  ALA B N   1 
ATOM   929  C  CA  . ALA B 1 44 ? 5.47449   -1.97509  6.11107   1.000 21.68391 ? 44  ALA B CA  1 
ATOM   930  C  C   . ALA B 1 44 ? 5.49497   -1.27828  7.46452   1.000 21.60667 ? 44  ALA B C   1 
ATOM   931  O  O   . ALA B 1 44 ? 5.91645   -1.89363  8.44997   1.000 22.05167 ? 44  ALA B O   1 
ATOM   932  C  CB  . ALA B 1 44 ? 6.87736   -2.48684  5.76083   1.000 23.90528 ? 44  ALA B CB  1 
ATOM   933  N  N   . TRP B 1 45 ? 5.04817   -0.02441  7.52940   1.000 21.34522 ? 45  TRP B N   1 
ATOM   934  C  CA  . TRP B 1 45 ? 5.08072   0.75089   8.76911   1.000 22.03146 ? 45  TRP B CA  1 
ATOM   935  C  C   . TRP B 1 45 ? 4.29905   0.06678   9.88430   1.000 22.82607 ? 45  TRP B C   1 
ATOM   936  O  O   . TRP B 1 45 ? 3.21698   -0.47959  9.66228   1.000 23.97669 ? 45  TRP B O   1 
ATOM   937  C  CB  . TRP B 1 45 ? 4.48649   2.13844   8.53771   1.000 22.01888 ? 45  TRP B CB  1 
ATOM   938  C  CG  . TRP B 1 45 ? 4.98365   3.21336   9.48605   1.000 22.60770 ? 45  TRP B CG  1 
ATOM   939  C  CD1 . TRP B 1 45 ? 4.38978   3.61866   10.65142  1.000 23.95870 ? 45  TRP B CD1 1 
ATOM   940  C  CD2 . TRP B 1 45 ? 6.13801   4.04869   9.31670   1.000 24.26608 ? 45  TRP B CD2 1 
ATOM   941  N  NE1 . TRP B 1 45 ? 5.11745   4.62884   11.23592  1.000 24.26486 ? 45  TRP B NE1 1 
ATOM   942  C  CE2 . TRP B 1 45 ? 6.20195   4.90678   10.44310  1.000 25.15064 ? 45  TRP B CE2 1 
ATOM   943  C  CE3 . TRP B 1 45 ? 7.15192   4.12080   8.35413   1.000 26.37066 ? 45  TRP B CE3 1 
ATOM   944  C  CZ2 . TRP B 1 45 ? 7.21287   5.85486   10.60572  1.000 28.15819 ? 45  TRP B CZ2 1 
ATOM   945  C  CZ3 . TRP B 1 45 ? 8.16347   5.05827   8.52728   1.000 25.45980 ? 45  TRP B CZ3 1 
ATOM   946  C  CH2 . TRP B 1 45 ? 8.18991   5.90503   9.64849   1.000 29.76893 ? 45  TRP B CH2 1 
ATOM   947  N  N   . ASP B 1 46 ? 4.82772   0.14337   11.10514  1.000 22.47493 ? 46  ASP B N   1 
ATOM   948  C  CA  . ASP B 1 46 ? 4.12345   -0.43553  12.25199  1.000 23.93827 ? 46  ASP B CA  1 
ATOM   949  C  C   . ASP B 1 46 ? 2.69905   0.10685   12.32876  1.000 20.08398 ? 46  ASP B C   1 
ATOM   950  O  O   . ASP B 1 46 ? 2.47443   1.31326   12.26773  1.000 24.62270 ? 46  ASP B O   1 
ATOM   951  C  CB  . ASP B 1 46 ? 4.86723   -0.10374  13.54514  1.000 23.44392 ? 46  ASP B CB  1 
ATOM   952  C  CG  . ASP B 1 46 ? 6.14762   -0.92203  13.73577  1.000 26.61822 ? 46  ASP B CG  1 
ATOM   953  O  OD1 . ASP B 1 46 ? 6.29981   -2.01982  13.14950  1.000 24.62650 ? 46  ASP B OD1 1 
ATOM   954  O  OD2 . ASP B 1 46 ? 7.00695   -0.43944  14.49991  1.000 23.73443 ? 46  ASP B OD2 1 
ATOM   955  N  N   . ALA B 1 47 ? 1.72705   -0.78631  12.45651  1.000 25.47292 ? 47  ALA B N   1 
ATOM   956  C  CA  . ALA B 1 47 ? 0.35284   -0.32151  12.59018  1.000 25.56773 ? 47  ALA B CA  1 
ATOM   957  C  C   . ALA B 1 47 ? 0.20163   0.49887   13.87289  1.000 27.06543 ? 47  ALA B C   1 
ATOM   958  O  O   . ALA B 1 47 ? 0.97363   0.34998   14.82410  1.000 29.69472 ? 47  ALA B O   1 
ATOM   959  C  CB  . ALA B 1 47 ? -0.60856  -1.51187  12.58604  1.000 30.20059 ? 47  ALA B CB  1 
ATOM   960  N  N   . ASP B 1 48 ? -0.75992  1.42367   13.86476  1.000 26.99498 ? 48  ASP B N   1 
ATOM   961  C  CA  . ASP B 1 48 ? -1.08608  2.27187   15.02210  1.000 27.87447 ? 48  ASP B CA  1 
ATOM   962  C  C   . ASP B 1 48 ? 0.07895   3.16828   15.44172  1.000 34.83510 ? 48  ASP B C   1 
ATOM   963  O  O   . ASP B 1 48 ? 0.15525   3.61440   16.59749  1.000 31.21501 ? 48  ASP B O   1 
ATOM   964  C  CB  . ASP B 1 48 ? -1.55853  1.43041   16.21406  1.000 35.41340 ? 48  ASP B CB  1 
ATOM   965  C  CG  . ASP B 1 48 ? -2.23434  2.27233   17.27560  1.000 47.20891 ? 48  ASP B CG  1 
ATOM   966  O  OD1 . ASP B 1 48 ? -2.00134  2.03819   18.48389  1.000 52.53289 ? 48  ASP B OD1 1 
ATOM   967  O  OD2 . ASP B 1 48 ? -2.97016  3.20116   16.87797  1.000 46.69861 ? 48  ASP B OD2 1 
ATOM   968  N  N   . THR B 1 49 ? 0.98599   3.45484   14.51528  1.000 24.58158 ? 49  THR B N   1 
ATOM   969  C  CA  . THR B 1 49 ? 2.16935   4.25226   14.78515  1.000 24.68969 ? 49  THR B CA  1 
ATOM   970  C  C   . THR B 1 49 ? 2.17414   5.46630   13.88162  1.000 25.26970 ? 49  THR B C   1 
ATOM   971  O  O   . THR B 1 49 ? 1.91115   5.36096   12.67929  1.000 27.69440 ? 49  THR B O   1 
ATOM   972  C  CB  . THR B 1 49 ? 3.44445   3.44852   14.55204  1.000 23.24887 ? 49  THR B CB  1 
ATOM   973  O  OG1 . THR B 1 49 ? 3.39415   2.26795   15.36133  1.000 25.99550 ? 49  THR B OG1 1 
ATOM   974  C  CG2 . THR B 1 49 ? 4.68494   4.27295   14.91580  1.000 27.14711 ? 49  THR B CG2 1 
ATOM   975  N  N   . SER B 1 50 ? 2.50667   6.60956   14.45285  1.000 23.38869 ? 50  SER B N   1 
ATOM   976  C  CA  . SER B 1 50 ? 2.52393   7.81386   13.64887  1.000 23.12666 ? 50  SER B CA  1 
ATOM   977  C  C   . SER B 1 50 ? 3.71660   7.78789   12.69346  1.000 22.92632 ? 50  SER B C   1 
ATOM   978  O  O   . SER B 1 50 ? 4.68379   7.03608   12.86556  1.000 22.87582 ? 50  SER B O   1 
ATOM   979  C  CB  . SER B 1 50 ? 2.57570   9.04719   14.54158  1.000 27.81467 ? 50  SER B CB  1 
ATOM   980  O  OG  . SER B 1 50 ? 3.83687   9.15647   15.16855  1.000 26.50229 ? 50  SER B OG  1 
ATOM   981  N  N   . VAL B 1 51 ? 3.63419   8.62824   11.67374  1.000 25.56265 ? 51  VAL B N   1 
ATOM   982  C  CA  . VAL B 1 51 ? 4.70829   8.81429   10.70676  1.000 25.40553 ? 51  VAL B CA  1 
ATOM   983  C  C   . VAL B 1 51 ? 5.23249   10.23804  10.88544  1.000 25.98539 ? 51  VAL B C   1 
ATOM   984  O  O   . VAL B 1 51 ? 4.51834   11.20194  10.56296  1.000 27.14529 ? 51  VAL B O   1 
ATOM   985  C  CB  . VAL B 1 51 ? 4.21605   8.59153   9.26937   1.000 23.48715 ? 51  VAL B CB  1 
ATOM   986  C  CG1 . VAL B 1 51 ? 5.36215   8.79589   8.27847   1.000 26.51308 ? 51  VAL B CG1 1 
ATOM   987  C  CG2 . VAL B 1 51 ? 3.62226   7.17790   9.12498   1.000 25.69312 ? 51  VAL B CG2 1 
ATOM   988  N  N   . PRO B 1 52 ? 6.44767   10.42782  11.38462  1.000 32.13287 ? 52  PRO B N   1 
ATOM   989  C  CA  . PRO B 1 52 ? 6.91330   11.79582  11.62044  1.000 31.85914 ? 52  PRO B CA  1 
ATOM   990  C  C   . PRO B 1 52 ? 7.26778   12.45143  10.29837  1.000 24.31060 ? 52  PRO B C   1 
ATOM   991  O  O   . PRO B 1 52 ? 7.77928   11.80781  9.37921   1.000 27.85300 ? 52  PRO B O   1 
ATOM   992  C  CB  . PRO B 1 52 ? 8.14453   11.59291  12.50936  1.000 34.56414 ? 52  PRO B CB  1 
ATOM   993  C  CG  . PRO B 1 52 ? 8.72376   10.27656  12.02585  1.000 33.60114 ? 52  PRO B CG  1 
ATOM   994  C  CD  . PRO B 1 52 ? 7.53642   9.43956   11.53205  1.000 35.03190 ? 52  PRO B CD  1 
ATOM   995  N  N   . ALA B 1 53 ? 6.96050   13.73680  10.18678  1.000 27.82193 ? 53  ALA B N   1 
ATOM   996  C  CA  . ALA B 1 53 ? 7.22734   14.42474  8.93796   1.000 25.04874 ? 53  ALA B CA  1 
ATOM   997  C  C   . ALA B 1 53 ? 7.56511   15.87531  9.21955   1.000 28.72969 ? 53  ALA B C   1 
ATOM   998  O  O   . ALA B 1 53 ? 7.04967   16.47659  10.16621  1.000 34.57804 ? 53  ALA B O   1 
ATOM   999  C  CB  . ALA B 1 53 ? 6.02616   14.35502  7.99294   1.000 24.51528 ? 53  ALA B CB  1 
ATOM   1000 N  N   . ILE B 1 54 ? 8.40544   16.44220  8.36945   1.000 24.68296 ? 54  ILE B N   1 
ATOM   1001 C  CA  . ILE B 1 54 ? 8.66546   17.87598  8.38569   1.000 27.54105 ? 54  ILE B CA  1 
ATOM   1002 C  C   . ILE B 1 54 ? 7.94965   18.47356  7.18258   1.000 26.29543 ? 54  ILE B C   1 
ATOM   1003 O  O   . ILE B 1 54 ? 8.27962   18.15732  6.03389   1.000 27.89961 ? 54  ILE B O   1 
ATOM   1004 C  CB  . ILE B 1 54 ? 10.16933  18.18134  8.37240   1.000 26.28249 ? 54  ILE B CB  1 
ATOM   1005 C  CG1 . ILE B 1 54 ? 10.85867  17.42085  9.50338   1.000 33.34916 ? 54  ILE B CG1 1 
ATOM   1006 C  CG2 . ILE B 1 54 ? 10.39742  19.67459  8.53566   1.000 28.60651 ? 54  ILE B CG2 1 
ATOM   1007 C  CD1 . ILE B 1 54 ? 12.37036  17.43960  9.43081   1.000 39.19237 ? 54  ILE B CD1 1 
ATOM   1008 N  N   . LEU B 1 55 ? 6.94607   19.31441  7.43613   1.000 26.31347 ? 55  LEU B N   1 
ATOM   1009 C  CA  . LEU B 1 55 ? 6.11833   19.90019  6.38485   1.000 29.64333 ? 55  LEU B CA  1 
ATOM   1010 C  C   . LEU B 1 55 ? 6.48635   21.37150  6.23160   1.000 35.56247 ? 55  LEU B C   1 
ATOM   1011 O  O   . LEU B 1 55 ? 6.25564   22.16921  7.14676   1.000 37.29226 ? 55  LEU B O   1 
ATOM   1012 C  CB  . LEU B 1 55 ? 4.62863   19.75104  6.69686   1.000 33.27329 ? 55  LEU B CB  1 
ATOM   1013 C  CG  . LEU B 1 55 ? 4.00926   18.36054  6.83175   1.000 34.05095 ? 55  LEU B CG  1 
ATOM   1014 C  CD1 . LEU B 1 55 ? 2.48179   18.45981  6.93426   1.000 37.69011 ? 55  LEU B CD1 1 
ATOM   1015 C  CD2 . LEU B 1 55 ? 4.40892   17.45472  5.68056   1.000 33.77498 ? 55  LEU B CD2 1 
ATOM   1016 N  N   . ASN B 1 56 ? 7.04041   21.72579  5.07417   1.000 35.66075 ? 56  ASN B N   1 
ATOM   1017 C  CA  . ASN B 1 56 ? 7.54348   23.07669  4.81415   1.000 36.95317 ? 56  ASN B CA  1 
ATOM   1018 C  C   . ASN B 1 56 ? 8.31048   23.60693  6.02680   1.000 34.98380 ? 56  ASN B C   1 
ATOM   1019 O  O   . ASN B 1 56 ? 8.07652   24.71609  6.51282   1.000 37.08024 ? 56  ASN B O   1 
ATOM   1020 C  CB  . ASN B 1 56 ? 6.40507   24.02943  4.42326   1.000 36.08780 ? 56  ASN B CB  1 
ATOM   1021 C  CG  . ASN B 1 56 ? 5.79112   23.70085  3.06280   1.000 40.80021 ? 56  ASN B CG  1 
ATOM   1022 O  OD1 . ASN B 1 56 ? 6.47733   23.27416  2.13087   1.000 39.80407 ? 56  ASN B OD1 1 
ATOM   1023 N  ND2 . ASN B 1 56 ? 4.48276   23.90445  2.94893   1.000 48.31547 ? 56  ASN B ND2 1 
ATOM   1024 N  N   . GLY B 1 57 ? 9.21830   22.77610  6.54059   1.000 32.99409 ? 57  GLY B N   1 
ATOM   1025 C  CA  . GLY B 1 57 ? 10.03360  23.11775  7.68813   1.000 29.91826 ? 57  GLY B CA  1 
ATOM   1026 C  C   . GLY B 1 57 ? 9.40005   22.89983  9.04699   1.000 35.77084 ? 57  GLY B C   1 
ATOM   1027 O  O   . GLY B 1 57 ? 10.11758  22.91249  10.05361  1.000 33.78531 ? 57  GLY B O   1 
ATOM   1028 N  N   . GLU B 1 58 ? 8.09140   22.68451  9.11538   1.000 35.64135 ? 58  GLU B N   1 
ATOM   1029 C  CA  . GLU B 1 58 ? 7.38889   22.54127  10.38394  1.000 36.83011 ? 58  GLU B CA  1 
ATOM   1030 C  C   . GLU B 1 58 ? 7.29187   21.06252  10.73925  1.000 40.78004 ? 58  GLU B C   1 
ATOM   1031 O  O   . GLU B 1 58 ? 6.73899   20.26905  9.96452   1.000 34.58575 ? 58  GLU B O   1 
ATOM   1032 C  CB  . GLU B 1 58 ? 5.99868   23.16753  10.28677  1.000 40.02261 ? 58  GLU B CB  1 
ATOM   1033 C  CG  . GLU B 1 58 ? 5.16472   23.06854  11.55559  1.000 47.01478 ? 58  GLU B CG  1 
ATOM   1034 C  CD  . GLU B 1 58 ? 5.72933   23.90639  12.68688  1.000 50.87959 ? 58  GLU B CD  1 
ATOM   1035 O  OE1 . GLU B 1 58 ? 6.05557   25.08887  12.44123  1.000 48.92674 ? 58  GLU B OE1 1 
ATOM   1036 O  OE2 . GLU B 1 58 ? 5.84205   23.38609  13.82045  1.000 53.59623 ? 58  GLU B OE2 1 
ATOM   1037 N  N   . HIS B 1 59 ? 7.83519   20.68523  11.89413  1.000 37.31492 ? 59  HIS B N   1 
ATOM   1038 C  CA  . HIS B 1 59 ? 7.68557   19.30510  12.32088  1.000 40.57348 ? 59  HIS B CA  1 
ATOM   1039 C  C   . HIS B 1 59 ? 6.21069   19.01224  12.55763  1.000 39.76342 ? 59  HIS B C   1 
ATOM   1040 O  O   . HIS B 1 59 ? 5.51373   19.74705  13.26609  1.000 39.25888 ? 59  HIS B O   1 
ATOM   1041 C  CB  . HIS B 1 59 ? 8.49831   19.00350  13.57702  1.000 41.07790 ? 59  HIS B CB  1 
ATOM   1042 C  CG  . HIS B 1 59 ? 8.35702   17.58627  14.04720  1.000 44.97135 ? 59  HIS B CG  1 
ATOM   1043 N  ND1 . HIS B 1 59 ? 7.18391   17.08989  14.57791  1.000 46.11712 ? 59  HIS B ND1 1 
ATOM   1044 C  CD2 . HIS B 1 59 ? 9.23095   16.55091  14.03973  1.000 44.80091 ? 59  HIS B CD2 1 
ATOM   1045 C  CE1 . HIS B 1 59 ? 7.34581   15.81677  14.89205  1.000 43.23296 ? 59  HIS B CE1 1 
ATOM   1046 N  NE2 . HIS B 1 59 ? 8.57849   15.46387  14.57290  1.000 45.53685 ? 59  HIS B NE2 1 
ATOM   1047 N  N   . SER B 1 60 ? 5.73814   17.94737  11.92916  1.000 36.92055 ? 60  SER B N   1 
ATOM   1048 C  CA  . SER B 1 60 ? 4.35279   17.52811  11.98546  1.000 35.57084 ? 60  SER B CA  1 
ATOM   1049 C  C   . SER B 1 60 ? 4.30634   16.03092  12.24593  1.000 34.10206 ? 60  SER B C   1 
ATOM   1050 O  O   . SER B 1 60 ? 5.32529   15.33402  12.26412  1.000 37.23143 ? 60  SER B O   1 
ATOM   1051 C  CB  . SER B 1 60 ? 3.60875   17.86164  10.68292  1.000 36.22292 ? 60  SER B CB  1 
ATOM   1052 O  OG  . SER B 1 60 ? 3.87563   19.19715  10.26626  1.000 40.90508 ? 60  SER B OG  1 
ATOM   1053 N  N   . VAL B 1 61 ? 3.09547   15.54716  12.46329  1.000 34.09361 ? 61  VAL B N   1 
ATOM   1054 C  CA  . VAL B 1 61 ? 2.83446   14.13568  12.68133  1.000 33.50931 ? 61  VAL B CA  1 
ATOM   1055 C  C   . VAL B 1 61 ? 1.78698   13.73101  11.65255  1.000 29.20404 ? 61  VAL B C   1 
ATOM   1056 O  O   . VAL B 1 61 ? 0.77677   14.42585  11.49470  1.000 33.56508 ? 61  VAL B O   1 
ATOM   1057 C  CB  . VAL B 1 61 ? 2.35420   13.88022  14.12523  1.000 35.83484 ? 61  VAL B CB  1 
ATOM   1058 C  CG1 . VAL B 1 61 ? 2.00678   12.43160  14.34282  1.000 32.94920 ? 61  VAL B CG1 1 
ATOM   1059 C  CG2 . VAL B 1 61 ? 3.43555   14.32258  15.12688  1.000 37.64154 ? 61  VAL B CG2 1 
ATOM   1060 N  N   . LEU B 1 62 ? 2.05275   12.65474  10.91668  1.000 26.36824 ? 62  LEU B N   1 
ATOM   1061 C  CA  . LEU B 1 62 ? 1.10549   12.10110  9.95513   1.000 26.61730 ? 62  LEU B CA  1 
ATOM   1062 C  C   . LEU B 1 62 ? 0.64810   10.72027  10.40404  1.000 23.45902 ? 62  LEU B C   1 
ATOM   1063 O  O   . LEU B 1 62 ? 1.35875   10.01574  11.12431  1.000 26.09092 ? 62  LEU B O   1 
ATOM   1064 C  CB  . LEU B 1 62 ? 1.73020   11.97711  8.56187   1.000 22.62426 ? 62  LEU B CB  1 
ATOM   1065 C  CG  . LEU B 1 62 ? 2.38552   13.19837  7.91906   1.000 24.59431 ? 62  LEU B CG  1 
ATOM   1066 C  CD1 . LEU B 1 62 ? 2.91484   12.83394  6.54328   1.000 25.01681 ? 62  LEU B CD1 1 
ATOM   1067 C  CD2 . LEU B 1 62 ? 1.38619   14.33618  7.83489   1.000 30.29353 ? 62  LEU B CD2 1 
ATOM   1068 N  N   . TYR B 1 63 ? -0.54469  10.31639  9.93290   1.000 24.34604 ? 63  TYR B N   1 
ATOM   1069 C  CA  . TYR B 1 63 ? -1.06172  8.97018   10.16001  1.000 24.59571 ? 63  TYR B CA  1 
ATOM   1070 C  C   . TYR B 1 63 ? -1.51002  8.38770   8.83320   1.000 20.59405 ? 63  TYR B C   1 
ATOM   1071 O  O   . TYR B 1 63 ? -2.08763  9.09744   8.01247   1.000 22.77834 ? 63  TYR B O   1 
ATOM   1072 C  CB  . TYR B 1 63 ? -2.25366  8.95002   11.12621  1.000 30.02135 ? 63  TYR B CB  1 
ATOM   1073 C  CG  . TYR B 1 63 ? -1.92901  9.63374   12.40945  1.000 29.98647 ? 63  TYR B CG  1 
ATOM   1074 C  CD1 . TYR B 1 63 ? -2.17146  10.98828  12.56884  1.000 36.45322 ? 63  TYR B CD1 1 
ATOM   1075 C  CD2 . TYR B 1 63 ? -1.32296  8.95158   13.42536  1.000 30.63645 ? 63  TYR B CD2 1 
ATOM   1076 C  CE1 . TYR B 1 63 ? -1.84790  11.62669  13.74395  1.000 39.27021 ? 63  TYR B CE1 1 
ATOM   1077 C  CE2 . TYR B 1 63 ? -0.99409  9.58100   14.60825  1.000 30.56404 ? 63  TYR B CE2 1 
ATOM   1078 C  CZ  . TYR B 1 63 ? -1.25566  10.91345  14.75808  1.000 35.61484 ? 63  TYR B CZ  1 
ATOM   1079 O  OH  . TYR B 1 63 ? -0.92652  11.55227  15.93490  1.000 44.65638 ? 63  TYR B OH  1 
ATOM   1080 N  N   . ARG B 1 64 ? -1.23579  7.10508   8.62529   1.000 22.64581 ? 64  ARG B N   1 
ATOM   1081 C  CA  . ARG B 1 64 ? -1.71465  6.46644   7.40734   1.000 21.68035 ? 64  ARG B CA  1 
ATOM   1082 C  C   . ARG B 1 64 ? -3.23513  6.40945   7.43467   1.000 21.33570 ? 64  ARG B C   1 
ATOM   1083 O  O   . ARG B 1 64 ? -3.83871  5.89577   8.39086   1.000 24.68329 ? 64  ARG B O   1 
ATOM   1084 C  CB  . ARG B 1 64 ? -1.13649  5.06488   7.26228   1.000 21.53953 ? 64  ARG B CB  1 
ATOM   1085 C  CG  . ARG B 1 64 ? 0.39801   5.02333   7.30315   1.000 20.28293 ? 64  ARG B CG  1 
ATOM   1086 C  CD  . ARG B 1 64 ? 0.89678   3.58448   7.07916   1.000 22.60780 ? 64  ARG B CD  1 
ATOM   1087 N  NE  . ARG B 1 64 ? 0.28874   2.66093   8.03307   1.000 24.84951 ? 64  ARG B NE  1 
ATOM   1088 C  CZ  . ARG B 1 64 ? 0.31709   1.33444   7.93642   1.000 24.86968 ? 64  ARG B CZ  1 
ATOM   1089 N  NH1 . ARG B 1 64 ? 0.93836   0.73961   6.92237   1.000 24.48062 ? 64  ARG B NH1 1 
ATOM   1090 N  NH2 . ARG B 1 64 ? -0.28689  0.59371   8.85801   1.000 26.65994 ? 64  ARG B NH2 1 
ATOM   1091 N  N   . LYS B 1 65 ? -3.85317  6.93128   6.38612   1.000 19.41534 ? 65  LYS B N   1 
ATOM   1092 C  CA  . LYS B 1 65 ? -5.31121  6.96547   6.29790   1.000 22.80250 ? 65  LYS B CA  1 
ATOM   1093 C  C   . LYS B 1 65 ? -5.85718  5.90669   5.34819   1.000 25.27473 ? 65  LYS B C   1 
ATOM   1094 O  O   . LYS B 1 65 ? -6.69219  5.08529   5.74175   1.000 24.80346 ? 65  LYS B O   1 
ATOM   1095 C  CB  . LYS B 1 65 ? -5.77769  8.35498   5.85013   1.000 22.82049 ? 65  LYS B CB  1 
ATOM   1096 C  CG  . LYS B 1 65 ? -7.28287  8.43637   5.63501   1.000 28.96455 ? 65  LYS B CG  1 
ATOM   1097 C  CD  . LYS B 1 65 ? -7.77519  9.82347   5.24943   1.000 30.94749 ? 65  LYS B CD  1 
ATOM   1098 C  CE  . LYS B 1 65 ? -9.28145  9.75396   5.03129   1.000 33.37762 ? 65  LYS B CE  1 
ATOM   1099 N  NZ  . LYS B 1 65 ? -9.92369  11.06538  5.19158   1.000 39.00956 ? 65  LYS B NZ  1 
ATOM   1100 N  N   . HIS B 1 66 ? -5.36393  5.88204   4.11151   1.000 22.81795 ? 66  HIS B N   1 
ATOM   1101 C  CA  . HIS B 1 66 ? -5.95833  5.06481   3.06600   1.000 22.85705 ? 66  HIS B CA  1 
ATOM   1102 C  C   . HIS B 1 66 ? -4.96936  4.95400   1.91813   1.000 22.12455 ? 66  HIS B C   1 
ATOM   1103 O  O   . HIS B 1 66 ? -4.36189  5.95291   1.54444   1.000 20.35094 ? 66  HIS B O   1 
ATOM   1104 C  CB  . HIS B 1 66 ? -7.26351  5.70859   2.56410   1.000 23.65660 ? 66  HIS B CB  1 
ATOM   1105 C  CG  . HIS B 1 66 ? -7.92695  4.95515   1.45274   1.000 27.88773 ? 66  HIS B CG  1 
ATOM   1106 N  ND1 . HIS B 1 66 ? -8.56264  3.74745   1.65065   1.000 29.14467 ? 66  HIS B ND1 1 
ATOM   1107 C  CD2 . HIS B 1 66 ? -8.06989  5.24340   0.13840   1.000 29.66217 ? 66  HIS B CD2 1 
ATOM   1108 C  CE1 . HIS B 1 66 ? -9.05394  3.31481   0.50088   1.000 27.50107 ? 66  HIS B CE1 1 
ATOM   1109 N  NE2 . HIS B 1 66 ? -8.77382  4.20668   -0.43159  1.000 31.41416 ? 66  HIS B NE2 1 
ATOM   1110 N  N   . TYR B 1 67 ? -4.83214  3.76034   1.33865   1.000 21.35517 ? 67  TYR B N   1 
ATOM   1111 C  CA  . TYR B 1 67 ? -4.13483  3.63464   0.06554   1.000 19.88383 ? 67  TYR B CA  1 
ATOM   1112 C  C   . TYR B 1 67 ? -5.12849  3.84638   -1.07509  1.000 22.86372 ? 67  TYR B C   1 
ATOM   1113 O  O   . TYR B 1 67 ? -6.06487  3.05264   -1.24032  1.000 23.61395 ? 67  TYR B O   1 
ATOM   1114 C  CB  . TYR B 1 67 ? -3.44843  2.28065   -0.10778  1.000 20.23148 ? 67  TYR B CB  1 
ATOM   1115 C  CG  . TYR B 1 67 ? -2.49485  2.38226   -1.26408  1.000 20.10282 ? 67  TYR B CG  1 
ATOM   1116 C  CD1 . TYR B 1 67 ? -1.21501  2.86571   -1.07331  1.000 21.84286 ? 67  TYR B CD1 1 
ATOM   1117 C  CD2 . TYR B 1 67 ? -2.89894  2.09957   -2.56910  1.000 24.26333 ? 67  TYR B CD2 1 
ATOM   1118 C  CE1 . TYR B 1 67 ? -0.34275  3.03139   -2.14312  1.000 22.47969 ? 67  TYR B CE1 1 
ATOM   1119 C  CE2 . TYR B 1 67 ? -2.02480  2.25863   -3.65058  1.000 22.31275 ? 67  TYR B CE2 1 
ATOM   1120 C  CZ  . TYR B 1 67 ? -0.75096  2.72302   -3.42410  1.000 23.62311 ? 67  TYR B CZ  1 
ATOM   1121 O  OH  . TYR B 1 67 ? 0.13669   2.90871   -4.46766  1.000 22.56238 ? 67  TYR B OH  1 
ATOM   1122 N  N   . ASP B 1 68 ? -4.91000  4.89723   -1.86465  1.000 20.98272 ? 68  ASP B N   1 
ATOM   1123 C  CA  . ASP B 1 68 ? -5.79028  5.25970   -2.97830  1.000 22.79840 ? 68  ASP B CA  1 
ATOM   1124 C  C   . ASP B 1 68 ? -5.38116  4.45639   -4.21620  1.000 24.47116 ? 68  ASP B C   1 
ATOM   1125 O  O   . ASP B 1 68 ? -4.35520  4.74359   -4.84150  1.000 21.89416 ? 68  ASP B O   1 
ATOM   1126 C  CB  . ASP B 1 68 ? -5.70652  6.77007   -3.21348  1.000 24.49944 ? 68  ASP B CB  1 
ATOM   1127 C  CG  . ASP B 1 68 ? -6.55146  7.25553   -4.38623  1.000 32.12355 ? 68  ASP B CG  1 
ATOM   1128 O  OD1 . ASP B 1 68 ? -7.17801  6.44734   -5.09734  1.000 33.05842 ? 68  ASP B OD1 1 
ATOM   1129 O  OD2 . ASP B 1 68 ? -6.57454  8.48927   -4.59324  1.000 37.14896 ? 68  ASP B OD2 1 
ATOM   1130 N  N   . ARG B 1 69 ? -6.17248  3.43002   -4.55705  1.000 25.45137 ? 69  ARG B N   1 
ATOM   1131 C  CA  . ARG B 1 69 ? -5.84302  2.59416   -5.71314  1.000 25.51790 ? 69  ARG B CA  1 
ATOM   1132 C  C   . ARG B 1 69 ? -5.98294  3.34793   -7.02904  1.000 28.54095 ? 69  ARG B C   1 
ATOM   1133 O  O   . ARG B 1 69 ? -5.24744  3.06741   -7.98010  1.000 26.76232 ? 69  ARG B O   1 
ATOM   1134 C  CB  . ARG B 1 69 ? -6.72840  1.34906   -5.74877  1.000 24.94314 ? 69  ARG B CB  1 
ATOM   1135 C  CG  . ARG B 1 69 ? -6.41576  0.34347   -4.67709  1.000 26.92944 ? 69  ARG B CG  1 
ATOM   1136 C  CD  . ARG B 1 69 ? -7.32970  -0.87264  -4.78104  1.000 29.45280 ? 69  ARG B CD  1 
ATOM   1137 N  NE  . ARG B 1 69 ? -8.72389  -0.54894  -4.48093  1.000 31.72672 ? 69  ARG B NE  1 
ATOM   1138 C  CZ  . ARG B 1 69 ? -9.68419  -0.47233  -5.39370  1.000 32.69403 ? 69  ARG B CZ  1 
ATOM   1139 N  NH1 . ARG B 1 69 ? -9.41016  -0.67355  -6.68272  1.000 34.46022 ? 69  ARG B NH1 1 
ATOM   1140 N  NH2 . ARG B 1 69 ? -10.91949 -0.17433  -5.01804  1.000 40.07269 ? 69  ARG B NH2 1 
ATOM   1141 N  N   . GLN B 1 70 ? -6.90880  4.30483   -7.11846  1.000 28.53123 ? 70  GLN B N   1 
ATOM   1142 C  CA  . GLN B 1 70 ? -7.12159  4.95384   -8.40844  1.000 27.87444 ? 70  GLN B CA  1 
ATOM   1143 C  C   . GLN B 1 70 ? -5.92302  5.80059   -8.81534  1.000 28.97781 ? 70  GLN B C   1 
ATOM   1144 O  O   . GLN B 1 70 ? -5.55648  5.83872   -9.99627  1.000 30.97832 ? 70  GLN B O   1 
ATOM   1145 C  CB  . GLN B 1 70 ? -8.40254  5.79518   -8.37012  1.000 30.60505 ? 70  GLN B CB  1 
ATOM   1146 C  CG  . GLN B 1 70 ? -8.75741  6.41527   -9.71957  1.000 40.43902 ? 70  GLN B CG  1 
ATOM   1147 C  CD  . GLN B 1 70 ? -8.79151  5.39536   -10.86069 1.000 49.96439 ? 70  GLN B CD  1 
ATOM   1148 O  OE1 . GLN B 1 70 ? -9.65305  4.50818   -10.89411 1.000 50.48487 ? 70  GLN B OE1 1 
ATOM   1149 N  NE2 . GLN B 1 70 ? -7.85517  5.52696   -11.80790 1.000 45.85443 ? 70  GLN B NE2 1 
ATOM   1150 N  N   . SER B 1 71 ? -5.28253  6.46914   -7.85569  1.000 25.99144 ? 71  SER B N   1 
ATOM   1151 C  CA  . SER B 1 71 ? -4.14251  7.32142   -8.13892  1.000 26.97291 ? 71  SER B CA  1 
ATOM   1152 C  C   . SER B 1 71 ? -2.80926  6.72183   -7.70252  1.000 24.02418 ? 71  SER B C   1 
ATOM   1153 O  O   . SER B 1 71 ? -1.76719  7.35386   -7.92088  1.000 24.30011 ? 71  SER B O   1 
ATOM   1154 C  CB  . SER B 1 71 ? -4.32905  8.69193   -7.47826  1.000 32.86892 ? 71  SER B CB  1 
ATOM   1155 O  OG  . SER B 1 71 ? -4.50464  8.56617   -6.08197  1.000 34.28839 ? 71  SER B OG  1 
ATOM   1156 N  N   . ASP B 1 72 ? -2.81367  5.52557   -7.12085  1.000 22.04119 ? 72  ASP B N   1 
ATOM   1157 C  CA  . ASP B 1 72 ? -1.60371  4.88740   -6.59276  1.000 21.99045 ? 72  ASP B CA  1 
ATOM   1158 C  C   . ASP B 1 72 ? -0.85840  5.83366   -5.65020  1.000 20.64082 ? 72  ASP B C   1 
ATOM   1159 O  O   . ASP B 1 72 ? 0.29410   6.20789   -5.87745  1.000 22.30472 ? 72  ASP B O   1 
ATOM   1160 C  CB  . ASP B 1 72 ? -0.69449  4.41897   -7.73514  1.000 21.25330 ? 72  ASP B CB  1 
ATOM   1161 C  CG  . ASP B 1 72 ? -1.18736  3.13115   -8.39037  1.000 21.52282 ? 72  ASP B CG  1 
ATOM   1162 O  OD1 . ASP B 1 72 ? -2.13725  2.52448   -7.86864  1.000 21.62575 ? 72  ASP B OD1 1 
ATOM   1163 O  OD2 . ASP B 1 72 ? -0.58444  2.72438   -9.42349  1.000 23.02156 ? 72  ASP B OD2 1 
ATOM   1164 N  N   . ALA B 1 73 ? -1.54121  6.21328   -4.56721  1.000 20.27231 ? 73  ALA B N   1 
ATOM   1165 C  CA  . ALA B 1 73 ? -0.98727  7.20140   -3.65440  1.000 21.91566 ? 73  ALA B CA  1 
ATOM   1166 C  C   . ALA B 1 73 ? -1.34308  6.82791   -2.22435  1.000 19.26189 ? 73  ALA B C   1 
ATOM   1167 O  O   . ALA B 1 73 ? -2.44151  6.32221   -1.97309  1.000 20.59708 ? 73  ALA B O   1 
ATOM   1168 C  CB  . ALA B 1 73 ? -1.51489  8.60961   -3.98606  1.000 25.17857 ? 73  ALA B CB  1 
ATOM   1169 N  N   . TRP B 1 74 ? -0.40833  7.04391   -1.29746  1.000 20.13338 ? 74  TRP B N   1 
ATOM   1170 C  CA  . TRP B 1 74 ? -0.71890  6.95694   0.12792   1.000 17.74732 ? 74  TRP B CA  1 
ATOM   1171 C  C   . TRP B 1 74 ? -1.36648  8.25620   0.58253   1.000 20.43336 ? 74  TRP B C   1 
ATOM   1172 O  O   . TRP B 1 74 ? -0.78284  9.33779   0.42793   1.000 22.16407 ? 74  TRP B O   1 
ATOM   1173 C  CB  . TRP B 1 74 ? 0.54146   6.69041   0.95712   1.000 19.61806 ? 74  TRP B CB  1 
ATOM   1174 C  CG  . TRP B 1 74 ? 0.63884   5.25360   1.35284   1.000 17.76190 ? 74  TRP B CG  1 
ATOM   1175 C  CD1 . TRP B 1 74 ? 1.57077   4.35033   0.93012   1.000 21.74450 ? 74  TRP B CD1 1 
ATOM   1176 C  CD2 . TRP B 1 74 ? -0.22598  4.55318   2.24733   1.000 19.89567 ? 74  TRP B CD2 1 
ATOM   1177 N  NE1 . TRP B 1 74 ? 1.33013   3.13041   1.49888   1.000 19.92767 ? 74  TRP B NE1 1 
ATOM   1178 C  CE2 . TRP B 1 74 ? 0.23074   3.22542   2.31175   1.000 20.70875 ? 74  TRP B CE2 1 
ATOM   1179 C  CE3 . TRP B 1 74 ? -1.35270  4.92210   3.00296   1.000 21.75094 ? 74  TRP B CE3 1 
ATOM   1180 C  CZ2 . TRP B 1 74 ? -0.38898  2.25946   3.09195   1.000 21.03263 ? 74  TRP B CZ2 1 
ATOM   1181 C  CZ3 . TRP B 1 74 ? -1.97924  3.94823   3.78154   1.000 18.99232 ? 74  TRP B CZ3 1 
ATOM   1182 C  CH2 . TRP B 1 74 ? -1.49204  2.63996   3.82511   1.000 21.85582 ? 74  TRP B CH2 1 
ATOM   1183 N  N   . VAL B 1 75 ? -2.57506  8.16528   1.12396   1.000 20.88741 ? 75  VAL B N   1 
ATOM   1184 C  CA  . VAL B 1 75 ? -3.24099  9.33463   1.67592   1.000 19.95115 ? 75  VAL B CA  1 
ATOM   1185 C  C   . VAL B 1 75 ? -2.96981  9.33691   3.16469   1.000 20.19753 ? 75  VAL B C   1 
ATOM   1186 O  O   . VAL B 1 75 ? -3.24614  8.34529   3.85313   1.000 21.50569 ? 75  VAL B O   1 
ATOM   1187 C  CB  . VAL B 1 75 ? -4.74885  9.32946   1.38628   1.000 23.02023 ? 75  VAL B CB  1 
ATOM   1188 C  CG1 . VAL B 1 75 ? -5.32739  10.65582  1.83147   1.000 24.02734 ? 75  VAL B CG1 1 
ATOM   1189 C  CG2 . VAL B 1 75 ? -4.98819  9.07847   -0.10237  1.000 20.36575 ? 75  VAL B CG2 1 
HETATM 1190 N  N   . MSE B 1 76 ? -2.39690  10.43434  3.64895   1.000 21.57401 ? 76  MSE B N   1 
HETATM 1191 C  CA  . MSE B 1 76 ? -1.99663  10.55871  5.04297   1.000 21.77782 ? 76  MSE B CA  1 
HETATM 1192 C  C   . MSE B 1 76 ? -2.83856  11.62196  5.72205   1.000 20.66437 ? 76  MSE B C   1 
HETATM 1193 O  O   . MSE B 1 76 ? -3.17878  12.61623  5.08681   1.000 25.02599 ? 76  MSE B O   1 
HETATM 1194 C  CB  . MSE B 1 76 ? -0.52602  10.96148  5.16793   1.000 21.91799 ? 76  MSE B CB  1 
HETATM 1195 C  CG  . MSE B 1 76 ? 0.42537   10.24516  4.23486   1.000 23.75369 ? 76  MSE B CG  1 
HETATM 1196 SE SE  . MSE B 1 76 ? 0.55284   8.40038   4.75398   0.753 26.26524 ? 76  MSE B SE  1 
HETATM 1197 C  CE  . MSE B 1 76 ? 1.51339   8.66070   6.44482   1.000 24.02597 ? 76  MSE B CE  1 
ATOM   1198 N  N   . ARG B 1 77 ? -3.13525  11.43487  7.00584   1.000 23.01594 ? 77  ARG B N   1 
ATOM   1199 C  CA  . ARG B 1 77 ? -3.86316  12.43319  7.78328   1.000 23.51809 ? 77  ARG B CA  1 
ATOM   1200 C  C   . ARG B 1 77 ? -2.87634  13.28376  8.57387   1.000 21.29990 ? 77  ARG B C   1 
ATOM   1201 O  O   . ARG B 1 77 ? -1.97733  12.74287  9.22575   1.000 26.82223 ? 77  ARG B O   1 
ATOM   1202 C  CB  . ARG B 1 77 ? -4.86035  11.76790  8.73626   1.000 28.28204 ? 77  ARG B CB  1 
ATOM   1203 C  CG  . ARG B 1 77 ? -5.52418  12.73489  9.72468   1.000 32.46816 ? 77  ARG B CG  1 
ATOM   1204 C  CD  . ARG B 1 77 ? -6.36354  11.96611  10.75926  1.000 34.48276 ? 77  ARG B CD  1 
ATOM   1205 N  NE  . ARG B 1 77 ? -7.27869  11.05169  10.09089  1.000 35.77130 ? 77  ARG B NE  1 
ATOM   1206 C  CZ  . ARG B 1 77 ? -7.22962  9.72377   10.18361  1.000 39.19628 ? 77  ARG B CZ  1 
ATOM   1207 N  NH1 . ARG B 1 77 ? -6.30800  9.12815   10.93979  1.000 36.63731 ? 77  ARG B NH1 1 
ATOM   1208 N  NH2 . ARG B 1 77 ? -8.11236  8.99014   9.51055   1.000 39.30093 ? 77  ARG B NH2 1 
ATOM   1209 N  N   . LEU B 1 78 ? -3.05788  14.60603  8.52114   1.000 25.92086 ? 78  LEU B N   1 
ATOM   1210 C  CA  . LEU B 1 78 ? -2.23052  15.52750  9.29491   1.000 31.52079 ? 78  LEU B CA  1 
ATOM   1211 C  C   . LEU B 1 78 ? -2.72082  15.66077  10.73060  1.000 38.47129 ? 78  LEU B C   1 
ATOM   1212 O  O   . LEU B 1 78 ? -3.92030  15.57875  11.01136  1.000 39.49659 ? 78  LEU B O   1 
ATOM   1213 C  CB  . LEU B 1 78 ? -2.23254  16.91883  8.66981   1.000 33.08870 ? 78  LEU B CB  1 
ATOM   1214 C  CG  . LEU B 1 78 ? -1.17798  17.27875  7.63793   1.000 34.02936 ? 78  LEU B CG  1 
ATOM   1215 C  CD1 . LEU B 1 78 ? -1.41127  16.48309  6.36587   1.000 33.41672 ? 78  LEU B CD1 1 
ATOM   1216 C  CD2 . LEU B 1 78 ? -1.25258  18.78745  7.36773   1.000 35.57580 ? 78  LEU B CD2 1 
ATOM   1217 N  N   . ALA B 1 79 ? -1.76594  15.90602  11.62840  1.000 42.23733 ? 79  ALA B N   1 
ATOM   1218 C  CA  . ALA B 1 79 ? -1.98517  16.24935  13.03808  1.000 46.47405 ? 79  ALA B CA  1 
ATOM   1219 C  C   . ALA B 1 79 ? -2.41431  15.02737  13.81833  1.000 45.36365 ? 79  ALA B C   1 
ATOM   1220 O  O   . ALA B 1 79 ? -1.57574  14.37549  14.43531  1.000 51.61732 ? 79  ALA B O   1 
ATOM   1221 C  CB  . ALA B 1 79 ? -3.00922  17.38391  13.19120  1.000 41.61058 ? 79  ALA B CB  1 
HETATM 1222 O  O   . HOH C 2 .  ? 7.80985   -15.32675 -10.05787 1.000 41.81890 ? 101 HOH A O   1 
HETATM 1223 O  O   . HOH C 2 .  ? -13.65289 -13.72723 -5.89941  1.000 37.23158 ? 102 HOH A O   1 
HETATM 1224 O  O   . HOH C 2 .  ? -6.99803  -7.09666  9.26653   1.000 39.61577 ? 103 HOH A O   1 
HETATM 1225 O  O   . HOH C 2 .  ? 8.71774   -22.47150 0.56938   1.000 58.25806 ? 104 HOH A O   1 
HETATM 1226 O  O   . HOH C 2 .  ? 7.99522   -15.83059 0.96718   1.000 37.40849 ? 105 HOH A O   1 
HETATM 1227 O  O   . HOH C 2 .  ? -6.13913  -4.64789  -9.86677  1.000 31.15398 ? 106 HOH A O   1 
HETATM 1228 O  O   . HOH C 2 .  ? -12.13401 -14.47922 1.14736   1.000 39.35095 ? 107 HOH A O   1 
HETATM 1229 O  O   . HOH C 2 .  ? -5.00206  -9.11466  5.86446   1.000 36.66905 ? 108 HOH A O   1 
HETATM 1230 O  O   . HOH C 2 .  ? 12.38267  -3.37512  -4.55140  1.000 37.28976 ? 109 HOH A O   1 
HETATM 1231 O  O   . HOH C 2 .  ? 4.74434   -21.12603 -7.86461  1.000 42.76161 ? 110 HOH A O   1 
HETATM 1232 O  O   . HOH C 2 .  ? -2.55485  -4.38816  13.91694  1.000 40.17151 ? 111 HOH A O   1 
HETATM 1233 O  O   . HOH C 2 .  ? 5.64898   1.73290   -3.66947  1.000 28.62838 ? 112 HOH A O   1 
HETATM 1234 O  O   . HOH C 2 .  ? -14.16140 -12.70986 0.85991   1.000 42.57027 ? 113 HOH A O   1 
HETATM 1235 O  O   . HOH C 2 .  ? 2.15235   -26.03250 -11.49852 1.000 37.09032 ? 114 HOH A O   1 
HETATM 1236 O  O   . HOH C 2 .  ? 5.85946   -14.22634 -12.77988 1.000 33.86869 ? 115 HOH A O   1 
HETATM 1237 O  O   . HOH C 2 .  ? 13.42112  -11.44336 -7.69379  1.000 42.79104 ? 116 HOH A O   1 
HETATM 1238 O  O   . HOH C 2 .  ? -6.10482  1.49432   2.71776   1.000 27.13915 ? 117 HOH A O   1 
HETATM 1239 O  O   . HOH C 2 .  ? 2.82431   -7.72038  6.85619   1.000 24.49142 ? 118 HOH A O   1 
HETATM 1240 O  O   . HOH C 2 .  ? 2.58138   -11.48913 -12.85236 1.000 29.04371 ? 119 HOH A O   1 
HETATM 1241 O  O   . HOH C 2 .  ? 10.14289  -3.87479  -6.26614  1.000 27.07413 ? 120 HOH A O   1 
HETATM 1242 O  O   . HOH C 2 .  ? -10.58094 -10.26972 2.91465   1.000 49.93785 ? 121 HOH A O   1 
HETATM 1243 O  O   . HOH C 2 .  ? 8.11730   -7.48598  -10.56899 1.000 26.69523 ? 122 HOH A O   1 
HETATM 1244 O  O   . HOH C 2 .  ? -0.75429  -16.24800 -14.93710 1.000 42.37704 ? 123 HOH A O   1 
HETATM 1245 O  O   . HOH C 2 .  ? 0.78608   -2.56317  -14.03972 1.000 30.96682 ? 124 HOH A O   1 
HETATM 1246 O  O   . HOH C 2 .  ? 11.16031  -13.64742 -5.10908  1.000 34.32005 ? 125 HOH A O   1 
HETATM 1247 O  O   . HOH C 2 .  ? -8.46683  -16.67600 -11.92272 1.000 41.58216 ? 126 HOH A O   1 
HETATM 1248 O  O   . HOH C 2 .  ? 7.10712   -9.68465  9.01751   1.000 34.97629 ? 127 HOH A O   1 
HETATM 1249 O  O   . HOH C 2 .  ? 2.36839   -20.71388 -7.06542  1.000 29.65236 ? 128 HOH A O   1 
HETATM 1250 O  O   . HOH C 2 .  ? -7.16134  -0.58379  6.35468   1.000 35.39777 ? 129 HOH A O   1 
HETATM 1251 O  O   . HOH C 2 .  ? 3.90790   -7.36200  12.54369  1.000 35.65583 ? 130 HOH A O   1 
HETATM 1252 O  O   . HOH C 2 .  ? 9.24169   -9.04182  -1.45080  1.000 30.60977 ? 131 HOH A O   1 
HETATM 1253 O  O   . HOH C 2 .  ? 7.18378   -18.91721 -16.06046 1.000 44.65026 ? 132 HOH A O   1 
HETATM 1254 O  O   . HOH C 2 .  ? -6.73340  -1.28758  -8.75041  1.000 19.83377 ? 133 HOH A O   1 
HETATM 1255 O  O   . HOH C 2 .  ? -5.60565  -22.94983 -4.42362  1.000 47.91301 ? 134 HOH A O   1 
HETATM 1256 O  O   . HOH C 2 .  ? 14.14095  -4.46938  0.67574   1.000 43.28378 ? 135 HOH A O   1 
HETATM 1257 O  O   . HOH C 2 .  ? 9.79070   -12.33709 6.86016   1.000 39.83764 ? 136 HOH A O   1 
HETATM 1258 O  O   . HOH C 2 .  ? -1.10805  -3.85764  -15.80027 1.000 38.01942 ? 137 HOH A O   1 
HETATM 1259 O  O   . HOH C 2 .  ? -15.13585 -21.00765 3.72702   1.000 49.12971 ? 138 HOH A O   1 
HETATM 1260 O  O   . HOH C 2 .  ? 3.07406   -13.99864 -12.88541 1.000 36.32034 ? 139 HOH A O   1 
HETATM 1261 O  O   . HOH C 2 .  ? -11.40007 2.56301   7.69780   1.000 55.06953 ? 140 HOH A O   1 
HETATM 1262 O  O   . HOH C 2 .  ? 2.98528   -9.46202  8.83666   1.000 39.85453 ? 141 HOH A O   1 
HETATM 1263 O  O   . HOH C 2 .  ? 4.81773   -9.23458  10.81670  1.000 33.95203 ? 142 HOH A O   1 
HETATM 1264 O  O   . HOH D 2 .  ? 10.45449  2.84775   7.70799   1.000 31.06112 ? 101 HOH B O   1 
HETATM 1265 O  O   . HOH D 2 .  ? -5.84580  5.84395   -13.54965 1.000 51.27877 ? 102 HOH B O   1 
HETATM 1266 O  O   . HOH D 2 .  ? -8.50142  6.48716   8.63728   1.000 42.59905 ? 103 HOH B O   1 
HETATM 1267 O  O   . HOH D 2 .  ? 9.22254   22.20915  13.64111  1.000 48.74875 ? 104 HOH B O   1 
HETATM 1268 O  O   . HOH D 2 .  ? -8.06524  17.12999  3.37556   1.000 41.92288 ? 105 HOH B O   1 
HETATM 1269 O  O   . HOH D 2 .  ? 11.00431  12.65308  9.52970   1.000 43.42896 ? 106 HOH B O   1 
HETATM 1270 O  O   . HOH D 2 .  ? 9.87390   20.42976  5.21222   1.000 27.96625 ? 107 HOH B O   1 
HETATM 1271 O  O   . HOH D 2 .  ? -0.13676  5.62236   10.80772  1.000 28.44088 ? 108 HOH B O   1 
HETATM 1272 O  O   . HOH D 2 .  ? -4.94609  10.58091  -3.60234  1.000 41.79023 ? 109 HOH B O   1 
HETATM 1273 O  O   . HOH D 2 .  ? 9.51857   13.49447  -4.91601  1.000 43.63854 ? 110 HOH B O   1 
HETATM 1274 O  O   . HOH D 2 .  ? 8.80417   0.59522   7.16131   1.000 25.00185 ? 111 HOH B O   1 
HETATM 1275 O  O   . HOH D 2 .  ? 8.11494   -2.35609  10.18339  1.000 25.98572 ? 112 HOH B O   1 
HETATM 1276 O  O   . HOH D 2 .  ? -6.84197  0.46832   -0.34965  1.000 26.27572 ? 113 HOH B O   1 
HETATM 1277 O  O   . HOH D 2 .  ? 0.49966   20.72652  -2.35078  1.000 44.61501 ? 114 HOH B O   1 
HETATM 1278 O  O   . HOH D 2 .  ? 12.52062  6.36114   6.78505   1.000 42.45030 ? 115 HOH B O   1 
HETATM 1279 O  O   . HOH D 2 .  ? -9.83616  15.19716  12.53281  1.000 41.49719 ? 116 HOH B O   1 
HETATM 1280 O  O   . HOH D 2 .  ? -8.72263  3.11661   -3.11451  1.000 32.99628 ? 117 HOH B O   1 
HETATM 1281 O  O   . HOH D 2 .  ? 1.46579   7.69954   -8.07678  1.000 23.51760 ? 118 HOH B O   1 
HETATM 1282 O  O   . HOH D 2 .  ? 2.32253   -3.64542  12.40130  1.000 32.06312 ? 119 HOH B O   1 
HETATM 1283 O  O   . HOH D 2 .  ? -1.98719  2.36720   10.72256  1.000 24.31641 ? 120 HOH B O   1 
HETATM 1284 O  O   . HOH D 2 .  ? -0.87403  10.40259  -7.31906  1.000 34.94673 ? 121 HOH B O   1 
HETATM 1285 O  O   . HOH D 2 .  ? 18.88774  17.37166  10.07224  1.000 52.32823 ? 122 HOH B O   1 
HETATM 1286 O  O   . HOH D 2 .  ? 13.85571  21.22444  8.45216   1.000 44.13298 ? 123 HOH B O   1 
# 
